data_1TFW
#
_entry.id   1TFW
#
_cell.length_a   116.641
_cell.length_b   84.770
_cell.length_c   135.813
_cell.angle_alpha   90.00
_cell.angle_beta   104.66
_cell.angle_gamma   90.00
#
_symmetry.space_group_name_H-M   'P 1 21 1'
#
loop_
_entity.id
_entity.type
_entity.pdbx_description
1 polymer "5'-R(*GP*CP*GP*GP*AP*UP*CP*CP*GP*CP*AP*C)-3'"
2 polymer "5'-R(*GP*CP*GP*GP*AP*UP*CP*CP*GP*CP*AP*CP*C)-3'"
3 polymer "5'-R(*GP*CP*GP*GP*AP*CP*CP*CP*GP*CP*AP*C)-3'"
4 polymer "5'-R(*CP*GP*CP*GP*GP*AP*UP*CP*CP*GP*CP*AP*C)-3'"
5 polymer 'tRNA nucleotidyltransferase'
6 non-polymer 'MAGNESIUM ION'
7 non-polymer "ADENOSINE-5'-TRIPHOSPHATE"
8 water water
#
loop_
_entity_poly.entity_id
_entity_poly.type
_entity_poly.pdbx_seq_one_letter_code
_entity_poly.pdbx_strand_id
1 'polyribonucleotide' GCGGAUCCGCAC E
2 'polyribonucleotide' GCGGAUCCGCACC H,I,G
3 'polyribonucleotide' GCGGACCCGCAC F
4 'polyribonucleotide' CGCGGAUCCGCAC J
5 'polypeptide(L)'
;MKVEEILEKALELVIPDEEEVRKGREAEEELRRRLDELGVEYVFVGSYARNTWLKGSLEIDVFLLFPEEFSKEELRERGL
EIGKAVLDSYEIRYAEHPYVHGVVKGVEVDVVPCYKLKEPKNIKSAVDRTPFHHKWLEGRIKGKENEVRLLKGFLKANGI
YGAEYKVRGFSGYLCELLIVFYGSFLETVKNARRWTRRTVIDVAKGEVRKGEEFFVVDPVDEKRNVAANLSLDNLARFVH
LCREFMEAPSLGFFKPKHPLEIEPERLRKIVEERGTAVFAVKFRKPDIVDDNLYPQLERASRKIFEFLERENFMPLRSAF
KASEEFCYLLFECQIKEISRVFRRMGPQFEDERNVKKFLSRNRAFRPFIENGRWWAFEMRKFTTPEEGVRSYASTHWHTL
GKNVGESIREYFEIISGEKLFKEPVTAELCEMMGVKD
;
A,B,C,D
#
# COMPACT_ATOMS: atom_id res chain seq x y z
N MET G 1 -47.74 8.37 5.51
CA MET G 1 -48.18 7.29 6.45
C MET G 1 -47.83 5.89 5.88
N LYS G 2 -48.06 4.87 6.71
CA LYS G 2 -48.04 3.47 6.31
C LYS G 2 -46.76 3.08 5.56
N VAL G 3 -45.63 3.12 6.28
CA VAL G 3 -44.36 2.65 5.76
C VAL G 3 -44.49 1.22 5.22
N GLU G 4 -45.33 0.43 5.88
CA GLU G 4 -45.61 -0.95 5.45
C GLU G 4 -46.24 -1.08 4.06
N GLU G 5 -47.13 -0.16 3.73
CA GLU G 5 -47.75 -0.12 2.40
C GLU G 5 -46.68 0.24 1.37
N ILE G 6 -45.81 1.19 1.73
CA ILE G 6 -44.73 1.63 0.84
C ILE G 6 -43.79 0.47 0.52
N LEU G 7 -43.45 -0.30 1.55
CA LEU G 7 -42.51 -1.40 1.39
C LEU G 7 -43.14 -2.54 0.60
N GLU G 8 -44.44 -2.71 0.76
CA GLU G 8 -45.21 -3.67 -0.04
C GLU G 8 -45.11 -3.33 -1.53
N LYS G 9 -45.36 -2.06 -1.87
CA LYS G 9 -45.25 -1.59 -3.25
C LYS G 9 -43.79 -1.61 -3.75
N ALA G 10 -42.85 -1.31 -2.85
CA ALA G 10 -41.44 -1.35 -3.19
C ALA G 10 -40.95 -2.76 -3.61
N LEU G 11 -41.53 -3.78 -3.02
CA LEU G 11 -41.22 -5.17 -3.36
C LEU G 11 -41.58 -5.51 -4.81
N GLU G 12 -42.67 -4.95 -5.31
CA GLU G 12 -43.09 -5.13 -6.71
C GLU G 12 -42.02 -4.67 -7.70
N LEU G 13 -41.29 -3.63 -7.31
CA LEU G 13 -40.22 -3.07 -8.13
C LEU G 13 -38.94 -3.90 -8.11
N VAL G 14 -38.87 -4.83 -7.18
CA VAL G 14 -37.59 -5.38 -6.76
C VAL G 14 -37.55 -6.93 -6.81
N ILE G 15 -38.69 -7.60 -6.61
CA ILE G 15 -38.76 -9.06 -6.67
C ILE G 15 -38.90 -9.50 -8.11
N PRO G 16 -38.08 -10.48 -8.55
CA PRO G 16 -38.24 -11.06 -9.87
C PRO G 16 -39.61 -11.68 -10.08
N ASP G 17 -40.16 -11.48 -11.27
CA ASP G 17 -41.48 -12.00 -11.59
C ASP G 17 -41.39 -13.51 -11.86
N GLU G 18 -42.52 -14.20 -11.82
CA GLU G 18 -42.62 -15.65 -12.03
C GLU G 18 -41.88 -16.15 -13.29
N GLU G 19 -41.89 -15.37 -14.35
CA GLU G 19 -41.24 -15.73 -15.61
C GLU G 19 -39.73 -15.72 -15.52
N GLU G 20 -39.19 -14.69 -14.86
CA GLU G 20 -37.74 -14.58 -14.66
C GLU G 20 -37.25 -15.70 -13.74
N VAL G 21 -38.04 -15.99 -12.72
CA VAL G 21 -37.81 -17.10 -11.82
C VAL G 21 -37.81 -18.45 -12.56
N ARG G 22 -38.85 -18.71 -13.36
CA ARG G 22 -38.93 -19.94 -14.13
C ARG G 22 -37.71 -20.11 -15.04
N LYS G 23 -37.34 -19.04 -15.72
CA LYS G 23 -36.18 -19.04 -16.62
C LYS G 23 -34.87 -19.40 -15.90
N GLY G 24 -34.73 -18.94 -14.66
CA GLY G 24 -33.59 -19.27 -13.83
C GLY G 24 -33.57 -20.72 -13.37
N ARG G 25 -34.73 -21.25 -13.00
CA ARG G 25 -34.84 -22.64 -12.53
C ARG G 25 -34.54 -23.62 -13.66
N GLU G 26 -35.04 -23.29 -14.84
CA GLU G 26 -34.83 -24.13 -16.03
C GLU G 26 -33.35 -24.15 -16.48
N ALA G 27 -32.68 -23.01 -16.40
CA ALA G 27 -31.23 -22.93 -16.66
C ALA G 27 -30.47 -23.74 -15.62
N GLU G 28 -30.81 -23.54 -14.36
CA GLU G 28 -30.22 -24.25 -13.24
C GLU G 28 -30.34 -25.77 -13.37
N GLU G 29 -31.54 -26.26 -13.67
CA GLU G 29 -31.78 -27.71 -13.80
C GLU G 29 -30.95 -28.29 -14.94
N GLU G 30 -30.88 -27.56 -16.05
CA GLU G 30 -30.11 -27.96 -17.21
C GLU G 30 -28.63 -28.00 -16.87
N LEU G 31 -28.17 -26.94 -16.22
CA LEU G 31 -26.78 -26.81 -15.81
C LEU G 31 -26.36 -27.93 -14.86
N ARG G 32 -27.21 -28.24 -13.88
CA ARG G 32 -26.96 -29.37 -12.99
C ARG G 32 -26.83 -30.67 -13.77
N ARG G 33 -27.74 -30.86 -14.72
CA ARG G 33 -27.75 -32.07 -15.54
C ARG G 33 -26.44 -32.24 -16.30
N ARG G 34 -25.94 -31.14 -16.86
CA ARG G 34 -24.72 -31.16 -17.66
C ARG G 34 -23.49 -31.39 -16.79
N LEU G 35 -23.48 -30.76 -15.61
CA LEU G 35 -22.42 -30.92 -14.66
C LEU G 35 -22.36 -32.35 -14.11
N ASP G 36 -23.52 -32.91 -13.80
CA ASP G 36 -23.62 -34.26 -13.26
C ASP G 36 -23.20 -35.34 -14.28
N GLU G 37 -23.38 -35.05 -15.57
CA GLU G 37 -22.86 -35.91 -16.65
C GLU G 37 -21.32 -35.98 -16.65
N LEU G 38 -20.67 -34.91 -16.22
CA LEU G 38 -19.21 -34.85 -16.18
C LEU G 38 -18.61 -35.37 -14.86
N GLY G 39 -19.46 -35.76 -13.93
CA GLY G 39 -19.02 -36.34 -12.64
C GLY G 39 -18.26 -35.35 -11.75
N VAL G 40 -18.54 -34.07 -11.92
CA VAL G 40 -17.75 -33.02 -11.29
C VAL G 40 -18.35 -32.56 -9.95
N GLU G 41 -17.49 -32.10 -9.04
CA GLU G 41 -17.94 -31.50 -7.78
C GLU G 41 -18.15 -30.00 -7.94
N TYR G 42 -19.26 -29.48 -7.41
CA TYR G 42 -19.60 -28.07 -7.60
C TYR G 42 -20.58 -27.53 -6.58
N VAL G 43 -20.63 -26.22 -6.45
CA VAL G 43 -21.61 -25.54 -5.59
C VAL G 43 -22.21 -24.34 -6.32
N PHE G 44 -23.53 -24.21 -6.23
CA PHE G 44 -24.19 -22.98 -6.66
C PHE G 44 -24.10 -21.97 -5.51
N VAL G 45 -23.59 -20.79 -5.81
CA VAL G 45 -23.37 -19.77 -4.81
C VAL G 45 -24.00 -18.45 -5.26
N GLY G 46 -23.88 -17.44 -4.44
CA GLY G 46 -24.29 -16.12 -4.81
C GLY G 46 -25.78 -15.88 -4.68
N SER G 47 -26.18 -14.72 -5.19
CA SER G 47 -27.53 -14.22 -5.06
C SER G 47 -28.60 -15.14 -5.63
N TYR G 48 -28.33 -15.78 -6.76
CA TYR G 48 -29.31 -16.71 -7.33
C TYR G 48 -29.59 -17.87 -6.36
N ALA G 49 -28.49 -18.47 -5.87
CA ALA G 49 -28.58 -19.64 -5.02
C ALA G 49 -29.32 -19.33 -3.73
N ARG G 50 -29.22 -18.10 -3.24
CA ARG G 50 -29.89 -17.69 -2.00
C ARG G 50 -31.24 -17.02 -2.19
N ASN G 51 -31.65 -16.84 -3.45
CA ASN G 51 -32.91 -16.18 -3.81
C ASN G 51 -32.96 -14.72 -3.31
N THR G 52 -31.84 -14.01 -3.44
CA THR G 52 -31.76 -12.61 -3.00
C THR G 52 -31.45 -11.65 -4.16
N TRP G 53 -31.50 -12.16 -5.39
CA TRP G 53 -31.13 -11.37 -6.56
C TRP G 53 -32.26 -10.42 -6.97
N LEU G 54 -31.86 -9.29 -7.50
CA LEU G 54 -32.77 -8.20 -7.79
C LEU G 54 -33.47 -8.46 -9.13
N LYS G 55 -34.70 -7.97 -9.25
CA LYS G 55 -35.43 -8.00 -10.52
C LYS G 55 -34.55 -7.41 -11.65
N GLY G 56 -34.37 -8.19 -12.72
CA GLY G 56 -33.56 -7.76 -13.86
C GLY G 56 -32.08 -8.17 -13.79
N SER G 57 -31.64 -8.73 -12.67
CA SER G 57 -30.22 -9.10 -12.50
C SER G 57 -30.02 -10.59 -12.29
N LEU G 58 -30.67 -11.39 -13.12
CA LEU G 58 -30.52 -12.84 -13.04
C LEU G 58 -29.15 -13.29 -13.56
N GLU G 59 -28.41 -13.99 -12.72
CA GLU G 59 -27.15 -14.60 -13.11
C GLU G 59 -26.79 -15.75 -12.16
N ILE G 60 -26.41 -16.89 -12.73
CA ILE G 60 -26.09 -18.09 -11.96
C ILE G 60 -24.58 -18.22 -11.76
N ASP G 61 -24.18 -18.52 -10.52
CA ASP G 61 -22.77 -18.71 -10.21
C ASP G 61 -22.51 -20.15 -9.72
N VAL G 62 -21.64 -20.87 -10.45
CA VAL G 62 -21.24 -22.23 -10.10
C VAL G 62 -19.76 -22.25 -9.78
N PHE G 63 -19.43 -22.68 -8.56
CA PHE G 63 -18.02 -22.85 -8.18
C PHE G 63 -17.64 -24.33 -8.28
N LEU G 64 -16.60 -24.63 -9.06
CA LEU G 64 -16.09 -25.99 -9.20
C LEU G 64 -15.06 -26.27 -8.11
N LEU G 65 -15.30 -27.33 -7.33
CA LEU G 65 -14.50 -27.60 -6.13
C LEU G 65 -13.41 -28.64 -6.45
N PHE G 66 -12.17 -28.19 -6.50
CA PHE G 66 -11.04 -29.06 -6.83
C PHE G 66 -10.24 -29.43 -5.58
N PRO G 67 -9.59 -30.61 -5.61
CA PRO G 67 -8.70 -31.00 -4.52
C PRO G 67 -7.59 -29.98 -4.29
N GLU G 68 -7.24 -29.78 -3.02
CA GLU G 68 -6.25 -28.79 -2.61
C GLU G 68 -4.87 -29.12 -3.14
N GLU G 69 -4.64 -30.41 -3.41
CA GLU G 69 -3.38 -30.91 -3.95
C GLU G 69 -3.17 -30.50 -5.42
N PHE G 70 -4.22 -30.15 -6.13
CA PHE G 70 -4.08 -29.68 -7.50
C PHE G 70 -3.25 -28.39 -7.58
N SER G 71 -2.48 -28.23 -8.65
CA SER G 71 -1.76 -26.99 -8.90
C SER G 71 -2.73 -25.96 -9.44
N LYS G 72 -2.36 -24.69 -9.37
CA LYS G 72 -3.16 -23.60 -9.95
C LYS G 72 -3.37 -23.81 -11.45
N GLU G 73 -2.31 -24.28 -12.11
CA GLU G 73 -2.34 -24.51 -13.54
C GLU G 73 -3.36 -25.62 -13.87
N GLU G 74 -3.35 -26.68 -13.06
CA GLU G 74 -4.35 -27.75 -13.19
C GLU G 74 -5.77 -27.23 -12.96
N LEU G 75 -5.96 -26.40 -11.93
CA LEU G 75 -7.27 -25.79 -11.66
C LEU G 75 -7.81 -25.04 -12.87
N ARG G 76 -6.97 -24.20 -13.47
CA ARG G 76 -7.40 -23.39 -14.60
C ARG G 76 -7.81 -24.29 -15.75
N GLU G 77 -6.94 -25.23 -16.09
CA GLU G 77 -7.13 -26.05 -17.28
C GLU G 77 -8.35 -26.99 -17.16
N ARG G 78 -8.50 -27.61 -16.01
CA ARG G 78 -9.65 -28.46 -15.73
C ARG G 78 -10.94 -27.66 -15.71
N GLY G 79 -10.89 -26.51 -15.04
CA GLY G 79 -12.06 -25.67 -14.87
C GLY G 79 -12.57 -25.09 -16.17
N LEU G 80 -11.66 -24.53 -16.95
CA LEU G 80 -11.97 -23.98 -18.28
C LEU G 80 -12.59 -25.02 -19.21
N GLU G 81 -12.05 -26.24 -19.20
CA GLU G 81 -12.65 -27.35 -19.94
C GLU G 81 -14.10 -27.63 -19.56
N ILE G 82 -14.34 -27.73 -18.25
CA ILE G 82 -15.67 -28.05 -17.74
C ILE G 82 -16.65 -26.92 -18.07
N GLY G 83 -16.23 -25.68 -17.82
CA GLY G 83 -17.04 -24.51 -18.15
C GLY G 83 -17.42 -24.47 -19.62
N LYS G 84 -16.42 -24.60 -20.49
CA LYS G 84 -16.64 -24.59 -21.94
C LYS G 84 -17.55 -25.75 -22.40
N ALA G 85 -17.52 -26.84 -21.65
CA ALA G 85 -18.30 -28.04 -21.98
C ALA G 85 -19.75 -27.96 -21.53
N VAL G 86 -20.02 -27.05 -20.61
CA VAL G 86 -21.29 -27.03 -19.89
C VAL G 86 -22.22 -25.85 -20.29
N LEU G 87 -21.67 -24.90 -21.05
CA LEU G 87 -22.38 -23.68 -21.43
C LEU G 87 -22.73 -23.68 -22.92
N ASP G 88 -23.85 -23.05 -23.26
CA ASP G 88 -24.32 -22.92 -24.66
C ASP G 88 -23.36 -22.07 -25.49
N SER G 89 -23.08 -20.87 -25.00
CA SER G 89 -22.04 -19.98 -25.55
C SER G 89 -21.18 -19.58 -24.37
N TYR G 90 -19.92 -19.21 -24.62
CA TYR G 90 -18.98 -18.91 -23.52
C TYR G 90 -17.92 -17.86 -23.87
N GLU G 91 -17.20 -17.42 -22.84
CA GLU G 91 -16.09 -16.48 -22.98
C GLU G 91 -15.24 -16.51 -21.71
N ILE G 92 -13.92 -16.38 -21.86
CA ILE G 92 -12.97 -16.58 -20.76
C ILE G 92 -12.46 -15.25 -20.16
N ARG G 93 -12.50 -15.15 -18.83
CA ARG G 93 -12.10 -13.94 -18.11
C ARG G 93 -11.13 -14.23 -16.95
N TYR G 94 -10.61 -13.18 -16.32
CA TYR G 94 -9.64 -13.26 -15.18
C TYR G 94 -8.29 -13.93 -15.50
N ALA G 95 -7.28 -13.62 -14.69
CA ALA G 95 -6.02 -14.39 -14.67
C ALA G 95 -5.58 -14.63 -13.23
N GLU G 96 -5.11 -15.85 -12.97
CA GLU G 96 -4.93 -16.47 -11.63
C GLU G 96 -5.72 -17.80 -11.65
N HIS G 97 -6.99 -17.76 -11.22
CA HIS G 97 -8.01 -18.66 -11.73
C HIS G 97 -8.81 -17.84 -12.75
N PRO G 98 -8.45 -17.94 -14.04
CA PRO G 98 -9.40 -17.52 -15.08
C PRO G 98 -10.69 -18.33 -15.00
N TYR G 99 -11.83 -17.66 -15.13
CA TYR G 99 -13.12 -18.32 -15.10
C TYR G 99 -13.84 -18.19 -16.44
N VAL G 100 -14.88 -18.99 -16.63
CA VAL G 100 -15.67 -19.00 -17.85
C VAL G 100 -17.00 -18.33 -17.61
N HIS G 101 -17.32 -17.33 -18.42
CA HIS G 101 -18.62 -16.69 -18.40
C HIS G 101 -19.37 -17.08 -19.65
N GLY G 102 -20.65 -17.41 -19.52
CA GLY G 102 -21.46 -17.79 -20.66
C GLY G 102 -22.95 -17.84 -20.41
N VAL G 103 -23.65 -18.54 -21.31
CA VAL G 103 -25.11 -18.66 -21.25
C VAL G 103 -25.56 -20.12 -21.20
N VAL G 104 -26.65 -20.36 -20.45
CA VAL G 104 -27.40 -21.60 -20.52
C VAL G 104 -28.88 -21.24 -20.57
N LYS G 105 -29.51 -21.55 -21.71
CA LYS G 105 -30.93 -21.32 -21.93
C LYS G 105 -31.32 -19.87 -21.67
N GLY G 106 -30.59 -18.95 -22.31
CA GLY G 106 -30.83 -17.52 -22.17
C GLY G 106 -30.32 -16.87 -20.88
N VAL G 107 -29.82 -17.65 -19.94
CA VAL G 107 -29.41 -17.13 -18.61
C VAL G 107 -27.89 -17.02 -18.49
N GLU G 108 -27.41 -15.89 -17.96
CA GLU G 108 -25.97 -15.65 -17.80
C GLU G 108 -25.43 -16.53 -16.67
N VAL G 109 -24.26 -17.13 -16.93
CA VAL G 109 -23.64 -18.08 -16.02
C VAL G 109 -22.15 -17.81 -15.85
N ASP G 110 -21.67 -17.94 -14.61
CA ASP G 110 -20.24 -17.93 -14.32
C ASP G 110 -19.83 -19.28 -13.74
N VAL G 111 -18.86 -19.93 -14.38
CA VAL G 111 -18.32 -21.19 -13.88
C VAL G 111 -16.90 -20.93 -13.42
N VAL G 112 -16.67 -21.04 -12.11
CA VAL G 112 -15.42 -20.61 -11.49
C VAL G 112 -14.71 -21.78 -10.78
N PRO G 113 -13.45 -22.04 -11.12
CA PRO G 113 -12.73 -23.05 -10.35
C PRO G 113 -12.16 -22.46 -9.05
N CYS G 114 -12.18 -23.26 -8.00
CA CYS G 114 -11.53 -22.90 -6.74
C CYS G 114 -11.19 -24.18 -6.00
N TYR G 115 -10.37 -24.05 -4.98
CA TYR G 115 -10.03 -25.17 -4.14
C TYR G 115 -11.16 -25.40 -3.15
N LYS G 116 -11.37 -26.66 -2.80
CA LYS G 116 -12.49 -27.04 -1.96
C LYS G 116 -12.37 -26.42 -0.55
N LEU G 117 -11.34 -26.84 0.18
CA LEU G 117 -10.97 -26.30 1.53
C LEU G 117 -11.93 -26.66 2.66
N LYS G 118 -11.36 -27.14 3.76
CA LYS G 118 -12.11 -27.44 4.97
C LYS G 118 -12.34 -26.16 5.78
N GLU G 119 -11.29 -25.35 5.91
CA GLU G 119 -11.34 -24.16 6.76
C GLU G 119 -11.14 -22.86 5.99
N PRO G 120 -11.86 -21.80 6.39
CA PRO G 120 -11.65 -20.42 5.92
C PRO G 120 -10.23 -19.87 6.05
N LYS G 121 -9.43 -20.41 6.98
CA LYS G 121 -8.06 -19.90 7.20
C LYS G 121 -7.04 -20.30 6.12
N ASN G 122 -7.45 -21.14 5.16
CA ASN G 122 -6.58 -21.56 4.05
C ASN G 122 -6.85 -20.80 2.75
N ILE G 123 -7.18 -19.51 2.85
CA ILE G 123 -7.57 -18.71 1.68
C ILE G 123 -6.35 -18.07 0.96
N LYS G 124 -6.13 -18.49 -0.28
CA LYS G 124 -5.12 -17.89 -1.17
C LYS G 124 -5.81 -17.22 -2.38
N SER G 125 -7.08 -16.84 -2.20
CA SER G 125 -7.84 -16.09 -3.21
C SER G 125 -9.10 -15.50 -2.60
N ALA G 126 -9.63 -14.48 -3.26
CA ALA G 126 -10.95 -13.94 -2.95
C ALA G 126 -12.04 -14.94 -3.32
N VAL G 127 -11.84 -15.65 -4.42
CA VAL G 127 -12.83 -16.60 -4.93
C VAL G 127 -12.81 -17.87 -4.07
N ASP G 128 -11.70 -18.12 -3.39
CA ASP G 128 -11.66 -19.17 -2.38
C ASP G 128 -12.60 -18.83 -1.22
N ARG G 129 -12.85 -17.55 -1.03
CA ARG G 129 -13.70 -17.04 0.07
C ARG G 129 -15.22 -17.06 -0.22
N THR G 130 -15.58 -16.92 -1.49
CA THR G 130 -16.98 -16.86 -1.93
C THR G 130 -17.86 -18.02 -1.48
N PRO G 131 -17.37 -19.27 -1.60
CA PRO G 131 -18.13 -20.41 -1.07
C PRO G 131 -18.35 -20.38 0.42
N PHE G 132 -17.39 -19.81 1.16
CA PHE G 132 -17.53 -19.65 2.60
C PHE G 132 -18.54 -18.57 2.93
N HIS G 133 -18.56 -17.51 2.16
CA HIS G 133 -19.60 -16.48 2.28
C HIS G 133 -20.98 -17.08 2.10
N HIS G 134 -21.14 -17.86 1.05
CA HIS G 134 -22.41 -18.50 0.77
C HIS G 134 -22.81 -19.45 1.86
N LYS G 135 -21.88 -20.33 2.26
CA LYS G 135 -22.10 -21.28 3.32
C LYS G 135 -22.48 -20.58 4.63
N TRP G 136 -21.88 -19.44 4.92
CA TRP G 136 -22.25 -18.67 6.11
C TRP G 136 -23.66 -18.09 5.96
N LEU G 137 -24.00 -17.55 4.79
CA LEU G 137 -25.29 -16.86 4.59
C LEU G 137 -26.51 -17.76 4.41
N GLU G 138 -26.35 -18.87 3.70
CA GLU G 138 -27.46 -19.77 3.46
C GLU G 138 -27.93 -20.30 4.82
N GLY G 139 -29.20 -20.21 5.12
CA GLY G 139 -29.62 -20.64 6.46
C GLY G 139 -29.67 -19.52 7.50
N ARG G 140 -28.84 -18.51 7.35
CA ARG G 140 -28.98 -17.32 8.17
C ARG G 140 -29.89 -16.31 7.47
N ILE G 141 -29.94 -16.37 6.16
CA ILE G 141 -30.71 -15.42 5.35
C ILE G 141 -32.09 -15.94 4.98
N LYS G 142 -32.35 -17.24 5.15
CA LYS G 142 -33.66 -17.81 4.83
C LYS G 142 -34.78 -17.09 5.56
N GLY G 143 -35.82 -16.74 4.83
CA GLY G 143 -36.93 -15.96 5.36
C GLY G 143 -36.72 -14.45 5.25
N LYS G 144 -35.51 -14.00 4.93
CA LYS G 144 -35.20 -12.58 4.87
C LYS G 144 -34.81 -12.09 3.48
N GLU G 145 -34.98 -12.93 2.47
CA GLU G 145 -34.44 -12.61 1.15
C GLU G 145 -35.10 -11.37 0.54
N ASN G 146 -36.37 -11.15 0.84
CA ASN G 146 -37.06 -9.95 0.40
C ASN G 146 -36.66 -8.68 1.15
N GLU G 147 -36.21 -8.83 2.40
CA GLU G 147 -35.62 -7.73 3.14
C GLU G 147 -34.34 -7.29 2.46
N VAL G 148 -33.54 -8.25 1.99
CA VAL G 148 -32.30 -7.97 1.27
C VAL G 148 -32.61 -7.18 0.00
N ARG G 149 -33.62 -7.63 -0.76
CA ARG G 149 -34.06 -6.97 -1.99
C ARG G 149 -34.51 -5.53 -1.79
N LEU G 150 -35.26 -5.29 -0.73
CA LEU G 150 -35.63 -3.92 -0.36
C LEU G 150 -34.41 -3.05 -0.15
N LEU G 151 -33.43 -3.58 0.56
CA LEU G 151 -32.20 -2.84 0.84
C LEU G 151 -31.42 -2.56 -0.44
N LYS G 152 -31.23 -3.59 -1.26
CA LYS G 152 -30.55 -3.43 -2.53
C LYS G 152 -31.27 -2.40 -3.40
N GLY G 153 -32.60 -2.46 -3.45
CA GLY G 153 -33.41 -1.53 -4.26
C GLY G 153 -33.28 -0.11 -3.78
N PHE G 154 -33.30 0.07 -2.46
CA PHE G 154 -33.18 1.37 -1.84
C PHE G 154 -31.82 2.00 -2.22
N LEU G 155 -30.77 1.21 -2.14
CA LEU G 155 -29.43 1.64 -2.48
C LEU G 155 -29.25 1.91 -3.98
N LYS G 156 -29.75 1.00 -4.79
CA LYS G 156 -29.62 1.14 -6.23
C LYS G 156 -30.36 2.38 -6.72
N ALA G 157 -31.58 2.60 -6.24
CA ALA G 157 -32.36 3.78 -6.60
C ALA G 157 -31.62 5.08 -6.30
N ASN G 158 -30.81 5.04 -5.25
CA ASN G 158 -30.03 6.19 -4.80
C ASN G 158 -28.55 6.20 -5.23
N GLY G 159 -28.20 5.34 -6.17
CA GLY G 159 -26.88 5.40 -6.81
C GLY G 159 -25.71 4.98 -5.92
N ILE G 160 -25.97 4.16 -4.91
CA ILE G 160 -24.89 3.72 -4.02
C ILE G 160 -24.90 2.21 -3.78
N TYR G 161 -25.38 1.47 -4.76
CA TYR G 161 -25.33 0.02 -4.69
C TYR G 161 -24.18 -0.46 -5.60
N GLY G 162 -23.28 -1.26 -5.04
CA GLY G 162 -22.13 -1.78 -5.75
C GLY G 162 -20.86 -1.25 -5.13
N ALA G 163 -19.88 -2.13 -4.92
CA ALA G 163 -18.59 -1.73 -4.35
C ALA G 163 -17.55 -1.35 -5.39
N GLU G 164 -17.87 -1.52 -6.68
CA GLU G 164 -16.93 -1.22 -7.73
C GLU G 164 -16.58 0.27 -7.74
N TYR G 165 -15.43 0.61 -8.32
CA TYR G 165 -14.90 1.99 -8.21
C TYR G 165 -15.77 3.07 -8.79
N LYS G 166 -16.56 2.75 -9.82
CA LYS G 166 -17.52 3.68 -10.40
C LYS G 166 -18.56 4.18 -9.40
N VAL G 167 -18.92 3.34 -8.44
CA VAL G 167 -19.92 3.66 -7.43
C VAL G 167 -19.30 3.91 -6.03
N ARG G 168 -18.35 3.08 -5.60
CA ARG G 168 -17.83 3.17 -4.21
C ARG G 168 -18.95 3.10 -3.17
N GLY G 169 -19.79 2.10 -3.32
CA GLY G 169 -20.97 1.94 -2.48
C GLY G 169 -21.05 0.60 -1.75
N PHE G 170 -22.29 0.13 -1.57
CA PHE G 170 -22.57 -1.06 -0.77
C PHE G 170 -22.59 -2.29 -1.64
N SER G 171 -21.79 -3.31 -1.35
CA SER G 171 -21.85 -4.60 -2.06
C SER G 171 -23.10 -5.40 -1.69
N GLY G 172 -23.45 -6.34 -2.57
CA GLY G 172 -24.52 -7.26 -2.28
C GLY G 172 -24.25 -8.11 -1.06
N TYR G 173 -23.01 -8.57 -0.90
CA TYR G 173 -22.63 -9.29 0.30
C TYR G 173 -22.84 -8.46 1.55
N LEU G 174 -22.41 -7.21 1.50
CA LEU G 174 -22.63 -6.26 2.59
C LEU G 174 -24.12 -6.16 2.94
N CYS G 175 -24.98 -5.98 1.94
CA CYS G 175 -26.43 -5.88 2.16
C CYS G 175 -26.98 -7.09 2.90
N GLU G 176 -26.50 -8.29 2.52
CA GLU G 176 -26.95 -9.52 3.16
C GLU G 176 -26.47 -9.63 4.60
N LEU G 177 -25.26 -9.22 4.88
CA LEU G 177 -24.75 -9.20 6.26
C LEU G 177 -25.51 -8.24 7.13
N LEU G 178 -25.90 -7.10 6.57
CA LEU G 178 -26.65 -6.10 7.32
C LEU G 178 -28.05 -6.60 7.66
N ILE G 179 -28.70 -7.29 6.72
CA ILE G 179 -29.99 -7.92 6.99
C ILE G 179 -29.86 -9.03 8.04
N VAL G 180 -28.79 -9.82 8.00
CA VAL G 180 -28.60 -10.82 9.04
C VAL G 180 -28.41 -10.14 10.40
N PHE G 181 -27.67 -9.03 10.42
CA PHE G 181 -27.38 -8.38 11.68
C PHE G 181 -28.65 -7.73 12.24
N TYR G 182 -29.31 -6.89 11.46
CA TYR G 182 -30.46 -6.17 11.95
C TYR G 182 -31.78 -6.90 11.81
N GLY G 183 -31.87 -7.86 10.88
CA GLY G 183 -33.02 -8.73 10.81
C GLY G 183 -34.06 -8.26 9.81
N SER G 184 -33.98 -7.01 9.38
CA SER G 184 -34.89 -6.50 8.37
C SER G 184 -34.39 -5.22 7.74
N PHE G 185 -34.99 -4.87 6.61
CA PHE G 185 -34.91 -3.54 6.10
C PHE G 185 -35.77 -2.82 7.11
N LEU G 186 -35.55 -1.55 7.30
CA LEU G 186 -36.35 -0.83 8.31
C LEU G 186 -35.60 -0.86 9.61
N GLU G 187 -35.30 -2.02 10.18
CA GLU G 187 -34.36 -2.03 11.34
C GLU G 187 -32.94 -1.63 10.96
N THR G 188 -32.50 -2.04 9.78
CA THR G 188 -31.22 -1.55 9.23
C THR G 188 -31.26 -0.03 9.10
N VAL G 189 -32.33 0.47 8.50
CA VAL G 189 -32.52 1.89 8.24
C VAL G 189 -32.68 2.70 9.54
N LYS G 190 -33.46 2.18 10.49
CA LYS G 190 -33.56 2.81 11.79
C LYS G 190 -32.21 2.94 12.46
N ASN G 191 -31.45 1.85 12.50
CA ASN G 191 -30.15 1.85 13.17
C ASN G 191 -29.06 2.63 12.46
N ALA G 192 -29.12 2.63 11.12
CA ALA G 192 -28.13 3.32 10.30
C ALA G 192 -28.13 4.83 10.51
N ARG G 193 -29.25 5.37 10.95
CA ARG G 193 -29.37 6.78 11.31
C ARG G 193 -28.37 7.19 12.39
N ARG G 194 -27.84 6.23 13.14
CA ARG G 194 -26.87 6.52 14.20
C ARG G 194 -25.47 5.96 13.88
N TRP G 195 -25.24 5.52 12.65
CA TRP G 195 -23.89 5.15 12.22
C TRP G 195 -23.00 6.37 12.15
N THR G 196 -21.72 6.16 12.47
CA THR G 196 -20.69 7.18 12.33
C THR G 196 -19.56 6.65 11.41
N ARG G 197 -18.63 7.53 11.09
CA ARG G 197 -17.48 7.15 10.30
C ARG G 197 -16.48 6.29 11.07
N ARG G 198 -16.78 5.99 12.34
CA ARG G 198 -15.97 5.09 13.15
C ARG G 198 -16.73 3.83 13.61
N THR G 199 -17.90 3.60 13.05
CA THR G 199 -18.74 2.49 13.45
C THR G 199 -18.17 1.17 12.95
N VAL G 200 -18.10 0.19 13.85
CA VAL G 200 -17.71 -1.18 13.55
C VAL G 200 -18.86 -2.12 13.81
N ILE G 201 -19.27 -2.87 12.79
CA ILE G 201 -20.36 -3.81 12.91
C ILE G 201 -19.77 -5.22 12.79
N ASP G 202 -19.86 -6.02 13.84
CA ASP G 202 -19.19 -7.31 13.91
C ASP G 202 -20.24 -8.42 14.08
N VAL G 203 -20.80 -8.74 12.93
CA VAL G 203 -21.64 -9.89 12.62
C VAL G 203 -21.42 -11.13 13.49
N ALA G 204 -20.22 -11.69 13.43
CA ALA G 204 -19.91 -12.97 14.04
C ALA G 204 -19.82 -12.90 15.56
N LYS G 205 -19.34 -11.78 16.07
CA LYS G 205 -19.23 -11.55 17.50
C LYS G 205 -20.55 -11.01 18.11
N GLY G 206 -21.49 -10.64 17.26
CA GLY G 206 -22.77 -10.14 17.69
C GLY G 206 -22.68 -8.80 18.40
N GLU G 207 -21.91 -7.89 17.82
CA GLU G 207 -21.71 -6.59 18.45
C GLU G 207 -21.42 -5.47 17.49
N VAL G 208 -21.65 -4.25 17.99
CA VAL G 208 -21.20 -3.03 17.35
C VAL G 208 -20.18 -2.38 18.29
N ARG G 209 -19.14 -1.78 17.74
CA ARG G 209 -18.17 -1.02 18.53
C ARG G 209 -17.63 0.15 17.73
N LYS G 210 -16.62 0.81 18.29
CA LYS G 210 -15.96 1.96 17.67
C LYS G 210 -14.60 1.50 17.21
N GLY G 211 -14.19 2.00 16.05
CA GLY G 211 -12.86 1.77 15.51
C GLY G 211 -12.33 3.01 14.81
N GLU G 212 -11.33 2.84 13.95
CA GLU G 212 -10.69 3.94 13.27
C GLU G 212 -11.47 4.36 12.02
N GLU G 213 -12.20 3.40 11.44
CA GLU G 213 -12.94 3.60 10.19
C GLU G 213 -14.25 2.83 10.21
N PHE G 214 -15.13 3.12 9.26
CA PHE G 214 -16.36 2.33 9.13
C PHE G 214 -16.01 0.93 8.62
N PHE G 215 -16.40 -0.09 9.37
CA PHE G 215 -15.81 -1.42 9.24
C PHE G 215 -16.87 -2.46 9.54
N VAL G 216 -17.20 -3.24 8.52
CA VAL G 216 -18.12 -4.36 8.70
C VAL G 216 -17.29 -5.64 8.62
N VAL G 217 -17.16 -6.32 9.76
CA VAL G 217 -16.26 -7.46 9.91
C VAL G 217 -16.84 -8.66 9.14
N ASP G 218 -16.05 -9.22 8.23
CA ASP G 218 -16.46 -10.40 7.47
C ASP G 218 -16.47 -11.56 8.47
N PRO G 219 -17.65 -12.21 8.66
CA PRO G 219 -17.70 -13.31 9.60
C PRO G 219 -16.86 -14.51 9.16
N VAL G 220 -16.44 -14.55 7.92
CA VAL G 220 -15.55 -15.60 7.44
C VAL G 220 -14.06 -15.24 7.60
N ASP G 221 -13.76 -13.97 7.86
CA ASP G 221 -12.37 -13.46 7.96
C ASP G 221 -12.35 -12.12 8.70
N GLU G 222 -12.01 -12.14 9.99
CA GLU G 222 -12.16 -10.98 10.89
C GLU G 222 -11.31 -9.77 10.51
N LYS G 223 -10.23 -9.98 9.76
CA LYS G 223 -9.39 -8.87 9.29
C LYS G 223 -9.91 -8.18 8.03
N ARG G 224 -10.95 -8.72 7.43
CA ARG G 224 -11.48 -8.18 6.18
C ARG G 224 -12.67 -7.25 6.44
N ASN G 225 -12.64 -6.07 5.82
CA ASN G 225 -13.71 -5.10 5.89
C ASN G 225 -14.56 -5.21 4.64
N VAL G 226 -15.78 -5.67 4.84
CA VAL G 226 -16.71 -5.85 3.72
C VAL G 226 -17.09 -4.51 3.10
N ALA G 227 -17.06 -3.45 3.91
CA ALA G 227 -17.36 -2.09 3.45
C ALA G 227 -16.09 -1.29 3.12
N ALA G 228 -15.01 -1.99 2.74
CA ALA G 228 -13.72 -1.35 2.51
C ALA G 228 -13.78 -0.28 1.44
N ASN G 229 -14.54 -0.52 0.37
CA ASN G 229 -14.60 0.46 -0.73
C ASN G 229 -15.85 1.36 -0.66
N LEU G 230 -16.60 1.32 0.43
CA LEU G 230 -17.68 2.30 0.67
C LEU G 230 -17.01 3.62 1.01
N SER G 231 -17.23 4.65 0.21
CA SER G 231 -16.62 5.95 0.46
C SER G 231 -17.28 6.60 1.68
N LEU G 232 -16.55 7.52 2.32
CA LEU G 232 -17.08 8.35 3.38
C LEU G 232 -18.34 9.11 2.95
N ASP G 233 -18.34 9.69 1.75
CA ASP G 233 -19.45 10.51 1.32
C ASP G 233 -20.71 9.69 0.99
N ASN G 234 -20.51 8.45 0.55
CA ASN G 234 -21.61 7.54 0.34
C ASN G 234 -22.17 6.95 1.62
N LEU G 235 -21.30 6.73 2.60
CA LEU G 235 -21.74 6.41 3.95
C LEU G 235 -22.59 7.54 4.49
N ALA G 236 -22.09 8.76 4.37
CA ALA G 236 -22.84 9.95 4.78
C ALA G 236 -24.19 10.06 4.06
N ARG G 237 -24.21 9.81 2.76
CA ARG G 237 -25.43 9.88 1.99
C ARG G 237 -26.48 8.87 2.47
N PHE G 238 -26.02 7.66 2.77
CA PHE G 238 -26.91 6.61 3.21
C PHE G 238 -27.53 6.95 4.57
N VAL G 239 -26.71 7.43 5.49
CA VAL G 239 -27.18 7.79 6.84
C VAL G 239 -28.22 8.93 6.73
N HIS G 240 -27.92 9.96 5.94
CA HIS G 240 -28.83 11.04 5.67
C HIS G 240 -30.16 10.53 5.10
N LEU G 241 -30.08 9.65 4.10
CA LEU G 241 -31.25 9.04 3.46
C LEU G 241 -32.12 8.24 4.44
N CYS G 242 -31.45 7.54 5.35
CA CYS G 242 -32.15 6.76 6.36
C CYS G 242 -32.90 7.67 7.31
N ARG G 243 -32.27 8.77 7.69
CA ARG G 243 -32.95 9.77 8.56
C ARG G 243 -34.15 10.41 7.88
N GLU G 244 -34.01 10.79 6.61
CA GLU G 244 -35.13 11.27 5.81
C GLU G 244 -36.24 10.23 5.68
N PHE G 245 -35.88 8.98 5.40
CA PHE G 245 -36.87 7.95 5.19
C PHE G 245 -37.75 7.76 6.42
N MET G 246 -37.16 7.64 7.59
CA MET G 246 -37.94 7.45 8.83
C MET G 246 -38.76 8.68 9.21
N GLU G 247 -38.30 9.88 8.83
CA GLU G 247 -39.07 11.11 9.07
C GLU G 247 -40.30 11.21 8.19
N ALA G 248 -40.18 10.76 6.95
CA ALA G 248 -41.27 10.88 5.97
C ALA G 248 -41.08 9.83 4.88
N PRO G 249 -41.48 8.58 5.17
CA PRO G 249 -41.28 7.49 4.24
C PRO G 249 -42.10 7.64 2.97
N SER G 250 -41.52 7.22 1.86
CA SER G 250 -42.10 7.41 0.54
C SER G 250 -41.62 6.30 -0.41
N LEU G 251 -42.48 5.91 -1.33
CA LEU G 251 -42.09 5.00 -2.41
C LEU G 251 -40.99 5.59 -3.31
N GLY G 252 -40.92 6.93 -3.36
CA GLY G 252 -39.90 7.65 -4.11
C GLY G 252 -38.44 7.32 -3.79
N PHE G 253 -38.16 6.87 -2.57
CA PHE G 253 -36.82 6.44 -2.19
C PHE G 253 -36.35 5.16 -2.91
N PHE G 254 -37.30 4.39 -3.46
CA PHE G 254 -37.02 3.17 -4.20
C PHE G 254 -37.09 3.33 -5.73
N LYS G 255 -37.45 4.52 -6.21
CA LYS G 255 -37.48 4.78 -7.64
C LYS G 255 -36.23 5.58 -8.05
N PRO G 256 -35.56 5.16 -9.14
CA PRO G 256 -34.40 5.88 -9.62
C PRO G 256 -34.80 7.19 -10.26
N LYS G 257 -34.03 8.23 -9.98
CA LYS G 257 -34.37 9.57 -10.44
C LYS G 257 -33.94 9.69 -11.89
N HIS G 258 -34.57 10.61 -12.61
CA HIS G 258 -34.17 10.90 -13.98
C HIS G 258 -33.85 12.39 -14.09
N PRO G 259 -32.62 12.72 -14.56
CA PRO G 259 -32.03 14.06 -14.56
C PRO G 259 -32.97 15.26 -14.76
N LEU G 260 -32.52 16.42 -14.25
CA LEU G 260 -33.23 17.68 -14.43
C LEU G 260 -33.61 17.87 -15.91
N GLU G 261 -32.57 17.95 -16.76
CA GLU G 261 -32.70 18.26 -18.19
C GLU G 261 -33.35 19.64 -18.39
N ILE G 262 -32.51 20.66 -18.47
CA ILE G 262 -32.99 22.04 -18.60
C ILE G 262 -32.44 22.70 -19.85
N GLU G 263 -33.01 23.83 -20.23
CA GLU G 263 -32.57 24.53 -21.43
C GLU G 263 -31.17 25.10 -21.19
N PRO G 264 -30.28 25.04 -22.19
CA PRO G 264 -28.96 25.69 -22.09
C PRO G 264 -29.02 27.19 -21.78
N GLU G 265 -30.11 27.85 -22.15
CA GLU G 265 -30.32 29.26 -21.86
C GLU G 265 -30.57 29.52 -20.36
N ARG G 266 -31.32 28.62 -19.71
CA ARG G 266 -31.55 28.69 -18.27
C ARG G 266 -30.22 28.43 -17.54
N LEU G 267 -29.47 27.47 -18.05
CA LEU G 267 -28.17 27.13 -17.52
C LEU G 267 -27.16 28.27 -17.70
N ARG G 268 -27.20 28.94 -18.85
CA ARG G 268 -26.41 30.13 -19.08
C ARG G 268 -26.73 31.20 -18.02
N LYS G 269 -28.02 31.45 -17.81
CA LYS G 269 -28.45 32.43 -16.81
C LYS G 269 -28.00 32.07 -15.40
N ILE G 270 -28.08 30.79 -15.06
CA ILE G 270 -27.64 30.34 -13.75
C ILE G 270 -26.17 30.63 -13.54
N VAL G 271 -25.35 30.29 -14.53
CA VAL G 271 -23.90 30.51 -14.44
C VAL G 271 -23.61 32.02 -14.37
N GLU G 272 -24.35 32.79 -15.17
CA GLU G 272 -24.26 34.25 -15.16
C GLU G 272 -24.52 34.77 -13.74
N GLU G 273 -25.61 34.30 -13.13
CA GLU G 273 -26.04 34.76 -11.80
C GLU G 273 -25.07 34.34 -10.69
N ARG G 274 -24.44 33.18 -10.86
CA ARG G 274 -23.43 32.74 -9.93
C ARG G 274 -22.11 33.53 -10.05
N GLY G 275 -21.82 34.04 -11.24
CA GLY G 275 -20.60 34.82 -11.48
C GLY G 275 -19.33 34.03 -11.50
N THR G 276 -19.44 32.72 -11.66
CA THR G 276 -18.29 31.81 -11.62
C THR G 276 -17.71 31.54 -13.00
N ALA G 277 -16.47 31.04 -13.03
CA ALA G 277 -15.89 30.44 -14.23
C ALA G 277 -16.28 28.97 -14.27
N VAL G 278 -16.94 28.55 -15.35
CA VAL G 278 -17.34 27.17 -15.54
C VAL G 278 -16.73 26.63 -16.81
N PHE G 279 -15.99 25.53 -16.69
CA PHE G 279 -15.32 24.98 -17.86
C PHE G 279 -14.98 23.49 -17.71
N ALA G 280 -14.65 22.87 -18.84
CA ALA G 280 -14.41 21.43 -18.92
C ALA G 280 -13.11 21.20 -19.65
N VAL G 281 -12.45 20.11 -19.28
CA VAL G 281 -11.38 19.53 -20.06
C VAL G 281 -12.00 18.34 -20.75
N LYS G 282 -12.04 18.38 -22.07
CA LYS G 282 -12.54 17.29 -22.89
C LYS G 282 -11.37 16.51 -23.49
N PHE G 283 -11.44 15.18 -23.46
CA PHE G 283 -10.43 14.33 -24.06
C PHE G 283 -11.02 12.96 -24.40
N ARG G 284 -10.32 12.20 -25.25
CA ARG G 284 -10.84 10.89 -25.67
C ARG G 284 -10.75 9.88 -24.54
N LYS G 285 -11.81 9.09 -24.37
CA LYS G 285 -11.84 8.07 -23.33
C LYS G 285 -10.80 6.98 -23.59
N PRO G 286 -9.90 6.72 -22.62
CA PRO G 286 -9.00 5.56 -22.77
C PRO G 286 -9.79 4.24 -22.81
N ASP G 287 -9.33 3.32 -23.62
CA ASP G 287 -10.02 2.05 -23.81
C ASP G 287 -9.68 1.12 -22.64
N ILE G 288 -10.27 1.38 -21.48
CA ILE G 288 -9.99 0.61 -20.26
C ILE G 288 -11.27 0.37 -19.48
N VAL G 289 -11.32 -0.68 -18.66
CA VAL G 289 -12.50 -0.90 -17.84
C VAL G 289 -12.74 0.24 -16.83
N ASP G 290 -13.99 0.36 -16.37
CA ASP G 290 -14.43 1.40 -15.43
C ASP G 290 -13.66 1.43 -14.12
N ASP G 291 -13.28 0.26 -13.64
CA ASP G 291 -12.53 0.14 -12.41
C ASP G 291 -11.12 0.77 -12.42
N ASN G 292 -10.58 0.94 -13.63
CA ASN G 292 -9.33 1.69 -13.86
C ASN G 292 -9.58 3.14 -14.21
N LEU G 293 -10.62 3.38 -15.02
CA LEU G 293 -10.91 4.72 -15.54
C LEU G 293 -11.36 5.67 -14.44
N TYR G 294 -12.30 5.23 -13.63
CA TYR G 294 -12.93 6.14 -12.67
C TYR G 294 -11.99 6.64 -11.58
N PRO G 295 -11.19 5.77 -10.96
CA PRO G 295 -10.16 6.30 -10.07
C PRO G 295 -9.17 7.28 -10.74
N GLN G 296 -8.90 7.08 -12.02
CA GLN G 296 -8.02 8.01 -12.75
C GLN G 296 -8.70 9.36 -13.07
N LEU G 297 -9.98 9.32 -13.37
CA LEU G 297 -10.76 10.57 -13.48
C LEU G 297 -10.83 11.29 -12.16
N GLU G 298 -10.94 10.53 -11.06
CA GLU G 298 -10.89 11.12 -9.73
C GLU G 298 -9.51 11.78 -9.50
N ARG G 299 -8.42 11.12 -9.87
CA ARG G 299 -7.07 11.69 -9.69
C ARG G 299 -6.85 12.95 -10.53
N ALA G 300 -7.20 12.88 -11.81
CA ALA G 300 -7.07 14.02 -12.74
C ALA G 300 -7.78 15.25 -12.21
N SER G 301 -9.06 15.08 -11.83
CA SER G 301 -9.88 16.14 -11.25
C SER G 301 -9.20 16.75 -10.03
N ARG G 302 -8.75 15.89 -9.14
CA ARG G 302 -8.10 16.31 -7.89
C ARG G 302 -6.85 17.10 -8.14
N LYS G 303 -6.01 16.62 -9.04
CA LYS G 303 -4.76 17.31 -9.38
C LYS G 303 -5.01 18.70 -10.02
N ILE G 304 -5.98 18.79 -10.89
CA ILE G 304 -6.31 20.06 -11.53
C ILE G 304 -6.98 20.99 -10.52
N PHE G 305 -7.87 20.44 -9.69
CA PHE G 305 -8.48 21.23 -8.60
C PHE G 305 -7.40 21.85 -7.72
N GLU G 306 -6.46 21.02 -7.31
CA GLU G 306 -5.34 21.48 -6.48
C GLU G 306 -4.46 22.51 -7.18
N PHE G 307 -4.26 22.35 -8.49
CA PHE G 307 -3.55 23.36 -9.28
C PHE G 307 -4.30 24.70 -9.25
N LEU G 308 -5.62 24.64 -9.46
CA LEU G 308 -6.48 25.85 -9.41
C LEU G 308 -6.42 26.53 -8.03
N GLU G 309 -6.36 25.71 -6.97
CA GLU G 309 -6.17 26.21 -5.61
C GLU G 309 -4.89 27.02 -5.51
N ARG G 310 -3.77 26.39 -5.88
CA ARG G 310 -2.43 27.00 -5.78
C ARG G 310 -2.30 28.28 -6.60
N GLU G 311 -2.94 28.32 -7.77
CA GLU G 311 -2.85 29.48 -8.63
C GLU G 311 -3.89 30.54 -8.33
N ASN G 312 -4.60 30.37 -7.21
CA ASN G 312 -5.52 31.37 -6.66
C ASN G 312 -6.76 31.63 -7.53
N PHE G 313 -7.26 30.60 -8.20
CA PHE G 313 -8.52 30.70 -8.93
C PHE G 313 -9.72 30.27 -8.11
N MET G 314 -9.45 29.77 -6.90
CA MET G 314 -10.46 29.44 -5.91
C MET G 314 -11.57 28.56 -6.44
N PRO G 315 -11.23 27.30 -6.74
CA PRO G 315 -12.23 26.41 -7.31
C PRO G 315 -13.29 26.10 -6.26
N LEU G 316 -14.52 25.93 -6.69
CA LEU G 316 -15.61 25.56 -5.80
C LEU G 316 -15.75 24.06 -5.67
N ARG G 317 -16.00 23.40 -6.81
CA ARG G 317 -16.14 21.95 -6.90
C ARG G 317 -15.64 21.48 -8.24
N SER G 318 -15.38 20.18 -8.31
CA SER G 318 -15.07 19.51 -9.56
C SER G 318 -16.08 18.39 -9.79
N ALA G 319 -16.15 17.92 -11.02
CA ALA G 319 -16.94 16.75 -11.35
C ALA G 319 -16.40 16.16 -12.64
N PHE G 320 -16.81 14.94 -12.97
CA PHE G 320 -16.41 14.34 -14.22
C PHE G 320 -17.55 13.49 -14.81
N LYS G 321 -17.40 13.19 -16.08
CA LYS G 321 -18.38 12.44 -16.85
C LYS G 321 -17.62 11.68 -17.91
N ALA G 322 -17.89 10.37 -18.01
CA ALA G 322 -17.34 9.56 -19.11
C ALA G 322 -18.47 9.12 -20.04
N SER G 323 -18.37 9.51 -21.30
CA SER G 323 -19.21 8.95 -22.34
C SER G 323 -18.44 7.81 -23.02
N GLU G 324 -19.06 7.19 -24.00
CA GLU G 324 -18.40 6.11 -24.75
C GLU G 324 -17.19 6.60 -25.53
N GLU G 325 -17.24 7.83 -26.04
CA GLU G 325 -16.14 8.37 -26.84
C GLU G 325 -15.20 9.34 -26.08
N PHE G 326 -15.78 10.19 -25.24
CA PHE G 326 -15.02 11.23 -24.55
C PHE G 326 -15.22 11.23 -23.04
N CYS G 327 -14.25 11.80 -22.35
CA CYS G 327 -14.35 12.05 -20.93
C CYS G 327 -14.30 13.54 -20.73
N TYR G 328 -14.99 14.00 -19.68
CA TYR G 328 -15.03 15.41 -19.35
C TYR G 328 -14.70 15.64 -17.89
N LEU G 329 -13.74 16.52 -17.62
CA LEU G 329 -13.45 16.96 -16.26
C LEU G 329 -14.00 18.37 -16.11
N LEU G 330 -14.92 18.56 -15.16
CA LEU G 330 -15.68 19.79 -15.00
C LEU G 330 -15.21 20.57 -13.78
N PHE G 331 -15.07 21.89 -13.92
CA PHE G 331 -14.64 22.75 -12.81
C PHE G 331 -15.47 24.03 -12.74
N GLU G 332 -15.72 24.51 -11.52
CA GLU G 332 -16.30 25.84 -11.32
C GLU G 332 -15.41 26.62 -10.37
N CYS G 333 -15.02 27.84 -10.77
CA CYS G 333 -14.13 28.69 -9.96
C CYS G 333 -14.75 30.04 -9.64
N GLN G 334 -14.38 30.59 -8.48
CA GLN G 334 -14.90 31.88 -8.03
C GLN G 334 -14.22 33.05 -8.75
N ILE G 335 -13.06 32.77 -9.35
CA ILE G 335 -12.29 33.81 -10.05
C ILE G 335 -12.25 33.55 -11.54
N LYS G 336 -12.86 34.46 -12.30
CA LYS G 336 -12.82 34.40 -13.76
C LYS G 336 -11.50 34.90 -14.32
N GLU G 337 -10.94 35.89 -13.62
CA GLU G 337 -9.76 36.59 -14.11
C GLU G 337 -8.96 37.13 -12.92
N ILE G 338 -7.65 36.96 -12.98
CA ILE G 338 -6.73 37.45 -11.97
C ILE G 338 -5.77 38.44 -12.63
N SER G 339 -5.21 39.33 -11.83
CA SER G 339 -4.28 40.34 -12.33
C SER G 339 -3.07 39.72 -13.01
N ARG G 340 -2.56 40.42 -14.03
CA ARG G 340 -1.31 40.05 -14.67
C ARG G 340 -0.17 40.08 -13.66
N VAL G 341 -0.06 41.19 -12.95
CA VAL G 341 0.98 41.34 -11.93
C VAL G 341 0.73 40.41 -10.72
N PHE G 342 1.83 39.88 -10.21
CA PHE G 342 1.85 39.15 -8.97
C PHE G 342 3.16 39.45 -8.26
N ARG G 343 3.30 38.96 -7.04
CA ARG G 343 4.53 39.17 -6.28
C ARG G 343 5.33 37.89 -6.15
N ARG G 344 6.61 38.06 -6.39
CA ARG G 344 7.57 37.00 -6.44
C ARG G 344 8.52 37.25 -5.27
N MET G 345 8.67 36.26 -4.41
CA MET G 345 9.50 36.39 -3.22
C MET G 345 10.96 36.34 -3.59
N GLY G 346 11.75 37.17 -2.91
CA GLY G 346 13.19 37.18 -3.03
C GLY G 346 13.83 36.91 -1.70
N PRO G 347 15.15 37.10 -1.61
CA PRO G 347 15.88 36.81 -0.38
C PRO G 347 15.75 37.87 0.69
N GLN G 348 16.19 37.52 1.89
CA GLN G 348 16.29 38.45 3.01
C GLN G 348 17.33 39.52 2.68
N PHE G 349 17.17 40.70 3.29
CA PHE G 349 18.03 41.83 2.93
C PHE G 349 19.50 41.54 3.15
N GLU G 350 19.82 40.67 4.10
CA GLU G 350 21.21 40.47 4.45
C GLU G 350 21.98 39.49 3.53
N ASP G 351 21.27 38.75 2.66
CA ASP G 351 21.94 37.88 1.68
C ASP G 351 22.46 38.66 0.45
N GLU G 352 23.61 39.29 0.58
CA GLU G 352 24.14 40.16 -0.49
C GLU G 352 24.26 39.48 -1.87
N ARG G 353 24.91 38.33 -1.93
CA ARG G 353 25.08 37.60 -3.19
C ARG G 353 23.76 37.45 -3.93
N ASN G 354 22.80 36.83 -3.28
CA ASN G 354 21.51 36.51 -3.91
C ASN G 354 20.57 37.68 -4.06
N VAL G 355 20.73 38.71 -3.24
CA VAL G 355 20.01 39.94 -3.43
C VAL G 355 20.45 40.58 -4.76
N LYS G 356 21.76 40.69 -4.96
CA LYS G 356 22.29 41.25 -6.20
C LYS G 356 21.75 40.52 -7.42
N LYS G 357 21.77 39.18 -7.36
CA LYS G 357 21.19 38.35 -8.42
C LYS G 357 19.70 38.64 -8.60
N PHE G 358 18.96 38.69 -7.49
CA PHE G 358 17.53 38.96 -7.53
C PHE G 358 17.22 40.32 -8.16
N LEU G 359 18.01 41.34 -7.82
CA LEU G 359 17.82 42.69 -8.35
C LEU G 359 18.38 42.85 -9.77
N SER G 360 19.13 41.87 -10.27
CA SER G 360 19.72 41.98 -11.59
C SER G 360 18.76 41.63 -12.74
N ARG G 361 17.69 40.92 -12.45
CA ARG G 361 16.72 40.58 -13.51
C ARG G 361 16.09 41.88 -14.02
N ASN G 362 15.86 41.97 -15.33
CA ASN G 362 15.14 43.13 -15.88
C ASN G 362 13.65 42.89 -15.72
N ARG G 363 12.97 43.83 -15.08
CA ARG G 363 11.53 43.74 -14.84
C ARG G 363 10.90 45.09 -15.13
N ALA G 364 9.60 45.09 -15.41
CA ALA G 364 8.91 46.33 -15.76
C ALA G 364 8.84 47.28 -14.57
N PHE G 365 8.81 46.71 -13.38
CA PHE G 365 8.62 47.46 -12.14
C PHE G 365 9.76 47.19 -11.15
N ARG G 366 9.95 48.15 -10.24
CA ARG G 366 10.99 48.09 -9.20
C ARG G 366 10.67 47.08 -8.09
N PRO G 367 11.62 46.17 -7.80
CA PRO G 367 11.50 45.38 -6.57
C PRO G 367 11.42 46.25 -5.34
N PHE G 368 10.90 45.69 -4.25
CA PHE G 368 10.70 46.42 -3.01
C PHE G 368 10.97 45.54 -1.81
N ILE G 369 11.24 46.19 -0.69
CA ILE G 369 11.47 45.52 0.58
C ILE G 369 10.16 45.53 1.38
N GLU G 370 9.85 44.39 1.96
CA GLU G 370 8.76 44.28 2.89
C GLU G 370 9.09 43.25 3.96
N ASN G 371 8.95 43.64 5.21
CA ASN G 371 9.24 42.76 6.36
C ASN G 371 10.61 42.08 6.26
N GLY G 372 11.62 42.87 5.94
CA GLY G 372 13.00 42.44 5.93
C GLY G 372 13.45 41.69 4.69
N ARG G 373 12.53 41.54 3.75
CA ARG G 373 12.75 40.66 2.61
C ARG G 373 12.42 41.37 1.29
N TRP G 374 13.20 41.06 0.26
CA TRP G 374 12.95 41.58 -1.08
C TRP G 374 11.83 40.82 -1.79
N TRP G 375 11.00 41.59 -2.52
CA TRP G 375 9.92 41.10 -3.36
C TRP G 375 9.99 41.78 -4.71
N ALA G 376 9.44 41.13 -5.74
CA ALA G 376 9.38 41.73 -7.08
C ALA G 376 8.00 41.55 -7.67
N PHE G 377 7.56 42.57 -8.41
CA PHE G 377 6.37 42.44 -9.24
C PHE G 377 6.74 41.75 -10.53
N GLU G 378 6.16 40.58 -10.77
CA GLU G 378 6.35 39.86 -12.02
C GLU G 378 5.02 39.60 -12.70
N MET G 379 5.08 39.12 -13.94
CA MET G 379 3.89 38.93 -14.76
C MET G 379 3.48 37.46 -14.89
N ARG G 380 2.22 37.18 -14.59
CA ARG G 380 1.68 35.82 -14.70
C ARG G 380 1.69 35.36 -16.16
N LYS G 381 1.87 34.06 -16.35
CA LYS G 381 1.81 33.42 -17.67
C LYS G 381 0.38 33.30 -18.18
N PHE G 382 -0.55 33.09 -17.26
CA PHE G 382 -1.97 33.02 -17.59
C PHE G 382 -2.75 33.78 -16.54
N THR G 383 -3.93 34.22 -16.93
CA THR G 383 -4.72 35.17 -16.18
C THR G 383 -6.17 34.65 -15.91
N THR G 384 -6.57 33.56 -16.57
CA THR G 384 -7.86 32.93 -16.37
C THR G 384 -7.67 31.45 -16.03
N PRO G 385 -8.65 30.84 -15.31
CA PRO G 385 -8.50 29.42 -14.94
C PRO G 385 -8.51 28.49 -16.17
N GLU G 386 -9.20 28.87 -17.23
CA GLU G 386 -9.18 28.13 -18.47
C GLU G 386 -7.76 28.04 -19.04
N GLU G 387 -7.09 29.19 -19.16
CA GLU G 387 -5.69 29.28 -19.66
C GLU G 387 -4.74 28.56 -18.73
N GLY G 388 -4.97 28.66 -17.44
CA GLY G 388 -4.14 27.98 -16.46
C GLY G 388 -4.19 26.47 -16.58
N VAL G 389 -5.39 25.95 -16.74
CA VAL G 389 -5.59 24.50 -16.90
C VAL G 389 -5.03 23.98 -18.23
N ARG G 390 -5.14 24.77 -19.29
CA ARG G 390 -4.51 24.44 -20.58
C ARG G 390 -3.03 24.21 -20.39
N SER G 391 -2.37 25.12 -19.69
CA SER G 391 -0.95 24.98 -19.40
C SER G 391 -0.62 23.76 -18.52
N TYR G 392 -1.31 23.62 -17.39
CA TYR G 392 -1.06 22.51 -16.45
C TYR G 392 -1.27 21.17 -17.15
N ALA G 393 -2.40 21.01 -17.84
CA ALA G 393 -2.71 19.76 -18.49
C ALA G 393 -1.72 19.39 -19.60
N SER G 394 -1.27 20.37 -20.38
CA SER G 394 -0.28 20.11 -21.42
C SER G 394 1.11 19.81 -20.82
N THR G 395 1.44 20.45 -19.71
CA THR G 395 2.72 20.23 -19.02
C THR G 395 2.76 19.02 -18.07
N HIS G 396 1.71 18.82 -17.27
CA HIS G 396 1.70 17.80 -16.20
C HIS G 396 0.79 16.62 -16.48
N TRP G 397 0.58 16.33 -17.75
CA TRP G 397 -0.29 15.23 -18.17
C TRP G 397 0.03 13.92 -17.46
N HIS G 398 1.32 13.67 -17.22
CA HIS G 398 1.78 12.43 -16.63
C HIS G 398 1.24 12.15 -15.22
N THR G 399 0.96 13.21 -14.48
CA THR G 399 0.43 13.11 -13.14
C THR G 399 -1.11 12.99 -13.09
N LEU G 400 -1.78 12.92 -14.24
CA LEU G 400 -3.24 12.90 -14.27
C LEU G 400 -3.86 11.53 -14.49
N GLY G 401 -3.25 10.49 -13.92
CA GLY G 401 -3.67 9.11 -14.18
C GLY G 401 -2.84 8.52 -15.29
N LYS G 402 -2.55 7.24 -15.20
CA LYS G 402 -1.70 6.55 -16.18
C LYS G 402 -2.27 6.64 -17.58
N ASN G 403 -3.51 6.22 -17.75
CA ASN G 403 -4.14 6.16 -19.07
C ASN G 403 -4.81 7.47 -19.43
N VAL G 404 -5.40 8.14 -18.44
CA VAL G 404 -6.07 9.42 -18.67
C VAL G 404 -5.03 10.49 -19.06
N GLY G 405 -3.89 10.46 -18.38
CA GLY G 405 -2.79 11.35 -18.66
C GLY G 405 -2.25 11.16 -20.05
N GLU G 406 -2.13 9.91 -20.47
CA GLU G 406 -1.64 9.61 -21.83
C GLU G 406 -2.64 10.06 -22.88
N SER G 407 -3.93 9.99 -22.57
CA SER G 407 -4.96 10.47 -23.46
C SER G 407 -4.89 11.98 -23.61
N ILE G 408 -4.77 12.68 -22.48
CA ILE G 408 -4.67 14.14 -22.47
C ILE G 408 -3.41 14.63 -23.17
N ARG G 409 -2.32 13.86 -23.06
CA ARG G 409 -1.09 14.15 -23.76
C ARG G 409 -1.31 14.19 -25.28
N GLU G 410 -2.08 13.23 -25.80
CA GLU G 410 -2.39 13.13 -27.24
C GLU G 410 -3.31 14.27 -27.69
N TYR G 411 -4.36 14.51 -26.92
CA TYR G 411 -5.37 15.50 -27.29
C TYR G 411 -6.22 15.86 -26.07
N PHE G 412 -6.40 17.15 -25.86
CA PHE G 412 -7.47 17.65 -25.02
C PHE G 412 -7.95 19.00 -25.53
N GLU G 413 -9.14 19.37 -25.08
CA GLU G 413 -9.79 20.60 -25.43
C GLU G 413 -10.32 21.23 -24.15
N ILE G 414 -10.23 22.55 -24.03
CA ILE G 414 -10.87 23.28 -22.96
C ILE G 414 -12.12 23.96 -23.46
N ILE G 415 -13.24 23.67 -22.84
CA ILE G 415 -14.54 24.14 -23.27
C ILE G 415 -15.18 24.95 -22.15
N SER G 416 -15.64 26.14 -22.50
CA SER G 416 -16.34 27.01 -21.57
C SER G 416 -17.40 27.79 -22.34
N GLY G 417 -18.13 28.65 -21.62
CA GLY G 417 -19.16 29.49 -22.22
C GLY G 417 -20.31 28.65 -22.74
N GLU G 418 -20.91 29.15 -23.80
CA GLU G 418 -22.11 28.56 -24.38
C GLU G 418 -21.80 27.22 -25.06
N LYS G 419 -20.55 27.05 -25.49
CA LYS G 419 -20.13 25.83 -26.17
C LYS G 419 -20.12 24.62 -25.23
N LEU G 420 -19.94 24.88 -23.92
CA LEU G 420 -19.94 23.83 -22.91
C LEU G 420 -21.33 23.28 -22.66
N PHE G 421 -22.34 24.12 -22.80
CA PHE G 421 -23.72 23.72 -22.54
C PHE G 421 -24.26 22.79 -23.64
N LYS G 422 -23.72 22.93 -24.85
CA LYS G 422 -24.05 22.01 -25.95
C LYS G 422 -23.37 20.65 -25.81
N GLU G 423 -22.41 20.52 -24.89
CA GLU G 423 -21.81 19.22 -24.56
C GLU G 423 -22.72 18.40 -23.65
N PRO G 424 -22.57 17.06 -23.68
CA PRO G 424 -23.44 16.17 -22.90
C PRO G 424 -23.04 16.06 -21.44
N VAL G 425 -22.96 17.20 -20.76
CA VAL G 425 -22.50 17.29 -19.38
C VAL G 425 -23.48 18.06 -18.50
N THR G 426 -24.71 18.29 -18.99
CA THR G 426 -25.65 19.19 -18.32
C THR G 426 -26.08 18.68 -16.95
N ALA G 427 -26.31 17.37 -16.84
CA ALA G 427 -26.70 16.77 -15.57
C ALA G 427 -25.60 16.87 -14.51
N GLU G 428 -24.35 16.73 -14.94
CA GLU G 428 -23.23 16.85 -14.02
C GLU G 428 -23.01 18.29 -13.56
N LEU G 429 -23.20 19.24 -14.48
CA LEU G 429 -23.11 20.65 -14.16
C LEU G 429 -24.18 21.03 -13.16
N CYS G 430 -25.42 20.63 -13.43
CA CYS G 430 -26.53 20.89 -12.51
C CYS G 430 -26.27 20.36 -11.11
N GLU G 431 -25.81 19.12 -11.02
CA GLU G 431 -25.57 18.50 -9.74
C GLU G 431 -24.42 19.19 -9.01
N MET G 432 -23.36 19.49 -9.75
CA MET G 432 -22.17 20.15 -9.22
C MET G 432 -22.54 21.53 -8.65
N MET G 433 -23.42 22.25 -9.34
CA MET G 433 -23.86 23.56 -8.87
C MET G 433 -25.03 23.54 -7.88
N GLY G 434 -25.66 22.38 -7.68
CA GLY G 434 -26.82 22.27 -6.79
C GLY G 434 -28.10 22.91 -7.32
N VAL G 435 -28.29 22.80 -8.63
CA VAL G 435 -29.45 23.36 -9.29
C VAL G 435 -30.71 22.62 -8.87
N LYS G 436 -31.69 23.36 -8.36
CA LYS G 436 -32.94 22.78 -7.93
C LYS G 436 -33.79 22.49 -9.16
N ASP G 437 -34.54 21.39 -9.12
CA ASP G 437 -35.29 20.94 -10.30
C ASP G 437 -36.66 21.60 -10.37
N MET H 1 34.65 61.72 -9.19
CA MET H 1 34.21 60.54 -8.37
C MET H 1 35.32 60.04 -7.45
N LYS H 2 34.96 59.15 -6.52
CA LYS H 2 35.85 58.55 -5.49
C LYS H 2 35.49 59.04 -4.08
N VAL H 3 35.12 58.09 -3.22
CA VAL H 3 34.51 58.39 -1.90
C VAL H 3 34.96 59.70 -1.23
N GLU H 4 36.26 59.95 -1.17
CA GLU H 4 36.77 61.08 -0.39
C GLU H 4 36.58 62.42 -1.08
N GLU H 5 36.58 62.40 -2.42
CA GLU H 5 36.15 63.56 -3.22
C GLU H 5 34.65 63.82 -2.98
N ILE H 6 33.87 62.74 -2.93
CA ILE H 6 32.43 62.83 -2.72
C ILE H 6 32.12 63.40 -1.34
N LEU H 7 32.80 62.87 -0.32
CA LEU H 7 32.52 63.25 1.07
C LEU H 7 32.92 64.70 1.36
N GLU H 8 33.99 65.19 0.75
CA GLU H 8 34.35 66.61 0.85
C GLU H 8 33.26 67.47 0.21
N LYS H 9 32.81 67.09 -0.98
CA LYS H 9 31.70 67.79 -1.66
C LYS H 9 30.37 67.66 -0.92
N ALA H 10 30.20 66.55 -0.20
CA ALA H 10 29.02 66.31 0.62
C ALA H 10 28.95 67.27 1.81
N LEU H 11 30.10 67.59 2.40
CA LEU H 11 30.17 68.47 3.56
C LEU H 11 29.61 69.87 3.28
N GLU H 12 29.75 70.33 2.03
CA GLU H 12 29.20 71.63 1.64
C GLU H 12 27.69 71.69 1.85
N LEU H 13 26.99 70.64 1.42
CA LEU H 13 25.53 70.57 1.52
C LEU H 13 25.02 70.00 2.85
N VAL H 14 25.92 69.88 3.82
CA VAL H 14 25.64 69.29 5.13
C VAL H 14 26.13 70.12 6.34
N ILE H 15 27.29 70.79 6.19
CA ILE H 15 27.81 71.69 7.24
C ILE H 15 27.19 73.08 7.13
N PRO H 16 26.62 73.59 8.23
CA PRO H 16 25.98 74.92 8.21
C PRO H 16 27.00 76.05 8.12
N ASP H 17 26.65 77.11 7.38
CA ASP H 17 27.55 78.27 7.21
C ASP H 17 27.45 79.21 8.42
N GLU H 18 28.46 80.08 8.57
CA GLU H 18 28.50 81.10 9.62
C GLU H 18 27.18 81.85 9.77
N GLU H 19 26.60 82.28 8.65
CA GLU H 19 25.32 83.00 8.65
C GLU H 19 24.33 82.34 9.60
N GLU H 20 24.18 81.03 9.45
CA GLU H 20 23.25 80.25 10.25
C GLU H 20 23.76 80.03 11.67
N VAL H 21 25.07 79.83 11.81
CA VAL H 21 25.70 79.68 13.13
C VAL H 21 25.51 80.94 13.98
N ARG H 22 25.67 82.11 13.37
CA ARG H 22 25.53 83.37 14.10
C ARG H 22 24.10 83.55 14.64
N LYS H 23 23.12 83.20 13.82
CA LYS H 23 21.71 83.31 14.23
C LYS H 23 21.41 82.38 15.41
N GLY H 24 22.04 81.21 15.39
CA GLY H 24 21.95 80.27 16.50
C GLY H 24 22.66 80.78 17.74
N ARG H 25 23.88 81.29 17.54
CA ARG H 25 24.69 81.86 18.63
C ARG H 25 23.98 83.03 19.29
N GLU H 26 23.50 83.96 18.47
CA GLU H 26 22.74 85.11 18.95
C GLU H 26 21.46 84.68 19.67
N ALA H 27 20.78 83.66 19.12
CA ALA H 27 19.55 83.13 19.73
C ALA H 27 19.80 82.47 21.08
N GLU H 28 20.91 81.75 21.22
CA GLU H 28 21.23 81.03 22.47
C GLU H 28 21.57 81.99 23.61
N GLU H 29 22.28 83.08 23.30
CA GLU H 29 22.64 84.06 24.32
C GLU H 29 21.41 84.84 24.78
N GLU H 30 20.55 85.22 23.83
CA GLU H 30 19.29 85.89 24.13
C GLU H 30 18.41 85.00 24.99
N LEU H 31 18.42 83.72 24.67
CA LEU H 31 17.71 82.70 25.43
C LEU H 31 18.33 82.49 26.81
N ARG H 32 19.66 82.53 26.87
CA ARG H 32 20.40 82.34 28.12
C ARG H 32 20.14 83.50 29.10
N ARG H 33 20.06 84.73 28.56
CA ARG H 33 19.81 85.90 29.39
C ARG H 33 18.42 85.87 30.03
N ARG H 34 17.43 85.33 29.30
CA ARG H 34 16.05 85.25 29.78
C ARG H 34 15.86 84.20 30.87
N LEU H 35 16.60 83.11 30.76
CA LEU H 35 16.53 82.02 31.75
C LEU H 35 17.26 82.41 33.04
N ASP H 36 18.40 83.07 32.89
CA ASP H 36 19.17 83.56 34.05
C ASP H 36 18.38 84.56 34.88
N GLU H 37 17.59 85.40 34.21
CA GLU H 37 16.73 86.37 34.91
C GLU H 37 15.71 85.72 35.83
N LEU H 38 15.14 84.61 35.39
CA LEU H 38 14.12 83.88 36.15
C LEU H 38 14.69 83.02 37.28
N GLY H 39 15.95 82.62 37.15
CA GLY H 39 16.66 81.88 38.21
C GLY H 39 16.27 80.42 38.33
N VAL H 40 16.09 79.77 37.18
CA VAL H 40 15.68 78.36 37.13
C VAL H 40 16.83 77.55 36.55
N GLU H 41 16.99 76.31 37.03
CA GLU H 41 18.02 75.42 36.49
C GLU H 41 17.68 75.09 35.04
N TYR H 42 18.64 75.29 34.15
CA TYR H 42 18.47 74.95 32.73
C TYR H 42 19.76 74.34 32.16
N VAL H 43 19.61 73.49 31.15
CA VAL H 43 20.75 72.86 30.48
C VAL H 43 20.51 72.85 28.97
N PHE H 44 21.52 73.28 28.21
CA PHE H 44 21.49 73.16 26.76
C PHE H 44 21.91 71.74 26.37
N VAL H 45 21.09 71.08 25.56
CA VAL H 45 21.38 69.72 25.12
C VAL H 45 21.11 69.56 23.63
N GLY H 46 21.33 68.35 23.11
CA GLY H 46 20.94 68.04 21.74
C GLY H 46 21.98 68.48 20.72
N SER H 47 21.56 68.44 19.45
CA SER H 47 22.49 68.69 18.34
C SER H 47 23.12 70.08 18.37
N TYR H 48 22.39 71.07 18.86
CA TYR H 48 22.93 72.44 18.92
C TYR H 48 24.02 72.57 19.98
N ALA H 49 23.76 72.04 21.17
CA ALA H 49 24.72 72.12 22.28
C ALA H 49 26.02 71.43 21.98
N ARG H 50 26.00 70.46 21.07
CA ARG H 50 27.20 69.71 20.67
C ARG H 50 27.63 69.95 19.22
N ASN H 51 27.01 70.93 18.56
CA ASN H 51 27.46 71.37 17.24
C ASN H 51 27.37 70.25 16.20
N THR H 52 26.25 69.52 16.22
CA THR H 52 26.01 68.43 15.26
C THR H 52 24.67 68.55 14.52
N TRP H 53 24.11 69.76 14.49
CA TRP H 53 22.83 69.97 13.79
C TRP H 53 23.08 70.11 12.29
N LEU H 54 22.10 69.70 11.50
CA LEU H 54 22.27 69.65 10.06
C LEU H 54 22.02 71.03 9.41
N LYS H 55 22.75 71.29 8.33
CA LYS H 55 22.56 72.50 7.54
C LYS H 55 21.08 72.68 7.18
N GLY H 56 20.53 73.83 7.55
CA GLY H 56 19.13 74.14 7.27
C GLY H 56 18.15 73.34 8.11
N SER H 57 18.59 72.88 9.28
CA SER H 57 17.73 72.17 10.22
C SER H 57 18.10 72.55 11.66
N LEU H 58 18.29 73.85 11.87
CA LEU H 58 18.70 74.39 13.17
C LEU H 58 17.55 74.37 14.16
N GLU H 59 17.79 73.76 15.32
CA GLU H 59 16.81 73.72 16.41
C GLU H 59 17.56 73.59 17.75
N ILE H 60 17.06 74.26 18.79
CA ILE H 60 17.77 74.38 20.06
C ILE H 60 16.98 73.75 21.19
N ASP H 61 17.56 72.76 21.83
CA ASP H 61 16.94 72.03 22.94
C ASP H 61 17.44 72.54 24.28
N VAL H 62 16.53 73.12 25.06
CA VAL H 62 16.82 73.57 26.41
C VAL H 62 16.00 72.76 27.41
N PHE H 63 16.69 72.23 28.42
CA PHE H 63 16.08 71.36 29.43
C PHE H 63 16.04 71.99 30.81
N LEU H 64 14.84 72.19 31.31
CA LEU H 64 14.63 72.72 32.65
C LEU H 64 14.73 71.57 33.65
N LEU H 65 15.61 71.70 34.64
CA LEU H 65 15.76 70.69 35.67
C LEU H 65 14.86 70.98 36.86
N PHE H 66 13.99 70.01 37.18
CA PHE H 66 13.11 70.08 38.34
C PHE H 66 13.46 69.00 39.35
N PRO H 67 13.28 69.28 40.66
CA PRO H 67 13.47 68.24 41.68
C PRO H 67 12.43 67.11 41.56
N GLU H 68 12.76 65.94 42.11
CA GLU H 68 11.86 64.78 42.11
C GLU H 68 10.66 64.92 43.04
N GLU H 69 10.69 65.90 43.94
CA GLU H 69 9.59 66.13 44.88
C GLU H 69 8.60 67.17 44.32
N PHE H 70 8.21 66.99 43.06
CA PHE H 70 7.31 67.91 42.38
C PHE H 70 5.98 67.27 41.96
N SER H 71 6.06 66.12 41.31
CA SER H 71 4.91 65.41 40.71
C SER H 71 4.66 65.90 39.30
N LYS H 72 3.95 65.09 38.52
CA LYS H 72 3.78 65.30 37.08
C LYS H 72 2.93 66.53 36.74
N GLU H 73 1.96 66.84 37.61
CA GLU H 73 1.14 68.05 37.47
C GLU H 73 1.99 69.32 37.54
N GLU H 74 2.65 69.53 38.67
CA GLU H 74 3.50 70.72 38.86
C GLU H 74 4.61 70.78 37.82
N LEU H 75 5.17 69.62 37.48
CA LEU H 75 6.17 69.54 36.41
C LEU H 75 5.62 70.21 35.15
N ARG H 76 4.43 69.78 34.72
CA ARG H 76 3.77 70.31 33.52
C ARG H 76 3.51 71.82 33.62
N GLU H 77 2.83 72.24 34.68
CA GLU H 77 2.47 73.65 34.91
C GLU H 77 3.67 74.58 34.79
N ARG H 78 4.68 74.33 35.62
CA ARG H 78 5.80 75.25 35.79
C ARG H 78 6.76 75.19 34.60
N GLY H 79 6.82 74.05 33.92
CA GLY H 79 7.64 73.90 32.72
C GLY H 79 7.14 74.66 31.52
N LEU H 80 5.82 74.60 31.29
CA LEU H 80 5.18 75.32 30.20
C LEU H 80 5.07 76.81 30.47
N GLU H 81 4.83 77.18 31.73
CA GLU H 81 4.80 78.59 32.13
C GLU H 81 6.12 79.28 31.77
N ILE H 82 7.23 78.59 32.02
CA ILE H 82 8.57 79.13 31.73
C ILE H 82 8.83 79.25 30.24
N GLY H 83 8.56 78.20 29.49
CA GLY H 83 8.75 78.21 28.04
C GLY H 83 7.97 79.30 27.33
N LYS H 84 6.73 79.50 27.74
CA LYS H 84 5.89 80.56 27.19
C LYS H 84 6.45 81.96 27.49
N ALA H 85 6.99 82.13 28.70
CA ALA H 85 7.58 83.40 29.12
C ALA H 85 8.91 83.67 28.41
N VAL H 86 9.65 82.59 28.15
CA VAL H 86 10.99 82.66 27.57
C VAL H 86 11.00 82.83 26.05
N LEU H 87 9.95 82.34 25.38
CA LEU H 87 9.91 82.35 23.92
C LEU H 87 9.15 83.56 23.36
N ASP H 88 9.50 83.96 22.14
CA ASP H 88 8.84 85.06 21.44
C ASP H 88 7.39 84.68 21.10
N SER H 89 7.27 83.57 20.37
CA SER H 89 5.96 82.98 20.04
C SER H 89 6.08 81.48 20.21
N TYR H 90 5.00 80.85 20.64
CA TYR H 90 5.04 79.45 21.05
C TYR H 90 3.81 78.66 20.60
N GLU H 91 4.00 77.35 20.44
CA GLU H 91 2.90 76.40 20.30
C GLU H 91 3.07 75.37 21.41
N ILE H 92 1.94 74.81 21.87
CA ILE H 92 1.97 73.68 22.81
C ILE H 92 1.28 72.48 22.16
N ARG H 93 2.07 71.67 21.45
CA ARG H 93 1.60 70.47 20.74
C ARG H 93 2.50 69.29 21.07
N TYR H 94 1.99 68.37 21.89
CA TYR H 94 2.72 67.16 22.24
C TYR H 94 1.75 65.96 22.39
N ALA H 95 2.30 64.76 22.26
CA ALA H 95 1.55 63.51 22.38
C ALA H 95 1.38 63.09 23.85
N GLU H 96 2.46 63.21 24.63
CA GLU H 96 2.45 62.80 26.04
C GLU H 96 3.29 63.78 26.89
N HIS H 97 4.60 63.79 26.67
CA HIS H 97 5.50 64.62 27.48
C HIS H 97 5.34 66.11 27.17
N PRO H 98 5.01 66.92 28.18
CA PRO H 98 4.77 68.35 27.92
C PRO H 98 6.04 69.11 27.54
N TYR H 99 5.93 69.95 26.52
CA TYR H 99 7.02 70.86 26.15
C TYR H 99 6.48 72.01 25.28
N VAL H 100 7.18 73.14 25.34
CA VAL H 100 6.81 74.32 24.55
C VAL H 100 7.68 74.37 23.30
N HIS H 101 7.04 74.47 22.15
CA HIS H 101 7.70 74.54 20.86
C HIS H 101 7.50 75.93 20.28
N GLY H 102 8.58 76.69 20.12
CA GLY H 102 8.49 78.07 19.66
C GLY H 102 9.71 78.60 18.95
N VAL H 103 9.86 79.93 18.97
CA VAL H 103 10.89 80.63 18.22
C VAL H 103 11.60 81.67 19.10
N VAL H 104 12.89 81.88 18.86
CA VAL H 104 13.65 83.00 19.46
C VAL H 104 14.47 83.68 18.36
N LYS H 105 14.12 84.92 18.04
CA LYS H 105 14.78 85.68 16.97
C LYS H 105 15.04 84.82 15.72
N GLY H 106 13.94 84.29 15.16
CA GLY H 106 13.98 83.53 13.92
C GLY H 106 14.65 82.15 14.00
N VAL H 107 14.72 81.58 15.19
CA VAL H 107 15.38 80.29 15.40
C VAL H 107 14.49 79.35 16.21
N GLU H 108 14.32 78.12 15.72
CA GLU H 108 13.48 77.11 16.38
C GLU H 108 14.05 76.67 17.73
N VAL H 109 13.21 76.68 18.75
CA VAL H 109 13.63 76.31 20.12
C VAL H 109 12.59 75.43 20.79
N ASP H 110 13.04 74.35 21.41
CA ASP H 110 12.17 73.48 22.20
C ASP H 110 12.55 73.63 23.66
N VAL H 111 11.60 74.04 24.49
CA VAL H 111 11.82 74.21 25.93
C VAL H 111 11.18 73.03 26.65
N VAL H 112 12.02 72.11 27.11
CA VAL H 112 11.55 70.84 27.65
C VAL H 112 11.80 70.75 29.14
N PRO H 113 10.75 70.52 29.93
CA PRO H 113 10.92 70.31 31.36
C PRO H 113 11.25 68.86 31.66
N CYS H 114 12.16 68.63 32.60
CA CYS H 114 12.52 67.28 33.01
C CYS H 114 12.95 67.23 34.48
N TYR H 115 13.19 66.02 34.97
CA TYR H 115 13.64 65.81 36.34
C TYR H 115 15.17 65.74 36.40
N LYS H 116 15.74 66.12 37.54
CA LYS H 116 17.19 66.20 37.71
C LYS H 116 17.85 64.81 37.78
N LEU H 117 17.46 64.03 38.79
CA LEU H 117 17.93 62.63 38.98
C LEU H 117 19.42 62.48 39.26
N LYS H 118 19.74 61.58 40.19
CA LYS H 118 21.12 61.29 40.54
C LYS H 118 21.76 60.41 39.47
N GLU H 119 21.02 59.37 39.06
CA GLU H 119 21.46 58.44 38.03
C GLU H 119 20.29 58.10 37.11
N PRO H 120 20.57 57.78 35.83
CA PRO H 120 19.51 57.68 34.82
C PRO H 120 18.76 56.32 34.77
N LYS H 121 18.49 55.75 35.94
CA LYS H 121 17.69 54.54 36.06
C LYS H 121 16.39 54.89 36.76
N ASN H 122 15.43 53.97 36.72
CA ASN H 122 14.12 54.18 37.34
C ASN H 122 13.58 55.58 37.02
N ILE H 123 13.58 55.92 35.74
CA ILE H 123 13.27 57.28 35.29
C ILE H 123 11.80 57.65 35.51
N LYS H 124 11.54 58.96 35.58
CA LYS H 124 10.24 59.48 36.01
C LYS H 124 9.39 60.14 34.90
N SER H 125 10.04 60.65 33.85
CA SER H 125 9.35 61.43 32.80
C SER H 125 9.25 60.69 31.47
N ALA H 126 10.40 60.44 30.87
CA ALA H 126 10.52 59.85 29.51
C ALA H 126 11.63 60.53 28.72
N VAL H 127 11.94 61.78 29.10
CA VAL H 127 13.05 62.54 28.51
C VAL H 127 14.21 62.66 29.50
N ASP H 128 14.11 61.94 30.62
CA ASP H 128 15.07 62.08 31.73
C ASP H 128 16.49 61.58 31.39
N ARG H 129 16.66 60.78 30.35
CA ARG H 129 18.00 60.37 29.91
C ARG H 129 18.76 61.46 29.18
N THR H 130 18.05 62.37 28.53
CA THR H 130 18.65 63.36 27.62
C THR H 130 19.81 64.19 28.18
N PRO H 131 19.74 64.62 29.44
CA PRO H 131 20.89 65.28 30.09
C PRO H 131 22.08 64.35 30.30
N PHE H 132 21.80 63.05 30.43
CA PHE H 132 22.85 62.04 30.57
C PHE H 132 23.43 61.66 29.21
N HIS H 133 22.61 61.69 28.16
CA HIS H 133 23.09 61.51 26.79
C HIS H 133 24.07 62.62 26.45
N HIS H 134 23.69 63.85 26.79
CA HIS H 134 24.55 65.00 26.55
C HIS H 134 25.90 64.87 27.27
N LYS H 135 25.86 64.54 28.56
CA LYS H 135 27.09 64.34 29.33
C LYS H 135 27.97 63.25 28.71
N TRP H 136 27.35 62.17 28.27
CA TRP H 136 28.11 61.08 27.65
C TRP H 136 28.73 61.50 26.31
N LEU H 137 28.02 62.31 25.54
CA LEU H 137 28.45 62.65 24.19
C LEU H 137 29.40 63.84 24.04
N GLU H 138 29.29 64.85 24.92
CA GLU H 138 30.16 66.03 24.82
C GLU H 138 31.57 65.66 25.25
N GLY H 139 32.48 65.61 24.30
CA GLY H 139 33.86 65.15 24.56
C GLY H 139 34.21 63.96 23.70
N ARG H 140 33.35 62.93 23.72
CA ARG H 140 33.53 61.77 22.86
C ARG H 140 33.31 62.16 21.41
N ILE H 141 32.37 63.08 21.19
CA ILE H 141 32.00 63.54 19.85
C ILE H 141 32.88 64.66 19.30
N LYS H 142 33.72 65.26 20.13
CA LYS H 142 34.60 66.32 19.67
C LYS H 142 35.60 65.77 18.64
N GLY H 143 35.77 66.51 17.54
CA GLY H 143 36.51 66.04 16.37
C GLY H 143 35.69 65.22 15.38
N LYS H 144 34.48 64.81 15.76
CA LYS H 144 33.67 63.93 14.90
C LYS H 144 32.37 64.58 14.43
N GLU H 145 32.17 65.86 14.75
CA GLU H 145 30.89 66.53 14.54
C GLU H 145 30.45 66.61 13.08
N ASN H 146 31.40 66.72 12.16
CA ASN H 146 31.09 66.71 10.73
C ASN H 146 30.77 65.31 10.20
N GLU H 147 31.36 64.28 10.80
CA GLU H 147 31.04 62.89 10.45
C GLU H 147 29.59 62.54 10.80
N VAL H 148 29.14 63.06 11.94
CA VAL H 148 27.72 62.95 12.35
C VAL H 148 26.82 63.62 11.31
N ARG H 149 27.21 64.80 10.89
CA ARG H 149 26.45 65.59 9.93
C ARG H 149 26.39 64.91 8.56
N LEU H 150 27.47 64.25 8.16
CA LEU H 150 27.44 63.46 6.94
C LEU H 150 26.39 62.35 7.04
N LEU H 151 26.40 61.65 8.16
CA LEU H 151 25.51 60.52 8.38
C LEU H 151 24.07 60.98 8.40
N LYS H 152 23.78 62.03 9.17
CA LYS H 152 22.43 62.58 9.23
C LYS H 152 21.93 62.98 7.84
N GLY H 153 22.83 63.56 7.04
CA GLY H 153 22.50 63.98 5.69
C GLY H 153 22.21 62.81 4.77
N PHE H 154 23.05 61.79 4.86
CA PHE H 154 22.85 60.51 4.15
C PHE H 154 21.46 59.94 4.44
N LEU H 155 21.10 59.94 5.72
CA LEU H 155 19.82 59.38 6.14
C LEU H 155 18.65 60.27 5.74
N LYS H 156 18.74 61.56 6.04
CA LYS H 156 17.67 62.51 5.71
C LYS H 156 17.35 62.53 4.21
N ALA H 157 18.39 62.58 3.38
CA ALA H 157 18.22 62.56 1.93
C ALA H 157 17.50 61.31 1.43
N ASN H 158 17.64 60.22 2.17
CA ASN H 158 17.00 58.96 1.81
C ASN H 158 15.76 58.63 2.65
N GLY H 159 15.21 59.64 3.30
CA GLY H 159 13.90 59.55 3.94
C GLY H 159 13.86 58.68 5.17
N ILE H 160 14.98 58.46 5.83
CA ILE H 160 15.02 57.57 6.99
C ILE H 160 15.75 58.18 8.21
N TYR H 161 15.82 59.50 8.27
CA TYR H 161 16.29 60.21 9.46
C TYR H 161 15.11 60.58 10.36
N GLY H 162 15.21 60.24 11.64
CA GLY H 162 14.19 60.54 12.63
C GLY H 162 13.53 59.26 13.11
N ALA H 163 13.38 59.13 14.42
CA ALA H 163 12.74 57.97 15.04
C ALA H 163 11.24 58.16 15.28
N GLU H 164 10.69 59.31 14.89
CA GLU H 164 9.26 59.57 15.08
C GLU H 164 8.45 58.63 14.18
N TYR H 165 7.20 58.36 14.57
CA TYR H 165 6.39 57.36 13.87
C TYR H 165 6.18 57.64 12.39
N LYS H 166 6.17 58.91 11.99
CA LYS H 166 6.10 59.26 10.58
C LYS H 166 7.23 58.64 9.76
N VAL H 167 8.41 58.51 10.35
CA VAL H 167 9.60 57.98 9.66
C VAL H 167 9.99 56.55 10.10
N ARG H 168 10.02 56.32 11.41
CA ARG H 168 10.51 55.03 11.96
C ARG H 168 11.93 54.75 11.46
N GLY H 169 12.79 55.75 11.60
CA GLY H 169 14.15 55.69 11.11
C GLY H 169 15.17 55.82 12.22
N PHE H 170 16.30 56.45 11.89
CA PHE H 170 17.42 56.68 12.82
C PHE H 170 17.32 58.05 13.50
N SER H 171 17.49 58.07 14.82
CA SER H 171 17.46 59.32 15.58
C SER H 171 18.80 60.01 15.47
N GLY H 172 18.84 61.29 15.86
CA GLY H 172 20.10 62.02 15.91
C GLY H 172 21.08 61.43 16.91
N TYR H 173 20.55 61.02 18.07
CA TYR H 173 21.35 60.39 19.12
C TYR H 173 21.96 59.08 18.62
N LEU H 174 21.17 58.30 17.90
CA LEU H 174 21.64 57.05 17.33
C LEU H 174 22.79 57.33 16.39
N CYS H 175 22.62 58.35 15.53
CA CYS H 175 23.68 58.74 14.60
C CYS H 175 24.99 59.10 15.30
N GLU H 176 24.88 59.81 16.42
CA GLU H 176 26.04 60.21 17.18
C GLU H 176 26.69 58.99 17.84
N LEU H 177 25.89 58.08 18.40
CA LEU H 177 26.45 56.85 18.98
C LEU H 177 27.21 56.02 17.96
N LEU H 178 26.69 55.96 16.74
CA LEU H 178 27.31 55.16 15.69
C LEU H 178 28.64 55.74 15.26
N ILE H 179 28.68 57.07 15.13
CA ILE H 179 29.92 57.75 14.80
C ILE H 179 30.93 57.64 15.93
N VAL H 180 30.46 57.67 17.17
CA VAL H 180 31.35 57.42 18.30
C VAL H 180 31.83 55.97 18.23
N PHE H 181 30.93 55.04 17.93
CA PHE H 181 31.28 53.63 17.92
C PHE H 181 32.30 53.30 16.81
N TYR H 182 31.97 53.71 15.58
CA TYR H 182 32.78 53.36 14.41
C TYR H 182 33.88 54.37 14.12
N GLY H 183 33.73 55.60 14.64
CA GLY H 183 34.76 56.63 14.45
C GLY H 183 34.45 57.60 13.32
N SER H 184 33.73 57.14 12.30
CA SER H 184 33.41 57.98 11.17
C SER H 184 32.22 57.48 10.35
N PHE H 185 31.67 58.39 9.55
CA PHE H 185 30.90 57.99 8.38
C PHE H 185 31.93 57.34 7.45
N LEU H 186 31.47 56.42 6.63
CA LEU H 186 32.36 55.59 5.81
C LEU H 186 32.67 54.30 6.56
N GLU H 187 33.26 54.42 7.74
CA GLU H 187 33.45 53.22 8.58
C GLU H 187 32.12 52.69 9.10
N THR H 188 31.19 53.58 9.43
CA THR H 188 29.83 53.18 9.76
C THR H 188 29.17 52.49 8.56
N VAL H 189 29.21 53.18 7.43
CA VAL H 189 28.68 52.69 6.16
C VAL H 189 29.32 51.35 5.76
N LYS H 190 30.64 51.25 5.89
CA LYS H 190 31.33 50.01 5.55
C LYS H 190 30.88 48.84 6.42
N ASN H 191 30.78 49.10 7.71
CA ASN H 191 30.41 48.05 8.66
C ASN H 191 28.93 47.78 8.65
N ALA H 192 28.14 48.77 8.26
CA ALA H 192 26.69 48.63 8.16
C ALA H 192 26.28 47.65 7.07
N ARG H 193 27.12 47.48 6.05
CA ARG H 193 26.87 46.50 5.01
C ARG H 193 26.73 45.06 5.54
N ARG H 194 27.17 44.80 6.76
CA ARG H 194 27.10 43.47 7.35
C ARG H 194 26.23 43.43 8.61
N TRP H 195 25.43 44.47 8.83
CA TRP H 195 24.39 44.42 9.86
C TRP H 195 23.29 43.44 9.48
N THR H 196 22.77 42.74 10.48
CA THR H 196 21.66 41.83 10.32
C THR H 196 20.56 42.23 11.29
N ARG H 197 19.42 41.53 11.17
CA ARG H 197 18.27 41.79 12.04
C ARG H 197 18.46 41.32 13.48
N ARG H 198 19.58 40.67 13.77
CA ARG H 198 19.95 40.27 15.14
C ARG H 198 21.24 40.92 15.64
N THR H 199 21.70 41.95 14.92
CA THR H 199 22.91 42.70 15.31
C THR H 199 22.70 43.56 16.57
N VAL H 200 23.55 43.35 17.56
CA VAL H 200 23.56 44.18 18.77
C VAL H 200 24.85 44.99 18.82
N ILE H 201 24.70 46.30 18.89
CA ILE H 201 25.84 47.22 18.97
C ILE H 201 25.87 47.83 20.39
N ASP H 202 26.87 47.43 21.18
CA ASP H 202 27.00 47.89 22.54
C ASP H 202 28.18 48.85 22.59
N VAL H 203 27.85 50.14 22.64
CA VAL H 203 28.86 51.20 22.55
C VAL H 203 29.70 51.26 23.80
N ALA H 204 29.07 51.10 24.96
CA ALA H 204 29.76 51.19 26.26
C ALA H 204 30.80 50.08 26.43
N LYS H 205 30.49 48.88 25.94
CA LYS H 205 31.42 47.75 26.01
C LYS H 205 32.26 47.60 24.74
N GLY H 206 32.03 48.48 23.78
CA GLY H 206 32.83 48.55 22.55
C GLY H 206 32.77 47.29 21.70
N GLU H 207 31.64 46.62 21.69
CA GLU H 207 31.54 45.34 20.98
C GLU H 207 30.24 45.20 20.19
N VAL H 208 30.32 44.36 19.16
CA VAL H 208 29.15 43.94 18.41
C VAL H 208 28.93 42.46 18.70
N ARG H 209 27.68 42.08 18.92
CA ARG H 209 27.30 40.69 19.13
C ARG H 209 25.91 40.40 18.55
N LYS H 210 25.50 39.14 18.66
CA LYS H 210 24.22 38.68 18.17
C LYS H 210 23.21 38.66 19.30
N GLY H 211 21.98 39.06 18.99
CA GLY H 211 20.91 39.10 19.97
C GLY H 211 19.62 38.54 19.38
N GLU H 212 18.50 39.09 19.81
CA GLU H 212 17.18 38.69 19.32
C GLU H 212 16.63 39.67 18.30
N GLU H 213 17.14 40.88 18.32
CA GLU H 213 16.68 41.94 17.42
C GLU H 213 17.81 42.90 17.21
N PHE H 214 17.62 43.83 16.28
CA PHE H 214 18.58 44.91 16.07
C PHE H 214 18.53 45.84 17.28
N PHE H 215 19.63 45.92 18.02
CA PHE H 215 19.62 46.57 19.32
C PHE H 215 20.89 47.42 19.46
N VAL H 216 20.72 48.73 19.55
CA VAL H 216 21.84 49.63 19.85
C VAL H 216 21.71 50.03 21.31
N VAL H 217 22.61 49.49 22.13
CA VAL H 217 22.53 49.64 23.58
C VAL H 217 22.90 51.06 23.96
N ASP H 218 21.99 51.71 24.69
CA ASP H 218 22.22 53.06 25.23
C ASP H 218 23.31 52.99 26.31
N PRO H 219 24.45 53.68 26.10
CA PRO H 219 25.51 53.65 27.12
C PRO H 219 25.08 54.22 28.48
N VAL H 220 24.01 55.01 28.46
CA VAL H 220 23.40 55.56 29.66
C VAL H 220 22.47 54.55 30.37
N ASP H 221 21.88 53.63 29.62
CA ASP H 221 21.01 52.60 30.20
C ASP H 221 21.02 51.33 29.36
N GLU H 222 21.62 50.27 29.89
CA GLU H 222 21.88 49.07 29.10
C GLU H 222 20.59 48.34 28.70
N LYS H 223 19.48 48.67 29.35
CA LYS H 223 18.17 48.11 29.03
C LYS H 223 17.47 48.80 27.83
N ARG H 224 17.95 49.98 27.46
CA ARG H 224 17.32 50.81 26.44
C ARG H 224 17.91 50.55 25.04
N ASN H 225 17.02 50.32 24.07
CA ASN H 225 17.39 50.17 22.67
C ASN H 225 17.22 51.51 21.95
N VAL H 226 18.32 52.12 21.56
CA VAL H 226 18.28 53.43 20.91
C VAL H 226 17.60 53.30 19.56
N ALA H 227 17.81 52.18 18.88
CA ALA H 227 17.11 51.88 17.62
C ALA H 227 15.78 51.14 17.84
N ALA H 228 15.13 51.37 18.97
CA ALA H 228 13.85 50.67 19.26
C ALA H 228 12.84 50.87 18.15
N ASN H 229 12.74 52.11 17.65
CA ASN H 229 11.71 52.47 16.69
C ASN H 229 12.22 52.51 15.25
N LEU H 230 13.46 52.09 15.02
CA LEU H 230 13.93 51.84 13.66
C LEU H 230 13.24 50.59 13.14
N SER H 231 12.44 50.72 12.08
CA SER H 231 11.71 49.58 11.53
C SER H 231 12.65 48.64 10.81
N LEU H 232 12.26 47.37 10.78
CA LEU H 232 13.05 46.35 10.08
C LEU H 232 13.30 46.73 8.62
N ASP H 233 12.29 47.27 7.97
CA ASP H 233 12.42 47.65 6.56
C ASP H 233 13.36 48.84 6.33
N ASN H 234 13.41 49.78 7.27
CA ASN H 234 14.33 50.92 7.14
C ASN H 234 15.77 50.53 7.47
N LEU H 235 15.93 49.56 8.36
CA LEU H 235 17.24 48.97 8.59
C LEU H 235 17.73 48.32 7.29
N ALA H 236 16.89 47.49 6.70
CA ALA H 236 17.19 46.86 5.41
C ALA H 236 17.56 47.89 4.33
N ARG H 237 16.82 48.99 4.27
CA ARG H 237 17.04 50.04 3.28
C ARG H 237 18.39 50.68 3.48
N PHE H 238 18.72 50.91 4.74
CA PHE H 238 20.03 51.46 5.11
C PHE H 238 21.15 50.52 4.70
N VAL H 239 21.03 49.26 5.10
CA VAL H 239 22.07 48.29 4.76
C VAL H 239 22.25 48.20 3.24
N HIS H 240 21.13 48.21 2.50
CA HIS H 240 21.16 48.21 1.04
C HIS H 240 21.85 49.46 0.45
N LEU H 241 21.53 50.62 1.01
CA LEU H 241 22.15 51.88 0.59
C LEU H 241 23.65 51.92 0.80
N CYS H 242 24.12 51.37 1.93
CA CYS H 242 25.54 51.35 2.23
C CYS H 242 26.28 50.46 1.24
N ARG H 243 25.69 49.32 0.89
CA ARG H 243 26.25 48.44 -0.12
C ARG H 243 26.35 49.10 -1.49
N GLU H 244 25.26 49.71 -1.94
CA GLU H 244 25.25 50.50 -3.18
C GLU H 244 26.29 51.63 -3.15
N PHE H 245 26.35 52.36 -2.04
CA PHE H 245 27.25 53.49 -1.94
C PHE H 245 28.72 53.10 -2.04
N MET H 246 29.08 51.98 -1.41
CA MET H 246 30.44 51.51 -1.43
C MET H 246 30.82 50.85 -2.75
N GLU H 247 29.83 50.46 -3.55
CA GLU H 247 30.09 49.87 -4.87
C GLU H 247 30.17 50.92 -5.96
N ALA H 248 29.47 52.03 -5.76
CA ALA H 248 29.47 53.14 -6.72
C ALA H 248 29.08 54.43 -6.00
N PRO H 249 30.06 55.07 -5.33
CA PRO H 249 29.78 56.25 -4.53
C PRO H 249 29.39 57.46 -5.38
N SER H 250 28.47 58.27 -4.85
CA SER H 250 27.94 59.40 -5.57
C SER H 250 27.37 60.46 -4.61
N LEU H 251 27.45 61.72 -5.03
CA LEU H 251 26.87 62.82 -4.27
C LEU H 251 25.34 62.78 -4.25
N GLY H 252 24.75 62.08 -5.22
CA GLY H 252 23.31 61.86 -5.27
C GLY H 252 22.74 61.26 -4.00
N PHE H 253 23.52 60.39 -3.35
CA PHE H 253 23.13 59.78 -2.07
C PHE H 253 22.87 60.81 -0.96
N PHE H 254 23.46 62.00 -1.08
CA PHE H 254 23.30 63.06 -0.09
C PHE H 254 22.29 64.13 -0.50
N LYS H 255 21.70 63.97 -1.69
CA LYS H 255 20.75 64.94 -2.23
C LYS H 255 19.33 64.36 -2.21
N PRO H 256 18.32 65.20 -1.87
CA PRO H 256 16.94 64.74 -1.92
C PRO H 256 16.49 64.35 -3.32
N LYS H 257 15.50 63.48 -3.41
CA LYS H 257 14.95 63.04 -4.69
C LYS H 257 13.71 63.88 -5.00
N HIS H 258 13.56 64.31 -6.25
CA HIS H 258 12.31 64.92 -6.70
C HIS H 258 11.27 63.83 -6.94
N PRO H 259 9.99 64.10 -6.61
CA PRO H 259 8.89 63.19 -6.92
C PRO H 259 8.88 62.72 -8.39
N LEU H 260 8.29 61.56 -8.64
CA LEU H 260 8.26 60.96 -9.98
C LEU H 260 7.47 61.87 -10.96
N GLU H 261 6.36 62.43 -10.47
CA GLU H 261 5.50 63.38 -11.22
C GLU H 261 5.18 62.92 -12.66
N ILE H 262 4.05 62.25 -12.83
CA ILE H 262 3.64 61.78 -14.16
C ILE H 262 2.17 62.00 -14.44
N GLU H 263 1.82 61.89 -15.72
CA GLU H 263 0.48 62.20 -16.18
C GLU H 263 -0.50 61.12 -15.75
N PRO H 264 -1.70 61.51 -15.31
CA PRO H 264 -2.77 60.56 -15.02
C PRO H 264 -3.05 59.50 -16.10
N GLU H 265 -2.85 59.87 -17.37
CA GLU H 265 -3.04 58.92 -18.47
C GLU H 265 -2.02 57.78 -18.47
N ARG H 266 -0.73 58.09 -18.27
CA ARG H 266 0.28 57.04 -18.09
C ARG H 266 -0.04 56.18 -16.87
N LEU H 267 -0.45 56.84 -15.81
CA LEU H 267 -0.79 56.15 -14.58
C LEU H 267 -1.98 55.20 -14.80
N ARG H 268 -2.98 55.66 -15.54
CA ARG H 268 -4.12 54.83 -15.91
C ARG H 268 -3.70 53.61 -16.74
N LYS H 269 -2.83 53.84 -17.73
CA LYS H 269 -2.41 52.79 -18.64
C LYS H 269 -1.58 51.73 -17.92
N ILE H 270 -0.77 52.16 -16.95
CA ILE H 270 -0.01 51.22 -16.12
C ILE H 270 -0.92 50.32 -15.30
N VAL H 271 -1.93 50.91 -14.67
CA VAL H 271 -2.90 50.10 -13.91
C VAL H 271 -3.66 49.12 -14.81
N GLU H 272 -4.04 49.55 -16.01
CA GLU H 272 -4.66 48.67 -16.99
C GLU H 272 -3.73 47.53 -17.37
N GLU H 273 -2.44 47.84 -17.57
CA GLU H 273 -1.44 46.82 -17.86
C GLU H 273 -1.23 45.84 -16.72
N ARG H 274 -1.25 46.34 -15.48
CA ARG H 274 -1.09 45.45 -14.31
C ARG H 274 -2.30 44.54 -14.10
N GLY H 275 -3.47 45.03 -14.47
CA GLY H 275 -4.72 44.24 -14.36
C GLY H 275 -5.28 44.20 -12.97
N THR H 276 -4.90 45.16 -12.13
CA THR H 276 -5.26 45.17 -10.71
C THR H 276 -6.39 46.13 -10.40
N ALA H 277 -6.99 45.96 -9.22
CA ALA H 277 -7.93 46.94 -8.68
C ALA H 277 -7.15 47.90 -7.79
N VAL H 278 -7.15 49.19 -8.14
CA VAL H 278 -6.44 50.22 -7.39
C VAL H 278 -7.49 51.18 -6.87
N PHE H 279 -7.45 51.46 -5.58
CA PHE H 279 -8.43 52.37 -4.99
C PHE H 279 -7.91 52.97 -3.69
N ALA H 280 -8.58 54.04 -3.28
CA ALA H 280 -8.24 54.79 -2.09
C ALA H 280 -9.46 54.95 -1.19
N VAL H 281 -9.22 54.96 0.12
CA VAL H 281 -10.20 55.41 1.09
C VAL H 281 -9.78 56.82 1.51
N LYS H 282 -10.60 57.81 1.16
CA LYS H 282 -10.39 59.20 1.51
C LYS H 282 -11.28 59.57 2.70
N PHE H 283 -10.70 60.21 3.70
CA PHE H 283 -11.48 60.76 4.83
C PHE H 283 -10.76 62.00 5.37
N ARG H 284 -11.41 62.75 6.25
CA ARG H 284 -10.82 63.97 6.79
C ARG H 284 -9.77 63.67 7.86
N LYS H 285 -8.66 64.38 7.78
CA LYS H 285 -7.54 64.25 8.73
C LYS H 285 -8.00 64.68 10.13
N PRO H 286 -7.94 63.76 11.12
CA PRO H 286 -8.23 64.19 12.49
C PRO H 286 -7.23 65.22 13.00
N ASP H 287 -7.69 66.14 13.83
CA ASP H 287 -6.83 67.21 14.35
C ASP H 287 -5.99 66.72 15.53
N ILE H 288 -4.97 65.92 15.21
CA ILE H 288 -4.11 65.34 16.23
C ILE H 288 -2.67 65.39 15.76
N VAL H 289 -1.76 65.19 16.70
CA VAL H 289 -0.34 65.21 16.39
C VAL H 289 0.08 64.01 15.55
N ASP H 290 1.13 64.19 14.76
CA ASP H 290 1.66 63.15 13.88
C ASP H 290 1.97 61.83 14.60
N ASP H 291 2.37 61.91 15.86
CA ASP H 291 2.85 60.73 16.59
C ASP H 291 1.68 59.86 17.07
N ASN H 292 0.48 60.43 17.08
CA ASN H 292 -0.77 59.66 17.20
C ASN H 292 -1.36 59.31 15.85
N LEU H 293 -1.29 60.25 14.91
CA LEU H 293 -1.89 60.06 13.59
C LEU H 293 -1.29 58.92 12.79
N TYR H 294 0.03 58.89 12.70
CA TYR H 294 0.67 57.92 11.80
C TYR H 294 0.46 56.46 12.20
N PRO H 295 0.65 56.13 13.48
CA PRO H 295 0.29 54.78 13.93
C PRO H 295 -1.15 54.38 13.64
N GLN H 296 -2.08 55.33 13.68
CA GLN H 296 -3.50 55.04 13.45
C GLN H 296 -3.78 54.77 11.98
N LEU H 297 -3.15 55.54 11.10
CA LEU H 297 -3.21 55.26 9.66
C LEU H 297 -2.60 53.89 9.33
N GLU H 298 -1.52 53.52 10.01
CA GLU H 298 -0.94 52.21 9.85
C GLU H 298 -1.93 51.12 10.27
N ARG H 299 -2.50 51.24 11.46
CA ARG H 299 -3.53 50.27 11.89
C ARG H 299 -4.73 50.22 10.93
N ALA H 300 -5.25 51.37 10.54
CA ALA H 300 -6.44 51.38 9.67
C ALA H 300 -6.13 50.66 8.36
N SER H 301 -4.96 50.96 7.80
CA SER H 301 -4.49 50.33 6.58
C SER H 301 -4.31 48.81 6.74
N ARG H 302 -3.74 48.40 7.88
CA ARG H 302 -3.52 46.99 8.20
C ARG H 302 -4.84 46.22 8.37
N LYS H 303 -5.80 46.85 9.05
CA LYS H 303 -7.10 46.25 9.26
C LYS H 303 -7.87 46.03 7.95
N ILE H 304 -7.87 47.05 7.09
CA ILE H 304 -8.51 46.93 5.79
C ILE H 304 -7.76 45.93 4.92
N PHE H 305 -6.43 45.98 4.94
CA PHE H 305 -5.63 44.98 4.22
C PHE H 305 -5.99 43.54 4.64
N GLU H 306 -6.06 43.32 5.94
CA GLU H 306 -6.42 42.01 6.45
C GLU H 306 -7.87 41.62 6.12
N PHE H 307 -8.75 42.61 6.02
CA PHE H 307 -10.10 42.36 5.55
C PHE H 307 -10.11 41.86 4.09
N LEU H 308 -9.35 42.55 3.24
CA LEU H 308 -9.23 42.17 1.83
C LEU H 308 -8.65 40.77 1.63
N GLU H 309 -7.66 40.39 2.44
CA GLU H 309 -7.09 39.03 2.44
C GLU H 309 -8.15 37.99 2.79
N ARG H 310 -8.85 38.19 3.89
CA ARG H 310 -9.94 37.30 4.35
C ARG H 310 -11.02 37.10 3.30
N GLU H 311 -11.33 38.16 2.57
CA GLU H 311 -12.42 38.17 1.60
C GLU H 311 -11.91 37.74 0.24
N ASN H 312 -10.69 37.21 0.19
CA ASN H 312 -10.14 36.65 -1.05
C ASN H 312 -10.04 37.61 -2.22
N PHE H 313 -9.70 38.87 -1.92
CA PHE H 313 -9.38 39.83 -2.96
C PHE H 313 -7.89 39.93 -3.24
N MET H 314 -7.08 39.25 -2.42
CA MET H 314 -5.64 39.12 -2.67
C MET H 314 -4.93 40.45 -2.86
N PRO H 315 -4.85 41.23 -1.77
CA PRO H 315 -4.20 42.52 -1.84
C PRO H 315 -2.70 42.36 -2.03
N LEU H 316 -2.10 43.21 -2.86
CA LEU H 316 -0.67 43.18 -3.09
C LEU H 316 0.08 44.00 -2.03
N ARG H 317 -0.20 45.29 -1.99
CA ARG H 317 0.40 46.22 -1.04
C ARG H 317 -0.60 47.28 -0.67
N SER H 318 -0.29 48.01 0.41
CA SER H 318 -1.05 49.16 0.81
C SER H 318 -0.09 50.32 1.06
N ALA H 319 -0.64 51.53 1.09
CA ALA H 319 0.11 52.71 1.50
C ALA H 319 -0.86 53.70 2.08
N PHE H 320 -0.35 54.81 2.59
CA PHE H 320 -1.18 55.91 3.03
C PHE H 320 -0.51 57.28 2.83
N LYS H 321 -1.35 58.31 2.81
CA LYS H 321 -0.94 59.69 2.58
C LYS H 321 -1.80 60.59 3.47
N ALA H 322 -1.16 61.44 4.25
CA ALA H 322 -1.84 62.45 5.05
C ALA H 322 -1.52 63.80 4.48
N SER H 323 -2.55 64.57 4.12
CA SER H 323 -2.39 65.97 3.69
C SER H 323 -2.96 66.85 4.80
N GLU H 324 -3.03 68.16 4.52
CA GLU H 324 -3.59 69.12 5.47
C GLU H 324 -5.02 68.77 5.85
N GLU H 325 -5.86 68.54 4.83
CA GLU H 325 -7.30 68.36 5.03
C GLU H 325 -7.73 66.89 5.06
N PHE H 326 -7.16 66.07 4.18
CA PHE H 326 -7.58 64.68 4.01
C PHE H 326 -6.45 63.69 4.20
N CYS H 327 -6.81 62.51 4.71
CA CYS H 327 -5.96 61.33 4.70
C CYS H 327 -6.45 60.34 3.65
N TYR H 328 -5.53 59.56 3.09
CA TYR H 328 -5.83 58.58 2.04
C TYR H 328 -5.20 57.25 2.39
N LEU H 329 -5.98 56.17 2.29
CA LEU H 329 -5.46 54.82 2.44
C LEU H 329 -5.57 54.13 1.08
N LEU H 330 -4.42 53.71 0.56
CA LEU H 330 -4.30 53.20 -0.79
C LEU H 330 -4.13 51.68 -0.79
N PHE H 331 -4.77 51.02 -1.75
CA PHE H 331 -4.75 49.57 -1.88
C PHE H 331 -4.68 49.13 -3.35
N GLU H 332 -3.90 48.09 -3.60
CA GLU H 332 -3.91 47.44 -4.91
C GLU H 332 -4.20 45.96 -4.69
N CYS H 333 -5.22 45.44 -5.36
CA CYS H 333 -5.64 44.05 -5.25
C CYS H 333 -5.54 43.29 -6.59
N GLN H 334 -5.24 42.00 -6.50
CA GLN H 334 -5.11 41.15 -7.67
C GLN H 334 -6.46 40.73 -8.27
N ILE H 335 -7.51 40.78 -7.46
CA ILE H 335 -8.86 40.44 -7.87
C ILE H 335 -9.76 41.68 -7.98
N LYS H 336 -10.20 41.99 -9.20
CA LYS H 336 -11.12 43.10 -9.44
C LYS H 336 -12.56 42.67 -9.16
N GLU H 337 -12.85 41.39 -9.43
CA GLU H 337 -14.19 40.84 -9.19
C GLU H 337 -14.17 39.36 -8.81
N ILE H 338 -15.03 39.01 -7.88
CA ILE H 338 -15.15 37.62 -7.40
C ILE H 338 -16.58 37.16 -7.61
N SER H 339 -16.78 35.86 -7.70
CA SER H 339 -18.11 35.33 -7.99
C SER H 339 -19.06 35.71 -6.88
N ARG H 340 -20.34 35.78 -7.22
CA ARG H 340 -21.38 35.97 -6.22
C ARG H 340 -21.42 34.75 -5.27
N VAL H 341 -21.33 33.56 -5.82
CA VAL H 341 -21.52 32.37 -5.02
C VAL H 341 -20.22 32.04 -4.26
N PHE H 342 -20.37 31.57 -3.03
CA PHE H 342 -19.26 31.06 -2.26
C PHE H 342 -19.71 29.83 -1.46
N ARG H 343 -18.78 29.20 -0.76
CA ARG H 343 -19.08 28.01 0.04
C ARG H 343 -19.15 28.32 1.51
N ARG H 344 -20.23 27.90 2.15
CA ARG H 344 -20.41 28.04 3.59
C ARG H 344 -20.24 26.63 4.18
N MET H 345 -19.40 26.50 5.20
CA MET H 345 -19.16 25.23 5.84
C MET H 345 -20.24 24.88 6.82
N GLY H 346 -20.72 23.64 6.73
CA GLY H 346 -21.75 23.14 7.64
C GLY H 346 -21.21 22.03 8.51
N PRO H 347 -22.10 21.33 9.21
CA PRO H 347 -21.68 20.28 10.16
C PRO H 347 -21.28 18.96 9.52
N GLN H 348 -20.66 18.13 10.33
CA GLN H 348 -20.35 16.78 9.94
C GLN H 348 -21.66 16.00 9.86
N PHE H 349 -21.68 14.97 9.04
CA PHE H 349 -22.90 14.29 8.69
C PHE H 349 -23.56 13.66 9.91
N GLU H 350 -22.76 13.26 10.90
CA GLU H 350 -23.26 12.57 12.08
C GLU H 350 -24.10 13.49 12.99
N ASP H 351 -23.79 14.77 12.99
CA ASP H 351 -24.36 15.75 13.91
C ASP H 351 -25.78 16.15 13.48
N GLU H 352 -26.71 15.23 13.70
CA GLU H 352 -28.07 15.34 13.15
C GLU H 352 -28.76 16.66 13.50
N ARG H 353 -28.67 17.06 14.76
CA ARG H 353 -29.30 18.30 15.21
C ARG H 353 -28.89 19.49 14.33
N ASN H 354 -27.59 19.70 14.20
CA ASN H 354 -27.08 20.85 13.44
C ASN H 354 -27.21 20.68 11.95
N VAL H 355 -27.12 19.46 11.45
CA VAL H 355 -27.39 19.20 10.05
C VAL H 355 -28.82 19.67 9.72
N LYS H 356 -29.77 19.34 10.57
CA LYS H 356 -31.17 19.73 10.33
C LYS H 356 -31.30 21.26 10.25
N LYS H 357 -30.73 21.95 11.22
CA LYS H 357 -30.72 23.42 11.21
C LYS H 357 -30.02 23.99 9.97
N PHE H 358 -28.86 23.45 9.64
CA PHE H 358 -28.11 23.89 8.46
C PHE H 358 -28.92 23.69 7.17
N LEU H 359 -29.58 22.54 7.06
CA LEU H 359 -30.36 22.16 5.87
C LEU H 359 -31.70 22.89 5.76
N SER H 360 -32.16 23.49 6.85
CA SER H 360 -33.47 24.15 6.89
C SER H 360 -33.47 25.60 6.36
N ARG H 361 -32.31 26.20 6.19
CA ARG H 361 -32.23 27.55 5.66
C ARG H 361 -32.58 27.59 4.16
N ASN H 362 -33.35 28.60 3.77
CA ASN H 362 -33.75 28.80 2.38
C ASN H 362 -32.53 29.24 1.59
N ARG H 363 -32.27 28.58 0.46
CA ARG H 363 -31.14 28.91 -0.40
C ARG H 363 -31.55 28.67 -1.84
N ALA H 364 -30.92 29.40 -2.75
CA ALA H 364 -31.19 29.22 -4.19
C ALA H 364 -30.71 27.86 -4.69
N PHE H 365 -29.60 27.38 -4.13
CA PHE H 365 -29.00 26.10 -4.55
C PHE H 365 -28.93 25.05 -3.45
N ARG H 366 -28.91 23.78 -3.85
CA ARG H 366 -28.88 22.63 -2.92
C ARG H 366 -27.53 22.48 -2.22
N PRO H 367 -27.55 22.32 -0.88
CA PRO H 367 -26.36 21.95 -0.13
C PRO H 367 -25.84 20.58 -0.51
N PHE H 368 -24.58 20.31 -0.23
CA PHE H 368 -23.94 19.09 -0.68
C PHE H 368 -23.04 18.54 0.39
N ILE H 369 -22.77 17.23 0.30
CA ILE H 369 -21.82 16.55 1.17
C ILE H 369 -20.46 16.46 0.50
N GLU H 370 -19.43 16.80 1.28
CA GLU H 370 -18.04 16.65 0.83
C GLU H 370 -17.11 16.27 1.96
N ASN H 371 -16.41 15.16 1.76
CA ASN H 371 -15.49 14.59 2.75
C ASN H 371 -16.12 14.53 4.15
N GLY H 372 -17.33 13.96 4.21
CA GLY H 372 -18.03 13.69 5.46
C GLY H 372 -18.73 14.88 6.08
N ARG H 373 -18.75 16.00 5.37
CA ARG H 373 -19.23 17.27 5.91
C ARG H 373 -20.18 17.95 4.93
N TRP H 374 -21.17 18.63 5.49
CA TRP H 374 -22.15 19.36 4.71
C TRP H 374 -21.64 20.74 4.34
N TRP H 375 -21.94 21.15 3.11
CA TRP H 375 -21.56 22.47 2.60
C TRP H 375 -22.76 23.05 1.86
N ALA H 376 -22.81 24.38 1.79
CA ALA H 376 -23.85 25.09 1.07
C ALA H 376 -23.23 26.16 0.19
N PHE H 377 -23.85 26.38 -0.96
CA PHE H 377 -23.54 27.53 -1.80
C PHE H 377 -24.37 28.69 -1.28
N GLU H 378 -23.70 29.78 -0.88
CA GLU H 378 -24.37 31.01 -0.46
C GLU H 378 -23.88 32.20 -1.28
N MET H 379 -24.49 33.37 -1.07
CA MET H 379 -24.29 34.54 -1.93
C MET H 379 -23.58 35.69 -1.20
N ARG H 380 -22.49 36.17 -1.81
CA ARG H 380 -21.75 37.31 -1.27
C ARG H 380 -22.57 38.60 -1.26
N LYS H 381 -22.38 39.40 -0.23
CA LYS H 381 -22.96 40.76 -0.17
C LYS H 381 -22.29 41.69 -1.18
N PHE H 382 -21.00 41.50 -1.40
CA PHE H 382 -20.24 42.32 -2.32
C PHE H 382 -19.34 41.44 -3.16
N THR H 383 -18.90 41.99 -4.28
CA THR H 383 -18.30 41.23 -5.33
C THR H 383 -17.01 41.92 -5.87
N THR H 384 -16.66 43.10 -5.34
CA THR H 384 -15.44 43.80 -5.72
C THR H 384 -14.76 44.27 -4.43
N PRO H 385 -13.45 44.50 -4.49
CA PRO H 385 -12.75 44.97 -3.30
C PRO H 385 -13.21 46.34 -2.79
N GLU H 386 -13.57 47.24 -3.71
CA GLU H 386 -14.12 48.54 -3.35
C GLU H 386 -15.46 48.46 -2.61
N GLU H 387 -16.36 47.61 -3.09
CA GLU H 387 -17.63 47.33 -2.44
C GLU H 387 -17.43 46.66 -1.08
N GLY H 388 -16.48 45.75 -1.00
CA GLY H 388 -16.11 45.14 0.28
C GLY H 388 -15.66 46.15 1.33
N VAL H 389 -14.74 47.02 0.95
CA VAL H 389 -14.23 48.05 1.88
C VAL H 389 -15.31 49.07 2.23
N ARG H 390 -16.21 49.38 1.30
CA ARG H 390 -17.35 50.25 1.62
C ARG H 390 -18.14 49.69 2.78
N SER H 391 -18.42 48.39 2.71
CA SER H 391 -19.09 47.67 3.79
C SER H 391 -18.25 47.63 5.06
N TYR H 392 -16.99 47.23 4.93
CA TYR H 392 -16.17 47.07 6.10
C TYR H 392 -15.96 48.38 6.84
N ALA H 393 -15.69 49.45 6.11
CA ALA H 393 -15.40 50.74 6.71
C ALA H 393 -16.65 51.40 7.33
N SER H 394 -17.83 51.14 6.75
CA SER H 394 -19.10 51.62 7.30
C SER H 394 -19.45 50.92 8.61
N THR H 395 -19.00 49.69 8.74
CA THR H 395 -19.40 48.79 9.82
C THR H 395 -18.31 48.60 10.92
N HIS H 396 -17.03 48.72 10.55
CA HIS H 396 -15.92 48.42 11.45
C HIS H 396 -15.05 49.64 11.62
N TRP H 397 -15.64 50.81 11.46
CA TRP H 397 -14.96 52.08 11.64
C TRP H 397 -14.21 52.16 12.99
N HIS H 398 -14.81 51.60 14.04
CA HIS H 398 -14.29 51.76 15.40
C HIS H 398 -12.93 51.11 15.59
N THR H 399 -12.66 50.06 14.82
CA THR H 399 -11.40 49.34 14.95
C THR H 399 -10.27 49.93 14.10
N LEU H 400 -10.55 51.01 13.36
CA LEU H 400 -9.55 51.59 12.44
C LEU H 400 -8.76 52.73 13.08
N GLY H 401 -8.41 52.58 14.35
CA GLY H 401 -7.74 53.64 15.09
C GLY H 401 -8.74 54.50 15.82
N LYS H 402 -8.33 55.00 16.99
CA LYS H 402 -9.19 55.82 17.84
C LYS H 402 -9.76 57.06 17.12
N ASN H 403 -8.88 57.89 16.60
CA ASN H 403 -9.30 59.13 15.94
C ASN H 403 -9.61 58.94 14.49
N VAL H 404 -8.80 58.12 13.82
CA VAL H 404 -8.96 57.81 12.40
C VAL H 404 -10.29 57.13 12.12
N GLY H 405 -10.65 56.19 12.98
CA GLY H 405 -11.92 55.49 12.89
C GLY H 405 -13.13 56.38 13.13
N GLU H 406 -13.02 57.27 14.10
CA GLU H 406 -14.06 58.25 14.41
C GLU H 406 -14.30 59.23 13.25
N SER H 407 -13.24 59.62 12.54
CA SER H 407 -13.38 60.43 11.34
C SER H 407 -14.03 59.64 10.21
N ILE H 408 -13.57 58.39 10.01
CA ILE H 408 -14.14 57.52 8.98
C ILE H 408 -15.65 57.31 9.23
N ARG H 409 -16.06 57.30 10.50
CA ARG H 409 -17.46 57.18 10.86
C ARG H 409 -18.32 58.37 10.41
N GLU H 410 -17.75 59.58 10.46
CA GLU H 410 -18.50 60.78 10.08
C GLU H 410 -18.48 60.99 8.57
N TYR H 411 -17.44 60.54 7.91
CA TYR H 411 -17.34 60.65 6.46
C TYR H 411 -16.19 59.82 5.93
N PHE H 412 -16.47 59.02 4.91
CA PHE H 412 -15.37 58.49 4.10
C PHE H 412 -15.85 58.27 2.68
N GLU H 413 -14.90 58.16 1.76
CA GLU H 413 -15.22 58.00 0.36
C GLU H 413 -14.22 57.00 -0.23
N ILE H 414 -14.72 56.06 -1.01
CA ILE H 414 -13.87 55.15 -1.78
C ILE H 414 -13.72 55.67 -3.21
N ILE H 415 -12.47 55.84 -3.63
CA ILE H 415 -12.18 56.43 -4.92
C ILE H 415 -11.32 55.46 -5.73
N SER H 416 -11.66 55.32 -7.01
CA SER H 416 -10.90 54.49 -7.93
C SER H 416 -10.84 55.16 -9.32
N GLY H 417 -10.20 54.46 -10.27
CA GLY H 417 -10.20 54.87 -11.69
C GLY H 417 -9.66 56.26 -11.93
N GLU H 418 -10.16 56.91 -12.98
CA GLU H 418 -9.70 58.24 -13.36
C GLU H 418 -9.71 59.24 -12.21
N LYS H 419 -10.76 59.19 -11.39
CA LYS H 419 -10.94 60.16 -10.29
C LYS H 419 -9.88 60.01 -9.19
N LEU H 420 -9.34 58.80 -9.05
CA LEU H 420 -8.22 58.55 -8.14
C LEU H 420 -6.94 59.21 -8.61
N PHE H 421 -6.69 59.19 -9.92
CA PHE H 421 -5.42 59.72 -10.47
C PHE H 421 -5.34 61.26 -10.43
N LYS H 422 -6.44 61.92 -10.08
CA LYS H 422 -6.45 63.36 -9.86
C LYS H 422 -6.21 63.74 -8.39
N GLU H 423 -6.43 62.79 -7.47
CA GLU H 423 -6.14 63.03 -6.06
C GLU H 423 -4.64 63.16 -5.85
N PRO H 424 -4.22 63.94 -4.84
CA PRO H 424 -2.80 64.15 -4.59
C PRO H 424 -2.11 62.94 -3.98
N VAL H 425 -2.13 61.82 -4.70
CA VAL H 425 -1.56 60.56 -4.21
C VAL H 425 -0.76 59.82 -5.28
N THR H 426 -0.36 60.53 -6.34
CA THR H 426 0.34 59.89 -7.45
C THR H 426 1.70 59.35 -7.04
N ALA H 427 2.39 60.10 -6.20
CA ALA H 427 3.71 59.71 -5.73
C ALA H 427 3.64 58.41 -4.93
N GLU H 428 2.64 58.30 -4.06
CA GLU H 428 2.45 57.11 -3.24
C GLU H 428 1.98 55.90 -4.07
N LEU H 429 1.18 56.16 -5.10
CA LEU H 429 0.76 55.12 -6.03
C LEU H 429 1.95 54.57 -6.81
N CYS H 430 2.76 55.47 -7.34
CA CYS H 430 3.97 55.08 -8.06
C CYS H 430 4.91 54.25 -7.22
N GLU H 431 5.07 54.64 -5.95
CA GLU H 431 5.93 53.92 -5.02
C GLU H 431 5.34 52.55 -4.68
N MET H 432 4.03 52.50 -4.44
CA MET H 432 3.31 51.24 -4.21
C MET H 432 3.53 50.23 -5.34
N MET H 433 3.39 50.73 -6.56
CA MET H 433 3.41 49.89 -7.73
C MET H 433 4.82 49.67 -8.31
N GLY H 434 5.83 50.36 -7.79
CA GLY H 434 7.18 50.18 -8.30
C GLY H 434 7.40 50.82 -9.67
N VAL H 435 6.79 51.97 -9.87
CA VAL H 435 6.86 52.67 -11.15
C VAL H 435 8.24 53.26 -11.34
N LYS H 436 8.84 52.97 -12.48
CA LYS H 436 10.19 53.45 -12.81
C LYS H 436 10.17 54.90 -13.32
N ASP H 437 11.36 55.47 -13.44
CA ASP H 437 11.52 56.82 -13.96
C ASP H 437 11.29 56.87 -15.47
N MET I 1 33.84 -12.81 32.17
CA MET I 1 33.65 -11.98 33.41
C MET I 1 33.62 -10.48 33.04
N LYS I 2 33.19 -9.66 34.00
CA LYS I 2 33.28 -8.19 33.92
C LYS I 2 32.70 -7.64 32.61
N VAL I 3 31.38 -7.71 32.48
CA VAL I 3 30.68 -7.05 31.37
C VAL I 3 31.06 -5.57 31.29
N GLU I 4 31.21 -4.95 32.46
CA GLU I 4 31.58 -3.54 32.56
C GLU I 4 32.91 -3.20 31.88
N GLU I 5 33.90 -4.07 32.07
CA GLU I 5 35.22 -3.88 31.43
C GLU I 5 35.10 -4.04 29.90
N ILE I 6 34.24 -4.95 29.47
CA ILE I 6 33.98 -5.13 28.03
C ILE I 6 33.37 -3.87 27.43
N LEU I 7 32.39 -3.29 28.12
CA LEU I 7 31.71 -2.10 27.61
C LEU I 7 32.64 -0.88 27.66
N GLU I 8 33.52 -0.84 28.65
CA GLU I 8 34.54 0.21 28.74
C GLU I 8 35.51 0.16 27.55
N LYS I 9 35.92 -1.05 27.17
CA LYS I 9 36.73 -1.28 25.96
C LYS I 9 35.95 -0.99 24.69
N ALA I 10 34.66 -1.38 24.68
CA ALA I 10 33.75 -1.13 23.55
C ALA I 10 33.64 0.35 23.22
N LEU I 11 33.61 1.19 24.25
CA LEU I 11 33.49 2.65 24.07
C LEU I 11 34.63 3.24 23.24
N GLU I 12 35.85 2.70 23.44
CA GLU I 12 37.03 3.09 22.65
C GLU I 12 36.82 2.89 21.13
N LEU I 13 36.05 1.86 20.77
CA LEU I 13 35.76 1.55 19.36
C LEU I 13 34.68 2.44 18.75
N VAL I 14 34.01 3.22 19.60
CA VAL I 14 32.69 3.74 19.30
C VAL I 14 32.57 5.28 19.52
N ILE I 15 33.29 5.81 20.50
CA ILE I 15 33.29 7.24 20.80
C ILE I 15 34.30 7.96 19.91
N PRO I 16 33.88 9.07 19.25
CA PRO I 16 34.80 9.86 18.42
C PRO I 16 35.98 10.38 19.20
N ASP I 17 37.17 10.35 18.60
CA ASP I 17 38.37 10.86 19.28
C ASP I 17 38.35 12.39 19.29
N GLU I 18 39.19 12.98 20.14
CA GLU I 18 39.31 14.43 20.30
C GLU I 18 39.49 15.19 18.99
N GLU I 19 40.17 14.59 18.02
CA GLU I 19 40.42 15.23 16.72
C GLU I 19 39.13 15.35 15.90
N GLU I 20 38.39 14.26 15.83
CA GLU I 20 37.13 14.23 15.08
C GLU I 20 36.14 15.19 15.71
N VAL I 21 36.08 15.20 17.03
CA VAL I 21 35.26 16.13 17.78
C VAL I 21 35.63 17.58 17.50
N ARG I 22 36.91 17.91 17.58
CA ARG I 22 37.41 19.26 17.27
C ARG I 22 37.00 19.71 15.87
N LYS I 23 37.17 18.80 14.90
CA LYS I 23 36.85 19.06 13.50
C LYS I 23 35.36 19.36 13.32
N GLY I 24 34.52 18.68 14.09
CA GLY I 24 33.10 18.94 14.10
C GLY I 24 32.74 20.29 14.69
N ARG I 25 33.36 20.66 15.81
CA ARG I 25 33.09 21.93 16.48
C ARG I 25 33.47 23.12 15.61
N GLU I 26 34.61 23.00 14.94
CA GLU I 26 35.12 24.06 14.08
C GLU I 26 34.24 24.28 12.85
N ALA I 27 33.73 23.18 12.27
CA ALA I 27 32.79 23.27 11.16
C ALA I 27 31.47 23.89 11.64
N GLU I 28 31.01 23.44 12.81
CA GLU I 28 29.80 23.97 13.42
C GLU I 28 29.88 25.48 13.66
N GLU I 29 30.99 25.92 14.27
CA GLU I 29 31.20 27.33 14.58
C GLU I 29 31.19 28.18 13.31
N GLU I 30 31.86 27.69 12.27
CA GLU I 30 31.94 28.39 10.98
C GLU I 30 30.57 28.44 10.32
N LEU I 31 29.89 27.31 10.36
CA LEU I 31 28.56 27.18 9.80
C LEU I 31 27.57 28.15 10.47
N ARG I 32 27.60 28.22 11.80
CA ARG I 32 26.79 29.18 12.55
C ARG I 32 27.10 30.61 12.11
N ARG I 33 28.38 30.92 11.98
CA ARG I 33 28.83 32.25 11.60
C ARG I 33 28.28 32.65 10.23
N ARG I 34 28.31 31.72 9.28
CA ARG I 34 27.83 31.97 7.93
C ARG I 34 26.29 32.11 7.89
N LEU I 35 25.59 31.27 8.65
CA LEU I 35 24.13 31.37 8.76
C LEU I 35 23.67 32.67 9.42
N ASP I 36 24.36 33.05 10.49
CA ASP I 36 24.06 34.30 11.24
C ASP I 36 24.27 35.54 10.38
N GLU I 37 25.24 35.48 9.46
CA GLU I 37 25.47 36.55 8.47
C GLU I 37 24.27 36.75 7.54
N LEU I 38 23.54 35.67 7.29
CA LEU I 38 22.36 35.71 6.41
C LEU I 38 21.04 36.02 7.16
N GLY I 39 21.13 36.17 8.48
CA GLY I 39 19.98 36.53 9.32
C GLY I 39 18.89 35.48 9.33
N VAL I 40 19.30 34.24 9.15
CA VAL I 40 18.40 33.11 8.91
C VAL I 40 18.07 32.36 10.19
N GLU I 41 16.85 31.82 10.28
CA GLU I 41 16.44 30.98 11.42
C GLU I 41 16.75 29.52 11.11
N TYR I 42 17.33 28.82 12.09
CA TYR I 42 17.77 27.45 11.87
C TYR I 42 17.90 26.68 13.19
N VAL I 43 17.92 25.36 13.07
CA VAL I 43 18.22 24.46 14.18
C VAL I 43 19.22 23.39 13.75
N PHE I 44 20.20 23.15 14.61
CA PHE I 44 21.06 21.97 14.49
C PHE I 44 20.30 20.80 15.10
N VAL I 45 20.17 19.72 14.33
CA VAL I 45 19.43 18.54 14.76
C VAL I 45 20.27 17.27 14.52
N GLY I 46 19.72 16.13 14.91
CA GLY I 46 20.36 14.86 14.64
C GLY I 46 21.49 14.50 15.60
N SER I 47 22.22 13.46 15.23
CA SER I 47 23.23 12.85 16.09
C SER I 47 24.35 13.79 16.51
N TYR I 48 24.78 14.65 15.60
CA TYR I 48 25.84 15.59 15.93
C TYR I 48 25.40 16.54 17.02
N ALA I 49 24.20 17.10 16.85
CA ALA I 49 23.66 18.07 17.78
C ALA I 49 23.46 17.47 19.17
N ARG I 50 23.16 16.17 19.24
CA ARG I 50 22.97 15.51 20.53
C ARG I 50 24.20 14.73 21.03
N ASN I 51 25.29 14.79 20.28
CA ASN I 51 26.54 14.12 20.69
C ASN I 51 26.36 12.60 20.84
N THR I 52 25.61 11.99 19.91
CA THR I 52 25.33 10.55 19.91
C THR I 52 25.88 9.87 18.65
N TRP I 53 26.69 10.59 17.88
CA TRP I 53 27.15 10.09 16.60
C TRP I 53 28.34 9.14 16.78
N LEU I 54 28.42 8.15 15.92
CA LEU I 54 29.38 7.07 16.02
C LEU I 54 30.74 7.51 15.50
N LYS I 55 31.80 6.98 16.07
CA LYS I 55 33.16 7.17 15.56
C LYS I 55 33.20 6.88 14.06
N GLY I 56 33.66 7.85 13.28
CA GLY I 56 33.78 7.72 11.83
C GLY I 56 32.56 8.19 11.04
N SER I 57 31.49 8.57 11.73
CA SER I 57 30.25 8.99 11.07
C SER I 57 29.87 10.43 11.42
N LEU I 58 30.83 11.34 11.32
CA LEU I 58 30.56 12.77 11.57
C LEU I 58 29.81 13.39 10.40
N GLU I 59 28.67 13.99 10.72
CA GLU I 59 27.86 14.72 9.74
C GLU I 59 26.94 15.69 10.47
N ILE I 60 26.94 16.94 10.02
CA ILE I 60 26.14 17.98 10.67
C ILE I 60 24.83 18.22 9.91
N ASP I 61 23.73 18.31 10.65
CA ASP I 61 22.41 18.56 10.04
C ASP I 61 21.84 19.86 10.53
N VAL I 62 21.54 20.77 9.59
CA VAL I 62 20.93 22.05 9.88
C VAL I 62 19.58 22.15 9.20
N PHE I 63 18.53 22.37 9.99
CA PHE I 63 17.20 22.55 9.45
C PHE I 63 16.84 24.03 9.46
N LEU I 64 16.51 24.55 8.28
CA LEU I 64 16.13 25.96 8.13
C LEU I 64 14.65 26.07 8.40
N LEU I 65 14.29 26.95 9.32
CA LEU I 65 12.90 27.08 9.76
C LEU I 65 12.17 28.22 9.06
N PHE I 66 11.24 27.89 8.19
CA PHE I 66 10.50 28.90 7.41
C PHE I 66 9.08 29.11 7.94
N PRO I 67 8.53 30.32 7.73
CA PRO I 67 7.13 30.54 8.12
C PRO I 67 6.19 29.58 7.41
N GLU I 68 5.16 29.16 8.13
CA GLU I 68 4.19 28.18 7.62
C GLU I 68 3.40 28.75 6.43
N GLU I 69 3.31 30.08 6.36
CA GLU I 69 2.63 30.79 5.26
C GLU I 69 3.35 30.64 3.91
N PHE I 70 4.66 30.37 3.93
CA PHE I 70 5.43 30.19 2.69
C PHE I 70 4.91 28.99 1.92
N SER I 71 4.97 29.08 0.59
CA SER I 71 4.62 27.96 -0.28
C SER I 71 5.80 26.98 -0.34
N LYS I 72 5.53 25.75 -0.73
CA LYS I 72 6.58 24.74 -0.89
C LYS I 72 7.66 25.19 -1.88
N GLU I 73 7.22 25.85 -2.94
CA GLU I 73 8.10 26.37 -3.98
C GLU I 73 9.04 27.44 -3.40
N GLU I 74 8.48 28.32 -2.57
CA GLU I 74 9.26 29.32 -1.82
C GLU I 74 10.26 28.68 -0.85
N LEU I 75 9.84 27.66 -0.10
CA LEU I 75 10.77 26.91 0.79
C LEU I 75 11.96 26.36 0.04
N ARG I 76 11.70 25.73 -1.09
CA ARG I 76 12.76 25.10 -1.89
C ARG I 76 13.77 26.16 -2.35
N GLU I 77 13.24 27.21 -2.97
CA GLU I 77 14.05 28.25 -3.60
C GLU I 77 14.89 29.03 -2.59
N ARG I 78 14.28 29.37 -1.47
CA ARG I 78 14.95 30.07 -0.39
C ARG I 78 16.02 29.18 0.26
N GLY I 79 15.64 27.96 0.56
CA GLY I 79 16.52 27.03 1.27
C GLY I 79 17.72 26.63 0.46
N LEU I 80 17.50 26.30 -0.81
CA LEU I 80 18.60 25.98 -1.72
C LEU I 80 19.59 27.14 -1.86
N GLU I 81 19.09 28.37 -1.93
CA GLU I 81 19.95 29.56 -1.94
C GLU I 81 20.83 29.64 -0.70
N ILE I 82 20.22 29.48 0.45
CA ILE I 82 20.95 29.58 1.73
C ILE I 82 21.99 28.48 1.87
N GLY I 83 21.59 27.25 1.57
CA GLY I 83 22.50 26.10 1.60
C GLY I 83 23.69 26.29 0.69
N LYS I 84 23.43 26.67 -0.57
CA LYS I 84 24.49 26.94 -1.55
C LYS I 84 25.41 28.07 -1.13
N ALA I 85 24.88 29.04 -0.39
CA ALA I 85 25.65 30.21 0.05
C ALA I 85 26.53 29.91 1.29
N VAL I 86 26.19 28.86 2.00
CA VAL I 86 26.72 28.60 3.34
C VAL I 86 27.78 27.46 3.35
N LEU I 87 27.86 26.70 2.27
CA LEU I 87 28.72 25.54 2.19
C LEU I 87 29.93 25.79 1.30
N ASP I 88 31.06 25.13 1.60
CA ASP I 88 32.28 25.23 0.80
C ASP I 88 32.08 24.64 -0.59
N SER I 89 31.68 23.37 -0.62
CA SER I 89 31.25 22.68 -1.84
C SER I 89 29.87 22.12 -1.54
N TYR I 90 29.06 21.92 -2.59
CA TYR I 90 27.68 21.46 -2.40
C TYR I 90 27.18 20.56 -3.52
N GLU I 91 26.07 19.88 -3.25
CA GLU I 91 25.27 19.21 -4.28
C GLU I 91 23.82 19.18 -3.80
N ILE I 92 22.90 19.28 -4.75
CA ILE I 92 21.48 19.25 -4.44
C ILE I 92 20.98 17.81 -4.53
N ARG I 93 20.48 17.28 -3.41
CA ARG I 93 19.79 15.99 -3.40
C ARG I 93 18.30 16.19 -3.63
N TYR I 94 17.71 15.34 -4.47
CA TYR I 94 16.29 15.34 -4.74
C TYR I 94 15.69 14.05 -4.16
N ALA I 95 15.64 13.99 -2.81
CA ALA I 95 15.14 12.81 -2.11
C ALA I 95 13.63 12.68 -2.33
N GLU I 96 12.86 13.53 -1.65
CA GLU I 96 11.44 13.77 -1.95
C GLU I 96 11.16 15.27 -1.89
N HIS I 97 11.60 15.90 -0.81
CA HIS I 97 11.64 17.35 -0.67
C HIS I 97 13.11 17.71 -0.72
N PRO I 98 13.55 18.42 -1.79
CA PRO I 98 14.97 18.69 -2.01
C PRO I 98 15.70 19.38 -0.87
N TYR I 99 16.99 19.19 -0.84
CA TYR I 99 17.86 19.87 0.12
C TYR I 99 19.28 19.96 -0.45
N VAL I 100 20.17 20.61 0.30
CA VAL I 100 21.55 20.77 -0.12
C VAL I 100 22.47 19.95 0.78
N HIS I 101 23.23 19.04 0.18
CA HIS I 101 24.32 18.35 0.87
C HIS I 101 25.61 19.06 0.50
N GLY I 102 26.60 19.01 1.39
CA GLY I 102 27.87 19.66 1.13
C GLY I 102 28.90 19.47 2.23
N VAL I 103 29.87 20.37 2.27
CA VAL I 103 31.00 20.28 3.19
C VAL I 103 31.36 21.66 3.75
N VAL I 104 31.79 21.70 5.00
CA VAL I 104 32.35 22.90 5.61
C VAL I 104 33.58 22.49 6.41
N LYS I 105 34.75 22.94 5.96
CA LYS I 105 36.00 22.61 6.62
C LYS I 105 36.15 21.10 6.84
N GLY I 106 35.99 20.34 5.75
CA GLY I 106 36.20 18.89 5.79
C GLY I 106 35.10 18.04 6.39
N VAL I 107 34.01 18.66 6.83
CA VAL I 107 32.91 17.97 7.49
C VAL I 107 31.67 18.03 6.61
N GLU I 108 31.00 16.89 6.46
CA GLU I 108 29.79 16.79 5.64
C GLU I 108 28.60 17.41 6.35
N VAL I 109 27.77 18.13 5.59
CA VAL I 109 26.63 18.88 6.14
C VAL I 109 25.40 18.73 5.26
N ASP I 110 24.23 18.64 5.90
CA ASP I 110 22.93 18.65 5.20
C ASP I 110 22.17 19.88 5.68
N VAL I 111 21.77 20.74 4.74
CA VAL I 111 21.00 21.94 5.02
C VAL I 111 19.59 21.72 4.50
N VAL I 112 18.64 21.54 5.42
CA VAL I 112 17.30 21.10 5.05
C VAL I 112 16.23 22.16 5.32
N PRO I 113 15.53 22.59 4.27
CA PRO I 113 14.41 23.51 4.47
C PRO I 113 13.14 22.81 4.96
N CYS I 114 12.49 23.43 5.94
CA CYS I 114 11.27 22.88 6.51
C CYS I 114 10.41 23.99 7.12
N TYR I 115 9.17 23.65 7.47
CA TYR I 115 8.26 24.61 8.08
C TYR I 115 8.49 24.67 9.57
N LYS I 116 8.40 25.85 10.16
CA LYS I 116 8.68 26.00 11.59
C LYS I 116 7.72 25.18 12.49
N LEU I 117 6.42 25.43 12.41
CA LEU I 117 5.41 24.60 13.12
C LEU I 117 5.50 24.60 14.64
N LYS I 118 4.37 24.88 15.29
CA LYS I 118 4.31 24.91 16.74
C LYS I 118 4.11 23.52 17.35
N GLU I 119 3.28 22.69 16.69
CA GLU I 119 2.92 21.39 17.25
C GLU I 119 2.98 20.22 16.26
N PRO I 120 3.26 19.00 16.78
CA PRO I 120 3.16 17.79 15.97
C PRO I 120 1.69 17.49 15.71
N LYS I 121 1.25 17.85 14.51
CA LYS I 121 -0.15 17.84 14.09
C LYS I 121 -0.18 18.24 12.63
N ASN I 122 0.67 19.22 12.29
CA ASN I 122 1.00 19.54 10.90
C ASN I 122 2.08 18.58 10.35
N ILE I 123 1.73 17.29 10.23
CA ILE I 123 2.64 16.27 9.67
C ILE I 123 2.55 16.21 8.14
N LYS I 124 2.88 17.33 7.49
CA LYS I 124 2.82 17.43 6.03
C LYS I 124 4.14 16.96 5.37
N SER I 125 5.11 16.54 6.18
CA SER I 125 6.35 15.92 5.66
C SER I 125 7.00 15.08 6.75
N ALA I 126 7.80 14.11 6.32
CA ALA I 126 8.70 13.40 7.23
C ALA I 126 9.82 14.35 7.69
N VAL I 127 10.19 15.27 6.81
CA VAL I 127 11.14 16.35 7.11
C VAL I 127 10.68 17.13 8.33
N ASP I 128 9.41 17.54 8.31
CA ASP I 128 8.82 18.38 9.36
C ASP I 128 8.82 17.67 10.72
N ARG I 129 8.86 16.34 10.72
CA ARG I 129 8.89 15.56 11.95
C ARG I 129 10.27 15.52 12.67
N THR I 130 11.34 15.68 11.91
CA THR I 130 12.71 15.59 12.44
C THR I 130 13.03 16.59 13.59
N PRO I 131 12.66 17.88 13.45
CA PRO I 131 12.82 18.86 14.53
C PRO I 131 12.08 18.48 15.80
N PHE I 132 10.96 17.76 15.68
CA PHE I 132 10.21 17.27 16.85
C PHE I 132 10.85 16.05 17.48
N HIS I 133 11.47 15.19 16.68
CA HIS I 133 12.27 14.07 17.20
C HIS I 133 13.44 14.61 18.02
N HIS I 134 14.13 15.61 17.47
CA HIS I 134 15.23 16.26 18.18
C HIS I 134 14.76 16.87 19.47
N LYS I 135 13.67 17.65 19.41
CA LYS I 135 13.09 18.24 20.62
C LYS I 135 12.78 17.19 21.69
N TRP I 136 12.15 16.10 21.29
CA TRP I 136 11.78 15.06 22.23
C TRP I 136 13.01 14.40 22.84
N LEU I 137 14.03 14.15 22.02
CA LEU I 137 15.23 13.46 22.50
C LEU I 137 16.19 14.34 23.32
N GLU I 138 16.23 15.64 23.06
CA GLU I 138 17.16 16.50 23.74
C GLU I 138 16.70 16.62 25.21
N GLY I 139 17.60 16.35 26.13
CA GLY I 139 17.21 16.34 27.54
C GLY I 139 16.95 14.95 28.04
N ARG I 140 16.06 14.22 27.38
CA ARG I 140 15.84 12.82 27.74
C ARG I 140 17.04 11.92 27.47
N ILE I 141 17.90 12.34 26.53
CA ILE I 141 19.10 11.58 26.19
C ILE I 141 20.35 12.06 26.94
N LYS I 142 20.32 13.28 27.46
CA LYS I 142 21.42 13.81 28.26
C LYS I 142 21.86 12.82 29.36
N GLY I 143 23.16 12.56 29.42
CA GLY I 143 23.72 11.55 30.30
C GLY I 143 23.90 10.20 29.62
N LYS I 144 23.10 9.91 28.60
CA LYS I 144 23.06 8.57 28.03
C LYS I 144 23.67 8.48 26.63
N GLU I 145 24.39 9.51 26.22
CA GLU I 145 24.90 9.58 24.84
C GLU I 145 25.87 8.43 24.48
N ASN I 146 26.69 7.99 25.44
CA ASN I 146 27.60 6.87 25.20
C ASN I 146 26.92 5.50 25.18
N GLU I 147 25.81 5.35 25.91
CA GLU I 147 24.95 4.18 25.78
C GLU I 147 24.40 4.00 24.36
N VAL I 148 24.00 5.11 23.74
CA VAL I 148 23.53 5.11 22.35
C VAL I 148 24.63 4.66 21.40
N ARG I 149 25.84 5.14 21.63
CA ARG I 149 26.96 4.82 20.79
C ARG I 149 27.31 3.34 20.84
N LEU I 150 27.25 2.75 22.04
CA LEU I 150 27.39 1.31 22.20
C LEU I 150 26.34 0.54 21.39
N LEU I 151 25.08 0.97 21.47
CA LEU I 151 24.01 0.25 20.79
C LEU I 151 24.21 0.37 19.27
N LYS I 152 24.52 1.57 18.79
CA LYS I 152 24.80 1.76 17.35
C LYS I 152 25.94 0.86 16.84
N GLY I 153 27.03 0.81 17.60
CA GLY I 153 28.22 0.08 17.21
C GLY I 153 28.01 -1.43 17.24
N PHE I 154 27.27 -1.87 18.26
CA PHE I 154 26.84 -3.27 18.38
C PHE I 154 26.01 -3.69 17.15
N LEU I 155 25.13 -2.82 16.69
CA LEU I 155 24.32 -3.09 15.50
C LEU I 155 25.10 -2.99 14.19
N LYS I 156 25.94 -1.98 14.06
CA LYS I 156 26.77 -1.81 12.88
C LYS I 156 27.72 -3.00 12.68
N ALA I 157 28.39 -3.41 13.76
CA ALA I 157 29.28 -4.57 13.76
C ALA I 157 28.58 -5.82 13.25
N ASN I 158 27.30 -5.94 13.55
CA ASN I 158 26.52 -7.10 13.20
C ASN I 158 25.62 -6.90 11.98
N GLY I 159 25.81 -5.81 11.25
CA GLY I 159 25.22 -5.63 9.92
C GLY I 159 23.74 -5.25 9.92
N ILE I 160 23.25 -4.77 11.06
CA ILE I 160 21.82 -4.41 11.21
C ILE I 160 21.60 -2.98 11.70
N TYR I 161 22.58 -2.11 11.46
CA TYR I 161 22.39 -0.69 11.66
C TYR I 161 21.96 0.03 10.37
N GLY I 162 20.86 0.78 10.45
CA GLY I 162 20.30 1.50 9.31
C GLY I 162 18.97 0.89 8.90
N ALA I 163 17.97 1.74 8.65
CA ALA I 163 16.67 1.27 8.19
C ALA I 163 16.51 1.33 6.67
N GLU I 164 17.58 1.69 5.96
CA GLU I 164 17.54 1.74 4.49
C GLU I 164 17.36 0.34 3.92
N TYR I 165 16.81 0.24 2.71
CA TYR I 165 16.43 -1.07 2.15
C TYR I 165 17.58 -2.04 1.97
N LYS I 166 18.79 -1.53 1.76
CA LYS I 166 19.99 -2.42 1.74
C LYS I 166 20.15 -3.18 3.07
N VAL I 167 19.68 -2.60 4.17
CA VAL I 167 19.87 -3.18 5.48
C VAL I 167 18.60 -3.71 6.13
N ARG I 168 17.52 -2.93 6.10
CA ARG I 168 16.27 -3.27 6.80
C ARG I 168 16.52 -3.57 8.30
N GLY I 169 17.27 -2.66 8.92
CA GLY I 169 17.68 -2.77 10.30
C GLY I 169 17.16 -1.67 11.19
N PHE I 170 17.96 -1.29 12.19
CA PHE I 170 17.58 -0.30 13.20
C PHE I 170 18.07 1.08 12.85
N SER I 171 17.19 2.06 12.85
CA SER I 171 17.60 3.43 12.58
C SER I 171 18.28 4.03 13.81
N GLY I 172 19.02 5.11 13.56
CA GLY I 172 19.59 5.93 14.60
C GLY I 172 18.58 6.42 15.60
N TYR I 173 17.45 6.92 15.10
CA TYR I 173 16.36 7.36 15.97
C TYR I 173 15.87 6.24 16.86
N LEU I 174 15.66 5.06 16.28
CA LEU I 174 15.22 3.91 17.05
C LEU I 174 16.18 3.54 18.18
N CYS I 175 17.49 3.60 17.91
CA CYS I 175 18.51 3.36 18.94
C CYS I 175 18.36 4.29 20.13
N GLU I 176 18.16 5.58 19.85
CA GLU I 176 18.04 6.59 20.90
C GLU I 176 16.76 6.42 21.74
N LEU I 177 15.66 6.08 21.09
CA LEU I 177 14.42 5.74 21.78
C LEU I 177 14.58 4.57 22.73
N LEU I 178 15.28 3.52 22.29
CA LEU I 178 15.48 2.32 23.12
C LEU I 178 16.32 2.63 24.34
N ILE I 179 17.33 3.46 24.17
CA ILE I 179 18.17 3.90 25.31
C ILE I 179 17.39 4.78 26.28
N VAL I 180 16.54 5.67 25.76
CA VAL I 180 15.65 6.44 26.63
C VAL I 180 14.64 5.51 27.30
N PHE I 181 14.11 4.53 26.56
CA PHE I 181 13.14 3.57 27.13
C PHE I 181 13.74 2.71 28.25
N TYR I 182 14.91 2.12 27.97
CA TYR I 182 15.52 1.18 28.91
C TYR I 182 16.60 1.79 29.80
N GLY I 183 17.08 2.98 29.48
CA GLY I 183 18.02 3.70 30.34
C GLY I 183 19.50 3.47 30.01
N SER I 184 19.80 2.39 29.31
CA SER I 184 21.18 2.06 28.98
C SER I 184 21.26 0.93 27.98
N PHE I 185 22.45 0.79 27.38
CA PHE I 185 22.83 -0.43 26.71
C PHE I 185 23.05 -1.36 27.89
N LEU I 186 22.86 -2.65 27.65
CA LEU I 186 22.90 -3.67 28.71
C LEU I 186 21.49 -3.94 29.16
N GLU I 187 20.78 -2.92 29.63
CA GLU I 187 19.36 -3.07 29.93
C GLU I 187 18.53 -3.25 28.66
N THR I 188 18.90 -2.56 27.58
CA THR I 188 18.26 -2.79 26.28
C THR I 188 18.48 -4.24 25.87
N VAL I 189 19.76 -4.63 25.82
CA VAL I 189 20.18 -5.98 25.49
C VAL I 189 19.52 -7.05 26.36
N LYS I 190 19.44 -6.78 27.65
CA LYS I 190 18.83 -7.72 28.60
C LYS I 190 17.37 -7.97 28.31
N ASN I 191 16.63 -6.90 28.05
CA ASN I 191 15.22 -7.00 27.77
C ASN I 191 14.92 -7.49 26.35
N ALA I 192 15.74 -7.07 25.37
CA ALA I 192 15.58 -7.51 24.00
C ALA I 192 15.59 -9.04 23.84
N ARG I 193 16.30 -9.72 24.71
CA ARG I 193 16.26 -11.19 24.77
C ARG I 193 14.85 -11.78 24.81
N ARG I 194 13.92 -11.03 25.39
CA ARG I 194 12.53 -11.51 25.51
C ARG I 194 11.56 -10.82 24.52
N TRP I 195 12.09 -10.09 23.54
CA TRP I 195 11.24 -9.55 22.47
C TRP I 195 10.66 -10.67 21.63
N THR I 196 9.46 -10.42 21.11
CA THR I 196 8.82 -11.32 20.14
C THR I 196 8.46 -10.51 18.89
N ARG I 197 8.07 -11.20 17.84
CA ARG I 197 7.55 -10.55 16.61
C ARG I 197 6.22 -9.82 16.85
N ARG I 198 5.63 -9.96 18.03
CA ARG I 198 4.38 -9.28 18.37
C ARG I 198 4.58 -8.21 19.44
N THR I 199 5.84 -7.88 19.74
CA THR I 199 6.15 -6.95 20.81
C THR I 199 5.90 -5.51 20.40
N VAL I 200 5.13 -4.79 21.20
CA VAL I 200 4.90 -3.34 21.00
C VAL I 200 5.60 -2.56 22.12
N ILE I 201 6.46 -1.61 21.73
CA ILE I 201 7.18 -0.76 22.69
C ILE I 201 6.63 0.65 22.59
N ASP I 202 5.84 1.04 23.58
CA ASP I 202 5.22 2.37 23.63
C ASP I 202 6.11 3.32 24.43
N VAL I 203 6.96 4.04 23.68
CA VAL I 203 8.03 4.82 24.27
C VAL I 203 7.51 5.93 25.19
N ALA I 204 6.49 6.65 24.72
CA ALA I 204 5.92 7.77 25.49
C ALA I 204 5.30 7.35 26.83
N LYS I 205 4.65 6.19 26.87
CA LYS I 205 4.01 5.68 28.07
C LYS I 205 4.93 4.82 28.94
N GLY I 206 6.15 4.54 28.47
CA GLY I 206 7.04 3.66 29.20
C GLY I 206 6.44 2.29 29.41
N GLU I 207 5.90 1.71 28.33
CA GLU I 207 5.12 0.48 28.40
C GLU I 207 5.42 -0.45 27.23
N VAL I 208 5.45 -1.75 27.52
CA VAL I 208 5.60 -2.81 26.52
C VAL I 208 4.32 -3.62 26.53
N ARG I 209 3.76 -3.91 25.36
CA ARG I 209 2.55 -4.71 25.26
C ARG I 209 2.58 -5.65 24.05
N LYS I 210 1.57 -6.49 23.95
CA LYS I 210 1.46 -7.45 22.87
C LYS I 210 0.52 -6.91 21.79
N GLY I 211 0.99 -6.92 20.54
CA GLY I 211 0.23 -6.43 19.40
C GLY I 211 0.27 -7.38 18.22
N GLU I 212 0.00 -6.84 17.04
CA GLU I 212 -0.06 -7.61 15.80
C GLU I 212 1.32 -7.87 15.20
N GLU I 213 2.26 -6.96 15.45
CA GLU I 213 3.57 -6.97 14.81
C GLU I 213 4.52 -6.19 15.69
N PHE I 214 5.82 -6.30 15.42
CA PHE I 214 6.84 -5.54 16.15
C PHE I 214 6.66 -4.03 15.85
N PHE I 215 6.34 -3.27 16.90
CA PHE I 215 5.92 -1.87 16.75
C PHE I 215 6.56 -1.02 17.85
N VAL I 216 7.39 -0.07 17.45
CA VAL I 216 7.98 0.90 18.35
C VAL I 216 7.28 2.24 18.08
N VAL I 217 6.42 2.63 19.00
CA VAL I 217 5.54 3.78 18.81
C VAL I 217 6.35 5.06 18.94
N ASP I 218 6.30 5.88 17.92
CA ASP I 218 7.00 7.15 17.88
C ASP I 218 6.30 8.06 18.89
N PRO I 219 7.04 8.58 19.88
CA PRO I 219 6.41 9.49 20.85
C PRO I 219 5.83 10.77 20.24
N VAL I 220 6.34 11.16 19.08
CA VAL I 220 5.87 12.33 18.35
C VAL I 220 4.61 12.04 17.50
N ASP I 221 4.37 10.78 17.16
CA ASP I 221 3.22 10.37 16.35
C ASP I 221 2.90 8.92 16.61
N GLU I 222 1.80 8.68 17.32
CA GLU I 222 1.43 7.32 17.78
C GLU I 222 1.07 6.31 16.69
N LYS I 223 0.80 6.80 15.46
CA LYS I 223 0.46 5.93 14.32
C LYS I 223 1.68 5.45 13.58
N ARG I 224 2.81 6.05 13.90
CA ARG I 224 4.08 5.79 13.23
C ARG I 224 4.90 4.72 13.98
N ASN I 225 5.27 3.67 13.24
CA ASN I 225 6.15 2.61 13.71
C ASN I 225 7.59 2.93 13.35
N VAL I 226 8.38 3.25 14.36
CA VAL I 226 9.75 3.65 14.15
C VAL I 226 10.56 2.48 13.56
N ALA I 227 10.16 1.25 13.92
CA ALA I 227 10.81 0.03 13.49
C ALA I 227 10.08 -0.55 12.28
N ALA I 228 9.40 0.30 11.48
CA ALA I 228 8.61 -0.17 10.35
C ALA I 228 9.43 -0.99 9.34
N ASN I 229 10.68 -0.56 9.10
CA ASN I 229 11.51 -1.23 8.08
C ASN I 229 12.51 -2.24 8.66
N LEU I 230 12.45 -2.47 9.97
CA LEU I 230 13.19 -3.59 10.56
C LEU I 230 12.56 -4.91 10.09
N SER I 231 13.29 -5.71 9.35
CA SER I 231 12.80 -7.00 8.89
C SER I 231 12.58 -7.95 10.08
N LEU I 232 11.65 -8.87 9.94
CA LEU I 232 11.47 -9.96 10.89
C LEU I 232 12.80 -10.68 11.15
N ASP I 233 13.53 -10.99 10.08
CA ASP I 233 14.79 -11.76 10.22
C ASP I 233 15.87 -10.98 10.96
N ASN I 234 15.96 -9.66 10.78
CA ASN I 234 16.94 -8.85 11.50
C ASN I 234 16.51 -8.59 12.94
N LEU I 235 15.21 -8.60 13.18
CA LEU I 235 14.71 -8.60 14.54
C LEU I 235 15.15 -9.89 15.26
N ALA I 236 14.97 -11.02 14.60
CA ALA I 236 15.35 -12.32 15.12
C ALA I 236 16.87 -12.36 15.39
N ARG I 237 17.68 -11.83 14.47
CA ARG I 237 19.14 -11.80 14.64
C ARG I 237 19.57 -10.96 15.83
N PHE I 238 18.89 -9.84 16.05
CA PHE I 238 19.18 -8.99 17.21
C PHE I 238 18.87 -9.68 18.54
N VAL I 239 17.72 -10.34 18.63
CA VAL I 239 17.31 -11.06 19.85
C VAL I 239 18.29 -12.17 20.17
N HIS I 240 18.66 -12.95 19.16
CA HIS I 240 19.67 -13.99 19.27
C HIS I 240 21.02 -13.44 19.73
N LEU I 241 21.46 -12.33 19.12
CA LEU I 241 22.73 -11.70 19.49
C LEU I 241 22.73 -11.21 20.94
N CYS I 242 21.59 -10.66 21.38
CA CYS I 242 21.44 -10.22 22.78
C CYS I 242 21.53 -11.39 23.75
N ARG I 243 20.89 -12.48 23.39
CA ARG I 243 20.98 -13.72 24.18
C ARG I 243 22.42 -14.21 24.27
N GLU I 244 23.09 -14.33 23.13
CA GLU I 244 24.50 -14.79 23.10
C GLU I 244 25.40 -13.85 23.87
N PHE I 245 25.17 -12.54 23.75
CA PHE I 245 26.04 -11.56 24.37
C PHE I 245 25.95 -11.66 25.88
N MET I 246 24.74 -11.82 26.41
CA MET I 246 24.57 -11.94 27.86
C MET I 246 25.12 -13.25 28.42
N GLU I 247 25.13 -14.31 27.61
CA GLU I 247 25.66 -15.61 28.02
C GLU I 247 27.18 -15.63 28.00
N ALA I 248 27.78 -14.96 27.03
CA ALA I 248 29.23 -14.96 26.86
C ALA I 248 29.66 -13.66 26.21
N PRO I 249 29.64 -12.56 26.99
CA PRO I 249 29.98 -11.22 26.47
C PRO I 249 31.42 -11.13 25.96
N SER I 250 31.62 -10.27 24.97
CA SER I 250 32.90 -10.18 24.29
C SER I 250 32.97 -8.90 23.49
N LEU I 251 34.19 -8.40 23.29
CA LEU I 251 34.43 -7.22 22.48
C LEU I 251 34.20 -7.52 21.00
N GLY I 252 34.30 -8.81 20.64
CA GLY I 252 34.07 -9.27 19.28
C GLY I 252 32.72 -8.87 18.73
N PHE I 253 31.73 -8.71 19.60
CA PHE I 253 30.40 -8.23 19.20
C PHE I 253 30.37 -6.80 18.62
N PHE I 254 31.40 -6.02 18.91
CA PHE I 254 31.48 -4.63 18.47
C PHE I 254 32.45 -4.43 17.30
N LYS I 255 33.08 -5.52 16.88
CA LYS I 255 34.05 -5.48 15.82
C LYS I 255 33.41 -5.98 14.53
N PRO I 256 33.60 -5.25 13.43
CA PRO I 256 33.02 -5.69 12.17
C PRO I 256 33.72 -6.95 11.65
N LYS I 257 32.97 -7.80 10.98
CA LYS I 257 33.49 -9.10 10.53
C LYS I 257 34.04 -8.93 9.12
N HIS I 258 35.28 -9.35 8.90
CA HIS I 258 35.87 -9.33 7.56
C HIS I 258 35.53 -10.65 6.86
N PRO I 259 35.02 -10.59 5.60
CA PRO I 259 34.55 -11.82 4.92
C PRO I 259 35.60 -12.93 4.76
N LEU I 260 35.11 -14.13 4.46
CA LEU I 260 35.96 -15.31 4.27
C LEU I 260 36.98 -15.11 3.13
N GLU I 261 36.47 -14.79 1.94
CA GLU I 261 37.30 -14.72 0.72
C GLU I 261 38.24 -15.93 0.62
N ILE I 262 37.63 -17.06 0.25
CA ILE I 262 38.34 -18.33 0.13
C ILE I 262 38.72 -18.62 -1.32
N GLU I 263 39.58 -19.62 -1.50
CA GLU I 263 40.01 -20.03 -2.83
C GLU I 263 38.78 -20.54 -3.62
N PRO I 264 38.63 -20.09 -4.88
CA PRO I 264 37.63 -20.65 -5.80
C PRO I 264 37.65 -22.17 -5.90
N GLU I 265 38.80 -22.77 -5.68
CA GLU I 265 38.94 -24.21 -5.73
C GLU I 265 38.33 -24.89 -4.49
N ARG I 266 38.51 -24.29 -3.30
CA ARG I 266 37.86 -24.81 -2.08
C ARG I 266 36.35 -24.72 -2.23
N LEU I 267 35.90 -23.59 -2.74
CA LEU I 267 34.49 -23.35 -2.96
C LEU I 267 33.90 -24.38 -3.91
N ARG I 268 34.66 -24.73 -4.95
CA ARG I 268 34.25 -25.74 -5.93
C ARG I 268 34.06 -27.08 -5.26
N LYS I 269 35.01 -27.47 -4.43
CA LYS I 269 34.91 -28.74 -3.69
C LYS I 269 33.72 -28.73 -2.73
N ILE I 270 33.51 -27.63 -2.01
CA ILE I 270 32.39 -27.53 -1.08
C ILE I 270 31.08 -27.79 -1.84
N VAL I 271 30.92 -27.13 -2.96
CA VAL I 271 29.73 -27.33 -3.79
C VAL I 271 29.60 -28.74 -4.32
N GLU I 272 30.72 -29.32 -4.73
CA GLU I 272 30.74 -30.70 -5.18
C GLU I 272 30.27 -31.62 -4.08
N GLU I 273 30.85 -31.48 -2.90
CA GLU I 273 30.42 -32.27 -1.74
C GLU I 273 28.95 -32.11 -1.37
N ARG I 274 28.44 -30.89 -1.41
CA ARG I 274 27.04 -30.66 -1.13
C ARG I 274 26.11 -31.36 -2.14
N GLY I 275 26.55 -31.45 -3.39
CA GLY I 275 25.81 -32.14 -4.44
C GLY I 275 24.70 -31.32 -5.05
N THR I 276 24.77 -30.00 -4.87
CA THR I 276 23.72 -29.10 -5.33
C THR I 276 24.03 -28.50 -6.70
N ALA I 277 23.02 -27.90 -7.30
CA ALA I 277 23.21 -27.05 -8.47
C ALA I 277 23.34 -25.64 -7.93
N VAL I 278 24.49 -25.02 -8.14
CA VAL I 278 24.75 -23.64 -7.74
C VAL I 278 24.99 -22.82 -9.00
N PHE I 279 24.17 -21.78 -9.17
CA PHE I 279 24.30 -20.97 -10.36
C PHE I 279 23.83 -19.55 -10.09
N ALA I 280 24.13 -18.67 -11.05
CA ALA I 280 23.80 -17.24 -10.97
C ALA I 280 23.20 -16.72 -12.27
N VAL I 281 22.26 -15.81 -12.13
CA VAL I 281 21.84 -14.93 -13.21
C VAL I 281 22.67 -13.63 -13.12
N LYS I 282 23.53 -13.43 -14.10
CA LYS I 282 24.35 -12.24 -14.22
C LYS I 282 23.71 -11.26 -15.21
N PHE I 283 23.58 -9.99 -14.81
CA PHE I 283 23.07 -8.92 -15.67
C PHE I 283 23.64 -7.59 -15.27
N ARG I 284 23.50 -6.59 -16.13
CA ARG I 284 24.08 -5.28 -15.86
C ARG I 284 23.30 -4.53 -14.79
N LYS I 285 24.03 -3.87 -13.91
CA LYS I 285 23.42 -3.13 -12.83
C LYS I 285 22.65 -1.92 -13.37
N PRO I 286 21.34 -1.81 -13.08
CA PRO I 286 20.63 -0.60 -13.44
C PRO I 286 21.19 0.62 -12.71
N ASP I 287 21.15 1.76 -13.35
CA ASP I 287 21.67 2.99 -12.78
C ASP I 287 20.62 3.66 -11.89
N ILE I 288 20.43 3.08 -10.71
CA ILE I 288 19.45 3.55 -9.76
C ILE I 288 20.04 3.48 -8.36
N VAL I 289 19.40 4.16 -7.42
CA VAL I 289 19.88 4.14 -6.06
C VAL I 289 19.58 2.80 -5.39
N ASP I 290 20.35 2.48 -4.37
CA ASP I 290 20.19 1.25 -3.59
C ASP I 290 18.78 1.05 -3.07
N ASP I 291 18.12 2.14 -2.68
CA ASP I 291 16.77 2.02 -2.10
C ASP I 291 15.74 1.50 -3.14
N ASN I 292 16.04 1.70 -4.42
CA ASN I 292 15.26 1.12 -5.50
C ASN I 292 15.80 -0.23 -5.92
N LEU I 293 17.12 -0.35 -5.98
CA LEU I 293 17.74 -1.57 -6.49
C LEU I 293 17.53 -2.76 -5.58
N TYR I 294 17.75 -2.57 -4.29
CA TYR I 294 17.76 -3.72 -3.37
C TYR I 294 16.40 -4.41 -3.24
N PRO I 295 15.30 -3.62 -3.10
CA PRO I 295 13.98 -4.24 -3.15
C PRO I 295 13.64 -4.95 -4.45
N GLN I 296 14.14 -4.47 -5.58
CA GLN I 296 13.99 -5.19 -6.87
C GLN I 296 14.78 -6.48 -6.95
N LEU I 297 15.99 -6.51 -6.36
CA LEU I 297 16.77 -7.72 -6.30
C LEU I 297 16.11 -8.79 -5.43
N GLU I 298 15.57 -8.37 -4.28
CA GLU I 298 14.74 -9.24 -3.44
C GLU I 298 13.52 -9.82 -4.20
N ARG I 299 12.78 -8.98 -4.92
CA ARG I 299 11.63 -9.45 -5.70
C ARG I 299 12.08 -10.43 -6.75
N ALA I 300 13.07 -10.04 -7.55
CA ALA I 300 13.58 -10.88 -8.63
C ALA I 300 14.01 -12.27 -8.13
N SER I 301 14.78 -12.31 -7.05
CA SER I 301 15.25 -13.58 -6.51
C SER I 301 14.09 -14.42 -5.95
N ARG I 302 13.12 -13.78 -5.32
CA ARG I 302 11.93 -14.46 -4.84
C ARG I 302 11.09 -15.07 -6.00
N LYS I 303 10.93 -14.33 -7.08
CA LYS I 303 10.14 -14.81 -8.21
C LYS I 303 10.80 -16.03 -8.85
N ILE I 304 12.12 -15.98 -8.98
CA ILE I 304 12.87 -17.07 -9.56
C ILE I 304 12.87 -18.25 -8.61
N PHE I 305 13.03 -18.01 -7.32
CA PHE I 305 12.97 -19.06 -6.32
C PHE I 305 11.65 -19.83 -6.41
N GLU I 306 10.56 -19.09 -6.47
CA GLU I 306 9.23 -19.67 -6.59
C GLU I 306 9.03 -20.46 -7.88
N PHE I 307 9.64 -20.01 -8.96
CA PHE I 307 9.61 -20.74 -10.23
C PHE I 307 10.32 -22.09 -10.04
N LEU I 308 11.44 -22.07 -9.33
CA LEU I 308 12.23 -23.29 -9.11
C LEU I 308 11.49 -24.30 -8.24
N GLU I 309 10.78 -23.81 -7.23
CA GLU I 309 9.85 -24.61 -6.44
C GLU I 309 8.77 -25.27 -7.33
N ARG I 310 8.06 -24.46 -8.10
CA ARG I 310 6.96 -24.95 -8.98
C ARG I 310 7.45 -26.01 -9.95
N GLU I 311 8.68 -25.83 -10.45
CA GLU I 311 9.25 -26.71 -11.46
C GLU I 311 9.99 -27.91 -10.87
N ASN I 312 9.91 -28.07 -9.56
CA ASN I 312 10.44 -29.26 -8.87
C ASN I 312 11.95 -29.39 -8.84
N PHE I 313 12.64 -28.28 -8.77
CA PHE I 313 14.11 -28.28 -8.69
C PHE I 313 14.57 -28.10 -7.26
N MET I 314 13.62 -27.90 -6.36
CA MET I 314 13.89 -27.90 -4.94
C MET I 314 14.99 -26.94 -4.47
N PRO I 315 14.73 -25.63 -4.60
CA PRO I 315 15.71 -24.66 -4.21
C PRO I 315 15.92 -24.66 -2.72
N LEU I 316 17.17 -24.50 -2.29
CA LEU I 316 17.51 -24.38 -0.88
C LEU I 316 17.41 -22.95 -0.39
N ARG I 317 18.19 -22.07 -1.01
CA ARG I 317 18.17 -20.65 -0.68
C ARG I 317 18.50 -19.86 -1.90
N SER I 318 18.27 -18.56 -1.80
CA SER I 318 18.75 -17.62 -2.78
C SER I 318 19.55 -16.52 -2.09
N ALA I 319 20.24 -15.73 -2.90
CA ALA I 319 20.98 -14.58 -2.42
C ALA I 319 21.23 -13.68 -3.63
N PHE I 320 21.78 -12.51 -3.39
CA PHE I 320 22.12 -11.61 -4.48
C PHE I 320 23.30 -10.72 -4.12
N LYS I 321 23.94 -10.22 -5.17
CA LYS I 321 25.11 -9.35 -5.07
C LYS I 321 24.98 -8.28 -6.13
N ALA I 322 25.17 -7.04 -5.73
CA ALA I 322 25.28 -5.91 -6.62
C ALA I 322 26.72 -5.39 -6.63
N SER I 323 27.41 -5.53 -7.76
CA SER I 323 28.74 -4.97 -7.90
C SER I 323 28.59 -3.63 -8.61
N GLU I 324 29.70 -3.02 -9.03
CA GLU I 324 29.64 -1.69 -9.66
C GLU I 324 29.01 -1.76 -11.06
N GLU I 325 29.34 -2.81 -11.81
CA GLU I 325 28.89 -2.99 -13.20
C GLU I 325 27.75 -4.00 -13.33
N PHE I 326 27.78 -5.06 -12.54
CA PHE I 326 26.87 -6.18 -12.66
C PHE I 326 26.15 -6.52 -11.36
N CYS I 327 24.97 -7.09 -11.50
CA CYS I 327 24.25 -7.70 -10.41
C CYS I 327 24.21 -9.21 -10.64
N TYR I 328 24.04 -9.94 -9.55
CA TYR I 328 24.02 -11.41 -9.54
C TYR I 328 22.88 -11.88 -8.66
N LEU I 329 22.02 -12.73 -9.22
CA LEU I 329 21.01 -13.43 -8.46
C LEU I 329 21.50 -14.87 -8.34
N LEU I 330 21.65 -15.33 -7.12
CA LEU I 330 22.31 -16.60 -6.83
C LEU I 330 21.32 -17.61 -6.29
N PHE I 331 21.44 -18.87 -6.75
CA PHE I 331 20.53 -19.94 -6.38
C PHE I 331 21.28 -21.23 -6.14
N GLU I 332 20.85 -21.96 -5.11
CA GLU I 332 21.31 -23.32 -4.88
C GLU I 332 20.06 -24.22 -4.88
N CYS I 333 20.10 -25.29 -5.67
CA CYS I 333 19.02 -26.26 -5.84
C CYS I 333 19.48 -27.68 -5.51
N GLN I 334 18.57 -28.45 -4.90
CA GLN I 334 18.84 -29.85 -4.55
C GLN I 334 18.84 -30.83 -5.74
N ILE I 335 18.22 -30.40 -6.85
CA ILE I 335 18.10 -31.18 -8.06
C ILE I 335 18.94 -30.58 -9.17
N LYS I 336 19.94 -31.32 -9.65
CA LYS I 336 20.72 -30.91 -10.82
C LYS I 336 20.03 -31.26 -12.15
N GLU I 337 19.25 -32.33 -12.14
CA GLU I 337 18.67 -32.90 -13.34
C GLU I 337 17.36 -33.60 -13.00
N ILE I 338 16.29 -33.26 -13.73
CA ILE I 338 15.00 -33.94 -13.62
C ILE I 338 14.74 -34.71 -14.92
N SER I 339 13.95 -35.77 -14.84
CA SER I 339 13.64 -36.61 -16.01
C SER I 339 12.99 -35.79 -17.11
N ARG I 340 13.18 -36.20 -18.35
CA ARG I 340 12.47 -35.55 -19.45
C ARG I 340 10.96 -35.78 -19.35
N VAL I 341 10.56 -37.02 -19.08
CA VAL I 341 9.13 -37.34 -18.92
C VAL I 341 8.54 -36.80 -17.61
N PHE I 342 7.34 -36.23 -17.72
CA PHE I 342 6.51 -35.82 -16.58
C PHE I 342 5.05 -36.25 -16.83
N ARG I 343 4.22 -36.15 -15.80
CA ARG I 343 2.78 -36.46 -15.89
C ARG I 343 1.95 -35.21 -16.14
N ARG I 344 1.12 -35.27 -17.19
CA ARG I 344 0.19 -34.23 -17.53
C ARG I 344 -1.21 -34.67 -17.17
N MET I 345 -1.91 -33.91 -16.33
CA MET I 345 -3.26 -34.26 -15.89
C MET I 345 -4.25 -34.10 -17.04
N GLY I 346 -5.14 -35.07 -17.20
CA GLY I 346 -6.23 -34.98 -18.16
C GLY I 346 -7.58 -34.90 -17.44
N PRO I 347 -8.68 -35.08 -18.18
CA PRO I 347 -10.00 -35.00 -17.60
C PRO I 347 -10.44 -36.25 -16.84
N GLN I 348 -11.52 -36.12 -16.07
CA GLN I 348 -12.14 -37.26 -15.43
C GLN I 348 -12.70 -38.17 -16.51
N PHE I 349 -12.91 -39.43 -16.16
CA PHE I 349 -13.32 -40.42 -17.14
C PHE I 349 -14.72 -40.15 -17.74
N GLU I 350 -15.54 -39.37 -17.04
CA GLU I 350 -16.92 -39.08 -17.48
C GLU I 350 -17.00 -38.07 -18.63
N ASP I 351 -16.05 -37.16 -18.70
CA ASP I 351 -16.08 -36.07 -19.68
C ASP I 351 -15.70 -36.61 -21.08
N GLU I 352 -16.66 -37.20 -21.77
CA GLU I 352 -16.40 -37.90 -23.03
C GLU I 352 -15.70 -37.03 -24.07
N ARG I 353 -16.20 -35.81 -24.24
CA ARG I 353 -15.71 -34.93 -25.30
C ARG I 353 -14.30 -34.41 -25.03
N ASN I 354 -14.00 -34.10 -23.77
CA ASN I 354 -12.65 -33.68 -23.43
C ASN I 354 -11.68 -34.85 -23.32
N VAL I 355 -12.15 -36.02 -22.90
CA VAL I 355 -11.36 -37.24 -22.92
C VAL I 355 -10.97 -37.56 -24.36
N LYS I 356 -11.91 -37.47 -25.29
CA LYS I 356 -11.60 -37.78 -26.70
C LYS I 356 -10.55 -36.82 -27.26
N LYS I 357 -10.63 -35.55 -26.85
CA LYS I 357 -9.70 -34.54 -27.29
C LYS I 357 -8.33 -34.75 -26.63
N PHE I 358 -8.35 -35.17 -25.38
CA PHE I 358 -7.12 -35.47 -24.65
C PHE I 358 -6.39 -36.64 -25.32
N LEU I 359 -7.13 -37.71 -25.59
CA LEU I 359 -6.58 -38.91 -26.21
C LEU I 359 -6.19 -38.77 -27.70
N SER I 360 -6.56 -37.68 -28.36
CA SER I 360 -6.26 -37.50 -29.78
C SER I 360 -4.90 -36.83 -30.03
N ARG I 361 -4.32 -36.18 -29.02
CA ARG I 361 -3.00 -35.58 -29.19
C ARG I 361 -1.97 -36.69 -29.40
N ASN I 362 -1.05 -36.46 -30.33
CA ASN I 362 -0.02 -37.44 -30.63
C ASN I 362 1.05 -37.40 -29.56
N ARG I 363 1.35 -38.56 -28.99
CA ARG I 363 2.32 -38.70 -27.90
C ARG I 363 3.18 -39.93 -28.11
N ALA I 364 4.41 -39.88 -27.59
CA ALA I 364 5.32 -41.02 -27.66
C ALA I 364 4.78 -42.19 -26.85
N PHE I 365 4.09 -41.88 -25.75
CA PHE I 365 3.60 -42.91 -24.84
C PHE I 365 2.09 -42.86 -24.66
N ARG I 366 1.53 -43.98 -24.22
CA ARG I 366 0.09 -44.14 -24.09
C ARG I 366 -0.43 -43.48 -22.80
N PRO I 367 -1.51 -42.69 -22.91
CA PRO I 367 -2.18 -42.19 -21.70
C PRO I 367 -2.75 -43.32 -20.84
N PHE I 368 -2.97 -43.03 -19.55
CA PHE I 368 -3.47 -44.01 -18.60
C PHE I 368 -4.52 -43.40 -17.65
N ILE I 369 -5.31 -44.28 -17.04
CA ILE I 369 -6.26 -43.92 -16.00
C ILE I 369 -5.64 -44.14 -14.62
N GLU I 370 -5.78 -43.16 -13.75
CA GLU I 370 -5.45 -43.30 -12.35
C GLU I 370 -6.40 -42.49 -11.47
N ASN I 371 -6.95 -43.14 -10.45
CA ASN I 371 -7.94 -42.53 -9.55
C ASN I 371 -9.04 -41.79 -10.29
N GLY I 372 -9.61 -42.48 -11.30
CA GLY I 372 -10.76 -41.98 -12.01
C GLY I 372 -10.51 -40.93 -13.07
N ARG I 373 -9.25 -40.55 -13.29
CA ARG I 373 -8.98 -39.57 -14.33
C ARG I 373 -7.85 -39.98 -15.26
N TRP I 374 -7.85 -39.36 -16.43
CA TRP I 374 -6.85 -39.61 -17.44
C TRP I 374 -5.59 -38.80 -17.18
N TRP I 375 -4.46 -39.47 -17.38
CA TRP I 375 -3.14 -38.85 -17.33
C TRP I 375 -2.37 -39.20 -18.59
N ALA I 376 -1.41 -38.36 -18.94
CA ALA I 376 -0.48 -38.67 -20.02
C ALA I 376 0.94 -38.31 -19.65
N PHE I 377 1.87 -39.11 -20.16
CA PHE I 377 3.28 -38.80 -20.09
C PHE I 377 3.61 -37.80 -21.19
N GLU I 378 4.18 -36.66 -20.82
CA GLU I 378 4.68 -35.70 -21.79
C GLU I 378 6.15 -35.39 -21.50
N MET I 379 6.76 -34.53 -22.30
CA MET I 379 8.19 -34.27 -22.25
C MET I 379 8.45 -32.82 -21.86
N ARG I 380 9.32 -32.64 -20.86
CA ARG I 380 9.71 -31.32 -20.39
C ARG I 380 10.50 -30.53 -21.44
N LYS I 381 10.29 -29.23 -21.50
CA LYS I 381 11.11 -28.32 -22.30
C LYS I 381 12.52 -28.23 -21.74
N PHE I 382 12.66 -28.34 -20.43
CA PHE I 382 13.96 -28.21 -19.79
C PHE I 382 14.12 -29.20 -18.65
N THR I 383 15.37 -29.56 -18.41
CA THR I 383 15.70 -30.65 -17.52
C THR I 383 16.68 -30.24 -16.39
N THR I 384 17.19 -29.01 -16.43
CA THR I 384 18.09 -28.51 -15.39
C THR I 384 17.56 -27.17 -14.88
N PRO I 385 17.88 -26.83 -13.61
CA PRO I 385 17.44 -25.53 -13.11
C PRO I 385 18.02 -24.33 -13.89
N GLU I 386 19.25 -24.47 -14.39
CA GLU I 386 19.87 -23.45 -15.23
C GLU I 386 19.06 -23.19 -16.50
N GLU I 387 18.65 -24.26 -17.20
CA GLU I 387 17.81 -24.16 -18.41
C GLU I 387 16.44 -23.59 -18.06
N GLY I 388 15.90 -24.05 -16.94
CA GLY I 388 14.63 -23.56 -16.44
C GLY I 388 14.65 -22.06 -16.21
N VAL I 389 15.62 -21.59 -15.45
CA VAL I 389 15.73 -20.18 -15.15
C VAL I 389 16.05 -19.35 -16.41
N ARG I 390 16.87 -19.90 -17.31
CA ARG I 390 17.14 -19.23 -18.58
C ARG I 390 15.79 -18.93 -19.26
N SER I 391 14.93 -19.94 -19.30
CA SER I 391 13.65 -19.84 -19.95
C SER I 391 12.73 -18.87 -19.22
N TYR I 392 12.66 -18.96 -17.89
CA TYR I 392 11.82 -18.04 -17.09
C TYR I 392 12.27 -16.57 -17.19
N ALA I 393 13.57 -16.33 -17.06
CA ALA I 393 14.09 -14.97 -17.14
C ALA I 393 13.90 -14.37 -18.54
N SER I 394 13.86 -15.22 -19.56
CA SER I 394 13.60 -14.77 -20.92
C SER I 394 12.15 -14.35 -21.16
N THR I 395 11.24 -15.09 -20.57
CA THR I 395 9.82 -14.94 -20.78
C THR I 395 9.14 -14.04 -19.74
N HIS I 396 9.65 -14.03 -18.51
CA HIS I 396 9.00 -13.32 -17.40
C HIS I 396 9.85 -12.20 -16.80
N TRP I 397 10.69 -11.57 -17.63
CA TRP I 397 11.52 -10.44 -17.22
C TRP I 397 10.71 -9.31 -16.55
N HIS I 398 9.49 -9.09 -17.02
CA HIS I 398 8.67 -7.99 -16.53
C HIS I 398 8.29 -8.15 -15.07
N THR I 399 8.26 -9.37 -14.55
CA THR I 399 7.86 -9.57 -13.17
C THR I 399 9.07 -9.56 -12.22
N LEU I 400 10.26 -9.24 -12.73
CA LEU I 400 11.50 -9.30 -11.92
C LEU I 400 12.00 -7.93 -11.42
N GLY I 401 11.07 -7.00 -11.17
CA GLY I 401 11.41 -5.63 -10.80
C GLY I 401 11.39 -4.74 -12.03
N LYS I 402 10.90 -3.50 -11.87
CA LYS I 402 10.82 -2.56 -12.99
C LYS I 402 12.17 -2.40 -13.72
N ASN I 403 13.21 -2.08 -12.96
CA ASN I 403 14.54 -1.81 -13.53
C ASN I 403 15.39 -3.05 -13.69
N VAL I 404 15.42 -3.89 -12.67
CA VAL I 404 16.13 -5.17 -12.73
C VAL I 404 15.61 -6.04 -13.90
N GLY I 405 14.28 -6.12 -14.02
CA GLY I 405 13.63 -6.77 -15.15
C GLY I 405 13.99 -6.24 -16.52
N GLU I 406 14.00 -4.90 -16.70
CA GLU I 406 14.42 -4.28 -17.96
C GLU I 406 15.84 -4.65 -18.31
N SER I 407 16.71 -4.75 -17.31
CA SER I 407 18.12 -5.12 -17.57
C SER I 407 18.24 -6.56 -18.02
N ILE I 408 17.54 -7.45 -17.30
CA ILE I 408 17.51 -8.87 -17.65
C ILE I 408 16.94 -9.10 -19.05
N ARG I 409 15.92 -8.31 -19.40
CA ARG I 409 15.39 -8.32 -20.77
C ARG I 409 16.43 -8.04 -21.84
N GLU I 410 17.34 -7.11 -21.57
CA GLU I 410 18.35 -6.69 -22.53
C GLU I 410 19.49 -7.69 -22.62
N TYR I 411 19.96 -8.15 -21.47
CA TYR I 411 21.06 -9.09 -21.40
C TYR I 411 21.12 -9.77 -20.02
N PHE I 412 21.21 -11.09 -20.06
CA PHE I 412 21.60 -11.87 -18.88
C PHE I 412 22.37 -13.10 -19.32
N GLU I 413 23.11 -13.66 -18.36
CA GLU I 413 23.80 -14.92 -18.55
C GLU I 413 23.56 -15.82 -17.35
N ILE I 414 23.36 -17.10 -17.61
CA ILE I 414 23.32 -18.11 -16.56
C ILE I 414 24.73 -18.60 -16.39
N ILE I 415 25.29 -18.43 -15.20
CA ILE I 415 26.66 -18.86 -14.94
C ILE I 415 26.68 -19.89 -13.84
N SER I 416 27.49 -20.93 -14.03
CA SER I 416 27.69 -21.98 -13.02
C SER I 416 29.11 -22.47 -13.08
N GLY I 417 29.44 -23.44 -12.23
CA GLY I 417 30.77 -24.09 -12.24
C GLY I 417 31.93 -23.16 -11.98
N GLU I 418 33.07 -23.49 -12.57
CA GLU I 418 34.29 -22.72 -12.34
C GLU I 418 34.12 -21.26 -12.70
N LYS I 419 33.39 -21.01 -13.79
CA LYS I 419 33.18 -19.64 -14.26
C LYS I 419 32.47 -18.77 -13.19
N LEU I 420 31.51 -19.36 -12.47
CA LEU I 420 30.79 -18.63 -11.41
C LEU I 420 31.72 -18.26 -10.26
N PHE I 421 32.63 -19.16 -9.90
CA PHE I 421 33.51 -18.95 -8.73
C PHE I 421 34.59 -17.88 -8.96
N LYS I 422 34.73 -17.42 -10.20
CA LYS I 422 35.64 -16.32 -10.49
C LYS I 422 34.93 -14.98 -10.49
N GLU I 423 33.61 -14.97 -10.41
CA GLU I 423 32.88 -13.70 -10.31
C GLU I 423 32.95 -13.25 -8.85
N PRO I 424 32.77 -11.94 -8.59
CA PRO I 424 32.85 -11.42 -7.24
C PRO I 424 31.61 -11.71 -6.39
N VAL I 425 31.37 -12.98 -6.13
CA VAL I 425 30.19 -13.43 -5.36
C VAL I 425 30.52 -14.44 -4.26
N THR I 426 31.80 -14.67 -3.98
CA THR I 426 32.21 -15.77 -3.14
C THR I 426 31.73 -15.58 -1.71
N ALA I 427 31.78 -14.35 -1.21
CA ALA I 427 31.29 -14.06 0.13
C ALA I 427 29.79 -14.35 0.25
N GLU I 428 29.04 -14.00 -0.78
CA GLU I 428 27.61 -14.27 -0.79
C GLU I 428 27.27 -15.76 -0.90
N LEU I 429 28.07 -16.50 -1.68
CA LEU I 429 27.91 -17.94 -1.76
C LEU I 429 28.23 -18.61 -0.43
N CYS I 430 29.30 -18.16 0.22
CA CYS I 430 29.66 -18.72 1.51
C CYS I 430 28.55 -18.51 2.54
N GLU I 431 28.00 -17.28 2.61
CA GLU I 431 26.89 -17.01 3.53
C GLU I 431 25.67 -17.81 3.23
N MET I 432 25.27 -17.83 1.95
CA MET I 432 24.11 -18.61 1.50
C MET I 432 24.23 -20.10 1.93
N MET I 433 25.42 -20.67 1.79
CA MET I 433 25.67 -22.08 2.12
C MET I 433 26.06 -22.35 3.55
N GLY I 434 26.28 -21.30 4.33
CA GLY I 434 26.69 -21.43 5.72
C GLY I 434 28.11 -21.93 5.91
N VAL I 435 29.00 -21.58 4.98
CA VAL I 435 30.36 -22.03 5.05
C VAL I 435 31.01 -21.45 6.32
N LYS I 436 31.74 -22.28 7.06
CA LYS I 436 32.39 -21.87 8.32
C LYS I 436 33.79 -21.34 8.07
N ASP I 437 34.27 -20.50 8.99
CA ASP I 437 35.62 -19.94 8.91
C ASP I 437 36.61 -21.04 9.30
N MET J 1 -18.50 -56.80 -40.05
CA MET J 1 -18.63 -55.60 -39.17
C MET J 1 -20.10 -55.27 -38.94
N LYS J 2 -20.34 -54.39 -37.96
CA LYS J 2 -21.66 -53.89 -37.54
C LYS J 2 -22.18 -54.66 -36.32
N VAL J 3 -22.48 -53.92 -35.25
CA VAL J 3 -22.80 -54.47 -33.92
C VAL J 3 -23.53 -55.83 -33.88
N GLU J 4 -24.52 -56.01 -34.75
CA GLU J 4 -25.31 -57.25 -34.74
C GLU J 4 -24.50 -58.45 -35.23
N GLU J 5 -23.82 -58.30 -36.37
CA GLU J 5 -22.93 -59.35 -36.88
C GLU J 5 -21.76 -59.65 -35.93
N ILE J 6 -21.22 -58.60 -35.32
CA ILE J 6 -20.10 -58.73 -34.38
C ILE J 6 -20.53 -59.54 -33.15
N LEU J 7 -21.69 -59.22 -32.60
CA LEU J 7 -22.20 -59.90 -31.40
C LEU J 7 -22.64 -61.33 -31.68
N GLU J 8 -23.10 -61.58 -32.89
CA GLU J 8 -23.38 -62.95 -33.34
C GLU J 8 -22.12 -63.81 -33.30
N LYS J 9 -21.04 -63.30 -33.90
CA LYS J 9 -19.76 -63.99 -33.91
C LYS J 9 -19.20 -64.16 -32.50
N ALA J 10 -19.47 -63.18 -31.64
CA ALA J 10 -18.97 -63.20 -30.27
C ALA J 10 -19.60 -64.30 -29.42
N LEU J 11 -20.83 -64.72 -29.76
CA LEU J 11 -21.51 -65.80 -29.04
C LEU J 11 -20.82 -67.17 -29.14
N GLU J 12 -20.09 -67.40 -30.22
CA GLU J 12 -19.38 -68.68 -30.39
C GLU J 12 -18.12 -68.72 -29.53
N LEU J 13 -17.52 -67.56 -29.27
CA LEU J 13 -16.42 -67.42 -28.31
C LEU J 13 -16.86 -67.60 -26.86
N VAL J 14 -18.16 -67.56 -26.63
CA VAL J 14 -18.71 -67.32 -25.31
C VAL J 14 -19.67 -68.42 -24.83
N ILE J 15 -20.46 -68.98 -25.75
CA ILE J 15 -21.36 -70.09 -25.44
C ILE J 15 -20.59 -71.42 -25.46
N PRO J 16 -20.62 -72.17 -24.34
CA PRO J 16 -19.95 -73.48 -24.30
C PRO J 16 -20.52 -74.53 -25.25
N ASP J 17 -19.69 -75.52 -25.60
CA ASP J 17 -20.07 -76.60 -26.53
C ASP J 17 -20.86 -77.69 -25.81
N GLU J 18 -21.37 -78.65 -26.58
CA GLU J 18 -22.16 -79.76 -26.04
C GLU J 18 -21.35 -80.60 -25.05
N GLU J 19 -20.11 -80.92 -25.43
CA GLU J 19 -19.23 -81.74 -24.58
C GLU J 19 -18.94 -81.09 -23.23
N GLU J 20 -18.80 -79.76 -23.22
CA GLU J 20 -18.59 -79.00 -21.99
C GLU J 20 -19.82 -79.10 -21.10
N VAL J 21 -21.01 -79.03 -21.70
CA VAL J 21 -22.27 -79.16 -20.97
C VAL J 21 -22.47 -80.61 -20.51
N ARG J 22 -22.09 -81.55 -21.37
CA ARG J 22 -22.20 -82.98 -21.08
C ARG J 22 -21.38 -83.34 -19.83
N LYS J 23 -20.16 -82.83 -19.78
CA LYS J 23 -19.28 -83.03 -18.62
C LYS J 23 -19.96 -82.59 -17.32
N GLY J 24 -20.45 -81.34 -17.33
CA GLY J 24 -21.12 -80.76 -16.17
C GLY J 24 -22.42 -81.46 -15.79
N ARG J 25 -23.19 -81.83 -16.82
CA ARG J 25 -24.41 -82.62 -16.64
C ARG J 25 -24.10 -83.94 -15.95
N GLU J 26 -23.10 -84.66 -16.47
CA GLU J 26 -22.67 -85.95 -15.89
C GLU J 26 -22.16 -85.77 -14.46
N ALA J 27 -21.42 -84.68 -14.22
CA ALA J 27 -20.85 -84.38 -12.91
C ALA J 27 -21.91 -83.94 -11.90
N GLU J 28 -22.86 -83.14 -12.36
CA GLU J 28 -24.00 -82.71 -11.55
C GLU J 28 -24.79 -83.90 -11.02
N GLU J 29 -25.14 -84.81 -11.93
CA GLU J 29 -25.85 -86.04 -11.56
C GLU J 29 -25.03 -86.88 -10.60
N GLU J 30 -23.74 -87.04 -10.89
CA GLU J 30 -22.85 -87.81 -10.02
C GLU J 30 -22.74 -87.21 -8.62
N LEU J 31 -22.74 -85.88 -8.55
CA LEU J 31 -22.67 -85.17 -7.28
C LEU J 31 -23.98 -85.34 -6.49
N ARG J 32 -25.11 -85.25 -7.20
CA ARG J 32 -26.44 -85.45 -6.59
C ARG J 32 -26.57 -86.85 -5.98
N ARG J 33 -26.11 -87.86 -6.71
CA ARG J 33 -26.10 -89.25 -6.22
C ARG J 33 -25.38 -89.37 -4.88
N ARG J 34 -24.24 -88.69 -4.75
CA ARG J 34 -23.46 -88.72 -3.51
C ARG J 34 -24.12 -87.92 -2.40
N LEU J 35 -24.64 -86.74 -2.75
CA LEU J 35 -25.31 -85.85 -1.78
C LEU J 35 -26.60 -86.46 -1.24
N ASP J 36 -27.37 -87.09 -2.12
CA ASP J 36 -28.61 -87.77 -1.73
C ASP J 36 -28.32 -88.96 -0.82
N GLU J 37 -27.28 -89.73 -1.15
CA GLU J 37 -26.92 -90.93 -0.38
C GLU J 37 -26.42 -90.59 1.03
N LEU J 38 -25.82 -89.42 1.20
CA LEU J 38 -25.31 -89.01 2.51
C LEU J 38 -26.44 -88.50 3.40
N GLY J 39 -27.42 -87.84 2.80
CA GLY J 39 -28.62 -87.38 3.50
C GLY J 39 -28.44 -86.03 4.16
N VAL J 40 -27.90 -85.07 3.41
CA VAL J 40 -27.66 -83.73 3.92
C VAL J 40 -28.28 -82.69 2.97
N GLU J 41 -28.72 -81.57 3.53
CA GLU J 41 -29.36 -80.50 2.75
C GLU J 41 -28.36 -79.76 1.86
N TYR J 42 -28.79 -79.45 0.64
CA TYR J 42 -27.95 -78.76 -0.34
C TYR J 42 -28.79 -78.06 -1.43
N VAL J 43 -28.18 -77.08 -2.08
CA VAL J 43 -28.76 -76.45 -3.27
C VAL J 43 -27.64 -76.19 -4.29
N PHE J 44 -27.94 -76.40 -5.56
CA PHE J 44 -27.04 -75.99 -6.64
C PHE J 44 -27.27 -74.51 -6.95
N VAL J 45 -26.24 -73.70 -6.76
CA VAL J 45 -26.35 -72.25 -6.93
C VAL J 45 -25.32 -71.75 -7.94
N GLY J 46 -25.38 -70.45 -8.24
CA GLY J 46 -24.37 -69.81 -9.06
C GLY J 46 -24.50 -70.08 -10.55
N SER J 47 -23.39 -69.88 -11.24
CA SER J 47 -23.36 -69.83 -12.71
C SER J 47 -23.83 -71.10 -13.41
N TYR J 48 -23.46 -72.27 -12.89
CA TYR J 48 -23.87 -73.53 -13.50
C TYR J 48 -25.36 -73.80 -13.29
N ALA J 49 -25.82 -73.61 -12.05
CA ALA J 49 -27.22 -73.77 -11.69
C ALA J 49 -28.17 -72.91 -12.52
N ARG J 50 -27.66 -71.83 -13.14
CA ARG J 50 -28.45 -70.97 -14.00
C ARG J 50 -27.99 -70.90 -15.45
N ASN J 51 -27.07 -71.77 -15.86
CA ASN J 51 -26.66 -71.88 -17.27
C ASN J 51 -26.14 -70.54 -17.80
N THR J 52 -25.29 -69.89 -17.01
CA THR J 52 -24.70 -68.60 -17.38
C THR J 52 -23.17 -68.61 -17.29
N TRP J 53 -22.57 -69.80 -17.27
CA TRP J 53 -21.10 -69.92 -17.18
C TRP J 53 -20.46 -69.69 -18.53
N LEU J 54 -19.22 -69.18 -18.48
CA LEU J 54 -18.51 -68.76 -19.68
C LEU J 54 -17.82 -69.97 -20.32
N LYS J 55 -17.87 -70.05 -21.65
CA LYS J 55 -17.22 -71.13 -22.39
C LYS J 55 -15.78 -71.31 -21.91
N GLY J 56 -15.48 -72.49 -21.38
CA GLY J 56 -14.15 -72.81 -20.88
C GLY J 56 -13.92 -72.45 -19.42
N SER J 57 -15.00 -72.06 -18.72
CA SER J 57 -14.93 -71.75 -17.30
C SER J 57 -15.99 -72.56 -16.54
N LEU J 58 -15.94 -73.87 -16.71
CA LEU J 58 -16.88 -74.77 -16.04
C LEU J 58 -16.56 -74.90 -14.55
N GLU J 59 -17.51 -74.53 -13.70
CA GLU J 59 -17.32 -74.66 -12.25
C GLU J 59 -18.70 -74.72 -11.58
N ILE J 60 -18.91 -75.73 -10.76
CA ILE J 60 -20.21 -75.94 -10.13
C ILE J 60 -20.18 -75.60 -8.64
N ASP J 61 -21.09 -74.72 -8.21
CA ASP J 61 -21.22 -74.35 -6.81
C ASP J 61 -22.36 -75.13 -6.14
N VAL J 62 -22.03 -75.88 -5.10
CA VAL J 62 -23.03 -76.57 -4.28
C VAL J 62 -22.98 -75.98 -2.87
N PHE J 63 -24.14 -75.64 -2.33
CA PHE J 63 -24.22 -75.01 -1.01
C PHE J 63 -24.84 -75.94 0.05
N LEU J 64 -24.01 -76.38 0.98
CA LEU J 64 -24.49 -77.19 2.11
C LEU J 64 -25.29 -76.28 3.06
N LEU J 65 -26.61 -76.49 3.10
CA LEU J 65 -27.48 -75.69 3.97
C LEU J 65 -27.48 -76.24 5.39
N PHE J 66 -26.82 -75.52 6.30
CA PHE J 66 -26.79 -75.91 7.70
C PHE J 66 -27.86 -75.15 8.49
N PRO J 67 -28.25 -75.69 9.67
CA PRO J 67 -29.21 -74.98 10.53
C PRO J 67 -28.66 -73.68 11.13
N GLU J 68 -29.58 -72.84 11.59
CA GLU J 68 -29.24 -71.57 12.26
C GLU J 68 -29.04 -71.83 13.76
N GLU J 69 -28.33 -72.90 14.10
CA GLU J 69 -28.17 -73.36 15.48
C GLU J 69 -26.69 -73.57 15.85
N PHE J 70 -25.91 -74.06 14.90
CA PHE J 70 -24.51 -74.41 15.14
C PHE J 70 -23.60 -73.20 15.40
N SER J 71 -22.46 -73.47 16.01
CA SER J 71 -21.42 -72.47 16.23
C SER J 71 -20.59 -72.31 14.95
N LYS J 72 -19.51 -71.54 15.02
CA LYS J 72 -18.59 -71.36 13.89
C LYS J 72 -17.78 -72.63 13.65
N GLU J 73 -17.30 -73.25 14.73
CA GLU J 73 -16.44 -74.43 14.67
C GLU J 73 -17.15 -75.66 14.07
N GLU J 74 -18.34 -75.96 14.58
CA GLU J 74 -19.10 -77.14 14.15
C GLU J 74 -19.66 -76.96 12.73
N LEU J 75 -19.84 -75.70 12.31
CA LEU J 75 -20.22 -75.36 10.94
C LEU J 75 -19.05 -75.64 9.98
N ARG J 76 -17.85 -75.24 10.39
CA ARG J 76 -16.63 -75.42 9.59
C ARG J 76 -16.30 -76.89 9.36
N GLU J 77 -16.12 -77.63 10.45
CA GLU J 77 -15.60 -78.99 10.37
C GLU J 77 -16.56 -79.96 9.67
N ARG J 78 -17.86 -79.83 9.97
CA ARG J 78 -18.87 -80.67 9.30
C ARG J 78 -19.01 -80.36 7.81
N GLY J 79 -18.80 -79.09 7.46
CA GLY J 79 -18.83 -78.66 6.06
C GLY J 79 -17.70 -79.26 5.25
N LEU J 80 -16.48 -79.17 5.78
CA LEU J 80 -15.30 -79.72 5.12
C LEU J 80 -15.37 -81.24 5.03
N GLU J 81 -15.68 -81.90 6.15
CA GLU J 81 -15.85 -83.36 6.20
C GLU J 81 -16.63 -83.88 4.99
N ILE J 82 -17.76 -83.26 4.71
CA ILE J 82 -18.61 -83.66 3.59
C ILE J 82 -17.94 -83.33 2.26
N GLY J 83 -17.53 -82.07 2.10
CA GLY J 83 -16.99 -81.55 0.84
C GLY J 83 -15.87 -82.35 0.23
N LYS J 84 -14.87 -82.71 1.02
CA LYS J 84 -13.73 -83.49 0.53
C LYS J 84 -14.03 -85.00 0.48
N ALA J 85 -14.96 -85.45 1.32
CA ALA J 85 -15.39 -86.85 1.30
C ALA J 85 -16.46 -87.10 0.24
N VAL J 86 -16.86 -86.05 -0.48
CA VAL J 86 -17.84 -86.18 -1.56
C VAL J 86 -17.24 -85.77 -2.92
N LEU J 87 -15.91 -85.83 -3.02
CA LEU J 87 -15.21 -85.39 -4.25
C LEU J 87 -13.96 -86.24 -4.54
N ASP J 88 -13.61 -86.33 -5.82
CA ASP J 88 -12.40 -87.05 -6.27
C ASP J 88 -11.14 -86.40 -5.71
N SER J 89 -10.93 -85.13 -6.10
CA SER J 89 -9.79 -84.34 -5.66
C SER J 89 -10.28 -83.27 -4.69
N TYR J 90 -9.51 -83.01 -3.65
CA TYR J 90 -9.90 -82.09 -2.58
C TYR J 90 -8.78 -81.11 -2.26
N GLU J 91 -8.98 -79.86 -2.69
CA GLU J 91 -8.10 -78.76 -2.34
C GLU J 91 -8.84 -77.87 -1.35
N ILE J 92 -8.28 -77.72 -0.15
CA ILE J 92 -8.88 -76.87 0.88
C ILE J 92 -7.98 -75.66 1.15
N ARG J 93 -8.38 -74.50 0.65
CA ARG J 93 -7.71 -73.24 1.01
C ARG J 93 -8.64 -72.04 0.82
N TYR J 94 -8.59 -71.15 1.80
CA TYR J 94 -9.48 -70.00 1.84
C TYR J 94 -8.91 -68.90 2.74
N ALA J 95 -9.53 -67.72 2.69
CA ALA J 95 -9.11 -66.58 3.51
C ALA J 95 -9.91 -66.50 4.82
N GLU J 96 -11.23 -66.66 4.72
CA GLU J 96 -12.13 -66.48 5.87
C GLU J 96 -13.21 -67.58 5.91
N HIS J 97 -14.04 -67.62 4.87
CA HIS J 97 -15.12 -68.58 4.85
C HIS J 97 -14.61 -69.94 4.37
N PRO J 98 -14.89 -71.00 5.15
CA PRO J 98 -14.39 -72.34 4.82
C PRO J 98 -15.14 -72.97 3.66
N TYR J 99 -14.41 -73.65 2.78
CA TYR J 99 -15.02 -74.43 1.71
C TYR J 99 -14.01 -75.43 1.16
N VAL J 100 -14.50 -76.35 0.33
CA VAL J 100 -13.68 -77.37 -0.31
C VAL J 100 -13.74 -77.18 -1.83
N HIS J 101 -12.57 -77.06 -2.44
CA HIS J 101 -12.45 -76.96 -3.88
C HIS J 101 -12.00 -78.32 -4.44
N GLY J 102 -12.64 -78.76 -5.51
CA GLY J 102 -12.31 -80.06 -6.10
C GLY J 102 -12.61 -80.17 -7.58
N VAL J 103 -12.33 -81.36 -8.13
CA VAL J 103 -12.58 -81.68 -9.53
C VAL J 103 -13.22 -83.06 -9.65
N VAL J 104 -14.55 -83.09 -9.78
CA VAL J 104 -15.29 -84.35 -9.93
C VAL J 104 -15.54 -84.61 -11.43
N LYS J 105 -15.27 -85.84 -11.88
CA LYS J 105 -15.49 -86.23 -13.29
C LYS J 105 -14.69 -85.37 -14.29
N GLY J 106 -13.59 -84.76 -13.83
CA GLY J 106 -12.83 -83.80 -14.63
C GLY J 106 -13.50 -82.44 -14.76
N VAL J 107 -14.29 -82.06 -13.76
CA VAL J 107 -15.04 -80.80 -13.77
C VAL J 107 -14.89 -80.12 -12.40
N GLU J 108 -14.63 -78.81 -12.42
CA GLU J 108 -14.35 -78.04 -11.21
C GLU J 108 -15.58 -77.87 -10.34
N VAL J 109 -15.41 -77.99 -9.03
CA VAL J 109 -16.52 -77.88 -8.08
C VAL J 109 -16.08 -77.16 -6.80
N ASP J 110 -16.98 -76.34 -6.26
CA ASP J 110 -16.81 -75.77 -4.93
C ASP J 110 -17.98 -76.20 -4.05
N VAL J 111 -17.67 -76.75 -2.87
CA VAL J 111 -18.69 -77.18 -1.92
C VAL J 111 -18.62 -76.29 -0.68
N VAL J 112 -19.65 -75.47 -0.51
CA VAL J 112 -19.64 -74.39 0.46
C VAL J 112 -20.70 -74.57 1.54
N PRO J 113 -20.28 -74.70 2.82
CA PRO J 113 -21.25 -74.69 3.91
C PRO J 113 -21.73 -73.28 4.22
N CYS J 114 -22.96 -73.14 4.72
CA CYS J 114 -23.51 -71.82 5.06
C CYS J 114 -24.56 -71.92 6.17
N TYR J 115 -25.65 -71.16 6.07
CA TYR J 115 -26.71 -71.19 7.07
C TYR J 115 -28.11 -71.14 6.44
N LYS J 116 -29.12 -71.54 7.22
CA LYS J 116 -30.50 -71.63 6.74
C LYS J 116 -31.12 -70.22 6.58
N LEU J 117 -31.47 -69.59 7.70
CA LEU J 117 -32.05 -68.23 7.73
C LEU J 117 -33.38 -68.05 6.99
N LYS J 118 -34.32 -67.38 7.64
CA LYS J 118 -35.61 -67.05 7.04
C LYS J 118 -35.43 -65.90 6.04
N GLU J 119 -35.34 -64.67 6.54
CA GLU J 119 -35.00 -63.51 5.71
C GLU J 119 -33.51 -63.18 5.91
N PRO J 120 -32.81 -62.80 4.83
CA PRO J 120 -31.39 -62.47 4.91
C PRO J 120 -31.10 -61.01 5.31
N LYS J 121 -31.65 -60.58 6.44
CA LYS J 121 -31.45 -59.22 6.93
C LYS J 121 -30.08 -59.11 7.61
N ASN J 122 -29.85 -59.97 8.61
CA ASN J 122 -28.54 -60.09 9.26
C ASN J 122 -28.00 -61.51 9.05
N ILE J 123 -26.76 -61.58 8.57
CA ILE J 123 -26.18 -62.86 8.15
C ILE J 123 -25.27 -63.42 9.24
N LYS J 124 -25.05 -64.73 9.19
CA LYS J 124 -24.24 -65.46 10.18
C LYS J 124 -22.83 -65.65 9.63
N SER J 125 -22.75 -66.05 8.36
CA SER J 125 -21.50 -66.14 7.62
C SER J 125 -21.56 -65.20 6.42
N ALA J 126 -20.41 -65.00 5.78
CA ALA J 126 -20.28 -64.01 4.70
C ALA J 126 -20.87 -64.45 3.37
N VAL J 127 -21.41 -65.67 3.30
CA VAL J 127 -21.94 -66.21 2.04
C VAL J 127 -23.42 -66.57 2.13
N ASP J 128 -24.11 -66.14 3.18
CA ASP J 128 -25.52 -66.52 3.39
C ASP J 128 -26.49 -65.89 2.40
N ARG J 129 -26.03 -64.86 1.66
CA ARG J 129 -26.85 -64.22 0.63
C ARG J 129 -27.03 -65.11 -0.60
N THR J 130 -26.04 -65.94 -0.89
CA THR J 130 -25.93 -66.64 -2.17
C THR J 130 -27.15 -67.48 -2.58
N PRO J 131 -27.72 -68.28 -1.64
CA PRO J 131 -28.94 -69.03 -1.96
C PRO J 131 -30.13 -68.13 -2.31
N PHE J 132 -30.22 -66.98 -1.64
CA PHE J 132 -31.25 -66.00 -1.93
C PHE J 132 -30.97 -65.30 -3.27
N HIS J 133 -29.70 -65.06 -3.59
CA HIS J 133 -29.32 -64.53 -4.91
C HIS J 133 -29.83 -65.44 -6.02
N HIS J 134 -29.63 -66.74 -5.85
CA HIS J 134 -30.05 -67.72 -6.84
C HIS J 134 -31.58 -67.76 -6.96
N LYS J 135 -32.26 -67.66 -5.82
CA LYS J 135 -33.72 -67.63 -5.78
C LYS J 135 -34.23 -66.42 -6.56
N TRP J 136 -33.52 -65.30 -6.45
CA TRP J 136 -33.91 -64.06 -7.11
C TRP J 136 -33.64 -64.06 -8.63
N LEU J 137 -32.51 -64.65 -9.05
CA LEU J 137 -32.11 -64.63 -10.47
C LEU J 137 -32.77 -65.69 -11.38
N GLU J 138 -32.87 -66.92 -10.90
CA GLU J 138 -33.39 -68.02 -11.73
C GLU J 138 -34.82 -67.70 -12.12
N GLY J 139 -35.07 -67.60 -13.42
CA GLY J 139 -36.40 -67.19 -13.91
C GLY J 139 -36.44 -65.76 -14.43
N ARG J 140 -35.83 -64.85 -13.69
CA ARG J 140 -35.62 -63.49 -14.17
C ARG J 140 -34.58 -63.47 -15.31
N ILE J 141 -33.61 -64.38 -15.24
CA ILE J 141 -32.50 -64.42 -16.20
C ILE J 141 -32.77 -65.39 -17.35
N LYS J 142 -33.85 -66.16 -17.25
CA LYS J 142 -34.25 -67.06 -18.33
C LYS J 142 -34.64 -66.27 -19.58
N GLY J 143 -34.05 -66.66 -20.71
CA GLY J 143 -34.15 -65.92 -21.95
C GLY J 143 -32.97 -64.98 -22.17
N LYS J 144 -32.20 -64.73 -21.11
CA LYS J 144 -31.13 -63.73 -21.15
C LYS J 144 -29.74 -64.31 -20.82
N GLU J 145 -29.63 -65.63 -20.75
CA GLU J 145 -28.38 -66.26 -20.29
C GLU J 145 -27.19 -66.04 -21.22
N ASN J 146 -27.45 -65.90 -22.52
CA ASN J 146 -26.39 -65.60 -23.48
C ASN J 146 -25.93 -64.16 -23.44
N GLU J 147 -26.83 -63.25 -23.07
CA GLU J 147 -26.47 -61.85 -22.92
C GLU J 147 -25.48 -61.70 -21.76
N VAL J 148 -25.72 -62.48 -20.70
CA VAL J 148 -24.81 -62.54 -19.54
C VAL J 148 -23.44 -63.05 -19.95
N ARG J 149 -23.42 -64.04 -20.82
CA ARG J 149 -22.16 -64.61 -21.26
C ARG J 149 -21.38 -63.63 -22.14
N LEU J 150 -22.08 -62.87 -22.96
CA LEU J 150 -21.43 -61.82 -23.75
C LEU J 150 -20.74 -60.81 -22.86
N LEU J 151 -21.43 -60.40 -21.79
CA LEU J 151 -20.90 -59.43 -20.83
C LEU J 151 -19.70 -59.97 -20.09
N LYS J 152 -19.79 -61.22 -19.64
CA LYS J 152 -18.70 -61.88 -18.92
C LYS J 152 -17.46 -62.04 -19.80
N GLY J 153 -17.65 -62.44 -21.05
CA GLY J 153 -16.54 -62.53 -22.01
C GLY J 153 -15.93 -61.19 -22.38
N PHE J 154 -16.77 -60.17 -22.48
CA PHE J 154 -16.34 -58.81 -22.76
C PHE J 154 -15.42 -58.35 -21.63
N LEU J 155 -15.85 -58.60 -20.40
CA LEU J 155 -15.10 -58.18 -19.22
C LEU J 155 -13.83 -59.02 -19.03
N LYS J 156 -13.96 -60.33 -19.17
CA LYS J 156 -12.82 -61.23 -18.98
C LYS J 156 -11.71 -61.00 -20.02
N ALA J 157 -12.08 -60.69 -21.26
CA ALA J 157 -11.10 -60.36 -22.30
C ALA J 157 -10.36 -59.05 -22.04
N ASN J 158 -10.95 -58.18 -21.23
CA ASN J 158 -10.35 -56.89 -20.94
C ASN J 158 -9.83 -56.79 -19.50
N GLY J 159 -9.64 -57.95 -18.86
CA GLY J 159 -8.99 -58.03 -17.56
C GLY J 159 -9.78 -57.50 -16.39
N ILE J 160 -11.11 -57.43 -16.52
CA ILE J 160 -11.92 -56.83 -15.45
C ILE J 160 -13.09 -57.70 -14.99
N TYR J 161 -13.03 -58.99 -15.30
CA TYR J 161 -14.00 -59.92 -14.76
C TYR J 161 -13.47 -60.49 -13.45
N GLY J 162 -14.29 -60.43 -12.41
CA GLY J 162 -13.92 -60.92 -11.09
C GLY J 162 -13.85 -59.81 -10.05
N ALA J 163 -14.59 -59.99 -8.96
CA ALA J 163 -14.52 -59.12 -7.78
C ALA J 163 -13.33 -59.41 -6.84
N GLU J 164 -12.58 -60.50 -7.09
CA GLU J 164 -11.45 -60.85 -6.22
C GLU J 164 -10.35 -59.78 -6.26
N TYR J 165 -9.59 -59.67 -5.18
CA TYR J 165 -8.58 -58.61 -5.02
C TYR J 165 -7.52 -58.58 -6.11
N LYS J 166 -7.23 -59.72 -6.72
CA LYS J 166 -6.33 -59.77 -7.87
C LYS J 166 -6.86 -58.94 -9.05
N VAL J 167 -8.17 -58.76 -9.12
CA VAL J 167 -8.80 -58.08 -10.25
C VAL J 167 -9.49 -56.76 -9.85
N ARG J 168 -10.24 -56.79 -8.76
CA ARG J 168 -11.10 -55.66 -8.34
C ARG J 168 -12.01 -55.23 -9.48
N GLY J 169 -12.74 -56.20 -10.04
CA GLY J 169 -13.54 -56.00 -11.24
C GLY J 169 -14.99 -56.32 -10.98
N PHE J 170 -15.66 -56.83 -12.02
CA PHE J 170 -17.09 -57.15 -11.98
C PHE J 170 -17.30 -58.63 -11.65
N SER J 171 -18.07 -58.93 -10.61
CA SER J 171 -18.45 -60.32 -10.31
C SER J 171 -19.46 -60.83 -11.32
N GLY J 172 -19.63 -62.14 -11.36
CA GLY J 172 -20.65 -62.77 -12.17
C GLY J 172 -22.05 -62.34 -11.74
N TYR J 173 -22.29 -62.32 -10.43
CA TYR J 173 -23.57 -61.86 -9.90
C TYR J 173 -23.85 -60.43 -10.34
N LEU J 174 -22.83 -59.57 -10.32
CA LEU J 174 -22.99 -58.21 -10.80
C LEU J 174 -23.39 -58.20 -12.28
N CYS J 175 -22.72 -59.03 -13.07
CA CYS J 175 -23.04 -59.18 -14.49
C CYS J 175 -24.49 -59.58 -14.71
N GLU J 176 -24.97 -60.54 -13.93
CA GLU J 176 -26.34 -61.03 -14.05
C GLU J 176 -27.38 -59.97 -13.67
N LEU J 177 -27.14 -59.23 -12.60
CA LEU J 177 -28.02 -58.11 -12.22
C LEU J 177 -28.09 -57.01 -13.29
N LEU J 178 -26.97 -56.73 -13.94
CA LEU J 178 -26.91 -55.71 -14.99
C LEU J 178 -27.72 -56.13 -16.23
N ILE J 179 -27.70 -57.41 -16.54
CA ILE J 179 -28.49 -57.93 -17.66
C ILE J 179 -29.99 -57.92 -17.35
N VAL J 180 -30.35 -58.24 -16.10
CA VAL J 180 -31.74 -58.15 -15.66
C VAL J 180 -32.20 -56.70 -15.73
N PHE J 181 -31.31 -55.78 -15.36
CA PHE J 181 -31.66 -54.37 -15.32
C PHE J 181 -31.84 -53.76 -16.71
N TYR J 182 -30.81 -53.90 -17.55
CA TYR J 182 -30.83 -53.28 -18.87
C TYR J 182 -31.43 -54.17 -19.95
N GLY J 183 -31.55 -55.47 -19.65
CA GLY J 183 -32.24 -56.40 -20.54
C GLY J 183 -31.33 -57.17 -21.47
N SER J 184 -30.15 -56.63 -21.75
CA SER J 184 -29.23 -57.27 -22.70
C SER J 184 -27.84 -56.69 -22.61
N PHE J 185 -26.86 -57.42 -23.14
CA PHE J 185 -25.61 -56.82 -23.59
C PHE J 185 -26.04 -55.94 -24.77
N LEU J 186 -25.29 -54.89 -25.02
CA LEU J 186 -25.65 -53.84 -25.99
C LEU J 186 -26.37 -52.71 -25.27
N GLU J 187 -27.49 -53.02 -24.62
CA GLU J 187 -28.19 -52.01 -23.80
C GLU J 187 -27.40 -51.69 -22.54
N THR J 188 -26.77 -52.69 -21.94
CA THR J 188 -25.87 -52.46 -20.80
C THR J 188 -24.73 -51.53 -21.21
N VAL J 189 -24.06 -51.92 -22.27
CA VAL J 189 -22.95 -51.18 -22.89
C VAL J 189 -23.38 -49.77 -23.29
N LYS J 190 -24.48 -49.66 -24.04
CA LYS J 190 -25.03 -48.35 -24.41
C LYS J 190 -25.22 -47.43 -23.19
N ASN J 191 -25.78 -47.97 -22.13
CA ASN J 191 -26.07 -47.21 -20.91
C ASN J 191 -24.86 -47.00 -20.01
N ALA J 192 -23.91 -47.92 -20.05
CA ALA J 192 -22.67 -47.80 -19.26
C ALA J 192 -21.80 -46.63 -19.70
N ARG J 193 -21.95 -46.19 -20.94
CA ARG J 193 -21.26 -45.02 -21.44
C ARG J 193 -21.62 -43.74 -20.65
N ARG J 194 -22.75 -43.75 -19.94
CA ARG J 194 -23.18 -42.62 -19.12
C ARG J 194 -23.10 -42.86 -17.60
N TRP J 195 -22.51 -43.97 -17.17
CA TRP J 195 -22.24 -44.18 -15.76
C TRP J 195 -21.24 -43.13 -15.25
N THR J 196 -21.40 -42.74 -13.99
CA THR J 196 -20.46 -41.83 -13.31
C THR J 196 -20.04 -42.47 -11.99
N ARG J 197 -19.09 -41.82 -11.32
CA ARG J 197 -18.65 -42.28 -9.99
C ARG J 197 -19.70 -42.17 -8.87
N ARG J 198 -20.89 -41.63 -9.18
CA ARG J 198 -21.97 -41.50 -8.19
C ARG J 198 -23.27 -42.15 -8.68
N THR J 199 -23.17 -43.00 -9.69
CA THR J 199 -24.32 -43.71 -10.25
C THR J 199 -24.75 -44.82 -9.30
N VAL J 200 -26.04 -44.84 -8.98
CA VAL J 200 -26.64 -45.86 -8.12
C VAL J 200 -27.67 -46.64 -8.96
N ILE J 201 -27.41 -47.93 -9.17
CA ILE J 201 -28.33 -48.79 -9.89
C ILE J 201 -29.06 -49.65 -8.87
N ASP J 202 -30.36 -49.40 -8.70
CA ASP J 202 -31.20 -50.17 -7.78
C ASP J 202 -32.17 -51.03 -8.59
N VAL J 203 -31.79 -52.28 -8.80
CA VAL J 203 -32.58 -53.22 -9.60
C VAL J 203 -33.94 -53.48 -9.00
N ALA J 204 -33.99 -53.69 -7.68
CA ALA J 204 -35.25 -53.99 -6.98
C ALA J 204 -36.25 -52.85 -7.15
N LYS J 205 -35.79 -51.61 -7.06
CA LYS J 205 -36.64 -50.44 -7.32
C LYS J 205 -36.75 -50.10 -8.81
N GLY J 206 -35.94 -50.75 -9.63
CA GLY J 206 -35.97 -50.56 -11.08
C GLY J 206 -35.64 -49.14 -11.47
N GLU J 207 -34.60 -48.58 -10.87
CA GLU J 207 -34.25 -47.18 -11.12
C GLU J 207 -32.77 -46.90 -11.00
N VAL J 208 -32.39 -45.76 -11.56
CA VAL J 208 -31.03 -45.26 -11.52
C VAL J 208 -31.07 -43.89 -10.88
N ARG J 209 -30.28 -43.69 -9.84
CA ARG J 209 -30.19 -42.40 -9.15
C ARG J 209 -28.75 -42.01 -8.84
N LYS J 210 -28.58 -40.84 -8.21
CA LYS J 210 -27.27 -40.31 -7.85
C LYS J 210 -27.05 -40.45 -6.35
N GLY J 211 -25.91 -41.00 -5.97
CA GLY J 211 -25.55 -41.21 -4.58
C GLY J 211 -24.16 -40.64 -4.29
N GLU J 212 -23.42 -41.30 -3.42
CA GLU J 212 -22.11 -40.81 -2.97
C GLU J 212 -20.96 -41.60 -3.61
N GLU J 213 -21.26 -42.79 -4.09
CA GLU J 213 -20.31 -43.65 -4.76
C GLU J 213 -21.06 -44.48 -5.82
N PHE J 214 -20.30 -45.25 -6.58
CA PHE J 214 -20.88 -46.20 -7.52
C PHE J 214 -21.44 -47.37 -6.71
N PHE J 215 -22.75 -47.59 -6.83
CA PHE J 215 -23.45 -48.48 -5.93
C PHE J 215 -24.46 -49.26 -6.75
N VAL J 216 -24.31 -50.60 -6.74
CA VAL J 216 -25.29 -51.48 -7.36
C VAL J 216 -25.97 -52.18 -6.21
N VAL J 217 -27.21 -51.79 -5.96
CA VAL J 217 -28.00 -52.31 -4.84
C VAL J 217 -28.41 -53.76 -5.08
N ASP J 218 -27.92 -54.63 -4.18
CA ASP J 218 -28.32 -56.04 -4.15
C ASP J 218 -29.82 -56.14 -3.84
N PRO J 219 -30.61 -56.74 -4.75
CA PRO J 219 -32.05 -56.90 -4.52
C PRO J 219 -32.40 -57.65 -3.24
N VAL J 220 -31.55 -58.59 -2.83
CA VAL J 220 -31.79 -59.36 -1.62
C VAL J 220 -31.49 -58.56 -0.35
N ASP J 221 -30.60 -57.58 -0.47
CA ASP J 221 -30.14 -56.80 0.68
C ASP J 221 -29.85 -55.37 0.25
N GLU J 222 -30.77 -54.45 0.56
CA GLU J 222 -30.65 -53.04 0.13
C GLU J 222 -29.38 -52.33 0.66
N LYS J 223 -28.81 -52.81 1.75
CA LYS J 223 -27.56 -52.23 2.29
C LYS J 223 -26.29 -52.68 1.55
N ARG J 224 -26.39 -53.76 0.79
CA ARG J 224 -25.23 -54.37 0.13
C ARG J 224 -24.96 -53.74 -1.24
N ASN J 225 -23.72 -53.28 -1.43
CA ASN J 225 -23.22 -52.85 -2.74
C ASN J 225 -22.53 -54.03 -3.43
N VAL J 226 -23.17 -54.52 -4.49
CA VAL J 226 -22.65 -55.66 -5.24
C VAL J 226 -21.34 -55.29 -5.93
N ALA J 227 -21.22 -54.02 -6.37
CA ALA J 227 -19.97 -53.53 -6.96
C ALA J 227 -19.03 -52.92 -5.91
N ALA J 228 -19.12 -53.39 -4.66
CA ALA J 228 -18.30 -52.87 -3.57
C ALA J 228 -16.81 -52.87 -3.89
N ASN J 229 -16.34 -53.97 -4.47
CA ASN J 229 -14.91 -54.15 -4.72
C ASN J 229 -14.52 -53.87 -6.17
N LEU J 230 -15.46 -53.37 -6.98
CA LEU J 230 -15.12 -52.77 -8.26
C LEU J 230 -14.34 -51.47 -7.99
N SER J 231 -13.12 -51.38 -8.50
CA SER J 231 -12.29 -50.20 -8.27
C SER J 231 -12.78 -49.05 -9.14
N LEU J 232 -12.50 -47.83 -8.72
CA LEU J 232 -12.85 -46.65 -9.50
C LEU J 232 -12.24 -46.70 -10.90
N ASP J 233 -10.98 -47.11 -10.96
CA ASP J 233 -10.25 -47.16 -12.23
C ASP J 233 -10.78 -48.23 -13.18
N ASN J 234 -11.19 -49.38 -12.62
CA ASN J 234 -11.82 -50.42 -13.44
C ASN J 234 -13.25 -50.05 -13.85
N LEU J 235 -13.96 -49.28 -13.03
CA LEU J 235 -15.23 -48.69 -13.47
C LEU J 235 -14.99 -47.77 -14.66
N ALA J 236 -13.95 -46.93 -14.56
CA ALA J 236 -13.60 -45.99 -15.62
C ALA J 236 -13.19 -46.71 -16.90
N ARG J 237 -12.37 -47.74 -16.77
CA ARG J 237 -11.96 -48.56 -17.92
C ARG J 237 -13.17 -49.18 -18.64
N PHE J 238 -14.16 -49.63 -17.87
CA PHE J 238 -15.35 -50.23 -18.47
C PHE J 238 -16.14 -49.20 -19.27
N VAL J 239 -16.39 -48.05 -18.66
CA VAL J 239 -17.10 -46.95 -19.34
C VAL J 239 -16.37 -46.58 -20.63
N HIS J 240 -15.05 -46.43 -20.52
CA HIS J 240 -14.22 -46.09 -21.68
C HIS J 240 -14.38 -47.13 -22.79
N LEU J 241 -14.37 -48.40 -22.40
CA LEU J 241 -14.48 -49.51 -23.35
C LEU J 241 -15.83 -49.57 -24.04
N CYS J 242 -16.89 -49.35 -23.26
CA CYS J 242 -18.24 -49.28 -23.80
C CYS J 242 -18.37 -48.16 -24.81
N ARG J 243 -17.74 -47.02 -24.55
CA ARG J 243 -17.75 -45.92 -25.51
C ARG J 243 -17.01 -46.29 -26.78
N GLU J 244 -15.82 -46.88 -26.64
CA GLU J 244 -15.05 -47.34 -27.80
C GLU J 244 -15.80 -48.37 -28.64
N PHE J 245 -16.45 -49.32 -27.97
CA PHE J 245 -17.17 -50.39 -28.63
C PHE J 245 -18.32 -49.88 -29.51
N MET J 246 -19.10 -48.93 -28.98
CA MET J 246 -20.18 -48.32 -29.74
C MET J 246 -19.64 -47.43 -30.85
N GLU J 247 -18.48 -46.83 -30.64
CA GLU J 247 -17.89 -45.95 -31.66
C GLU J 247 -17.41 -46.74 -32.88
N ALA J 248 -16.81 -47.90 -32.63
CA ALA J 248 -16.18 -48.72 -33.66
C ALA J 248 -16.16 -50.18 -33.19
N PRO J 249 -17.32 -50.85 -33.23
CA PRO J 249 -17.46 -52.20 -32.70
C PRO J 249 -16.59 -53.21 -33.45
N SER J 250 -16.08 -54.19 -32.71
CA SER J 250 -15.10 -55.15 -33.21
C SER J 250 -15.09 -56.42 -32.37
N LEU J 251 -14.75 -57.54 -33.01
CA LEU J 251 -14.69 -58.82 -32.32
C LEU J 251 -13.47 -58.91 -31.38
N GLY J 252 -12.49 -58.02 -31.58
CA GLY J 252 -11.31 -57.95 -30.73
C GLY J 252 -11.59 -57.56 -29.29
N PHE J 253 -12.75 -56.96 -29.03
CA PHE J 253 -13.16 -56.64 -27.65
C PHE J 253 -13.44 -57.90 -26.83
N PHE J 254 -13.77 -58.99 -27.50
CA PHE J 254 -14.06 -60.26 -26.81
C PHE J 254 -12.86 -61.20 -26.80
N LYS J 255 -11.78 -60.79 -27.47
CA LYS J 255 -10.55 -61.60 -27.56
C LYS J 255 -9.45 -61.05 -26.66
N PRO J 256 -8.90 -61.89 -25.78
CA PRO J 256 -7.89 -61.42 -24.83
C PRO J 256 -6.59 -60.99 -25.53
N LYS J 257 -5.92 -60.01 -24.95
CA LYS J 257 -4.72 -59.43 -25.55
C LYS J 257 -3.48 -60.14 -25.02
N HIS J 258 -2.58 -60.51 -25.93
CA HIS J 258 -1.29 -61.03 -25.53
C HIS J 258 -0.35 -59.85 -25.27
N PRO J 259 0.58 -59.98 -24.31
CA PRO J 259 1.44 -58.84 -23.98
C PRO J 259 2.41 -58.45 -25.12
N LEU J 260 3.13 -57.35 -24.90
CA LEU J 260 3.97 -56.73 -25.92
C LEU J 260 5.14 -57.65 -26.27
N GLU J 261 5.95 -57.97 -25.26
CA GLU J 261 7.10 -58.86 -25.42
C GLU J 261 8.13 -58.26 -26.38
N ILE J 262 9.12 -57.56 -25.84
CA ILE J 262 10.07 -56.82 -26.68
C ILE J 262 11.51 -56.89 -26.20
N GLU J 263 12.40 -56.43 -27.09
CA GLU J 263 13.85 -56.52 -26.88
C GLU J 263 14.26 -55.69 -25.68
N PRO J 264 15.09 -56.28 -24.78
CA PRO J 264 15.65 -55.54 -23.65
C PRO J 264 16.36 -54.25 -24.04
N GLU J 265 16.96 -54.24 -25.23
CA GLU J 265 17.67 -53.06 -25.75
C GLU J 265 16.72 -51.91 -26.06
N ARG J 266 15.51 -52.24 -26.52
CA ARG J 266 14.49 -51.22 -26.79
C ARG J 266 14.01 -50.63 -25.46
N LEU J 267 13.72 -51.50 -24.50
CA LEU J 267 13.42 -51.09 -23.13
C LEU J 267 14.47 -50.11 -22.58
N ARG J 268 15.75 -50.43 -22.78
CA ARG J 268 16.86 -49.58 -22.30
C ARG J 268 16.83 -48.20 -22.93
N LYS J 269 16.69 -48.14 -24.26
CA LYS J 269 16.58 -46.85 -24.96
C LYS J 269 15.34 -46.05 -24.53
N ILE J 270 14.26 -46.75 -24.24
CA ILE J 270 13.04 -46.12 -23.77
C ILE J 270 13.27 -45.48 -22.40
N VAL J 271 13.85 -46.23 -21.47
CA VAL J 271 14.18 -45.69 -20.13
C VAL J 271 15.19 -44.54 -20.19
N GLU J 272 16.23 -44.69 -21.01
CA GLU J 272 17.19 -43.60 -21.30
C GLU J 272 16.53 -42.32 -21.83
N GLU J 273 15.58 -42.47 -22.74
CA GLU J 273 14.86 -41.34 -23.34
C GLU J 273 13.98 -40.62 -22.31
N ARG J 274 13.35 -41.40 -21.44
CA ARG J 274 12.47 -40.88 -20.41
C ARG J 274 13.25 -40.18 -19.29
N GLY J 275 14.49 -40.60 -19.05
CA GLY J 275 15.37 -39.97 -18.05
C GLY J 275 15.05 -40.28 -16.61
N THR J 276 14.27 -41.34 -16.41
CA THR J 276 13.76 -41.75 -15.10
C THR J 276 14.62 -42.80 -14.41
N ALA J 277 14.40 -42.94 -13.10
CA ALA J 277 14.95 -44.02 -12.30
C ALA J 277 13.91 -45.13 -12.27
N VAL J 278 14.23 -46.27 -12.88
CA VAL J 278 13.34 -47.40 -12.91
C VAL J 278 14.02 -48.55 -12.19
N PHE J 279 13.34 -49.08 -11.17
CA PHE J 279 13.89 -50.14 -10.35
C PHE J 279 12.77 -50.99 -9.76
N ALA J 280 13.16 -52.14 -9.24
CA ALA J 280 12.28 -53.12 -8.64
C ALA J 280 12.81 -53.59 -7.28
N VAL J 281 11.87 -53.84 -6.37
CA VAL J 281 12.16 -54.50 -5.10
C VAL J 281 11.76 -55.96 -5.26
N LYS J 282 12.76 -56.85 -5.27
CA LYS J 282 12.52 -58.28 -5.49
C LYS J 282 12.64 -59.04 -4.17
N PHE J 283 11.68 -59.93 -3.93
CA PHE J 283 11.67 -60.75 -2.71
C PHE J 283 10.85 -62.00 -2.94
N ARG J 284 10.97 -62.95 -2.02
CA ARG J 284 10.34 -64.26 -2.17
C ARG J 284 8.84 -64.24 -1.86
N LYS J 285 8.05 -64.90 -2.71
CA LYS J 285 6.60 -64.89 -2.59
C LYS J 285 6.10 -65.57 -1.30
N PRO J 286 5.36 -64.84 -0.46
CA PRO J 286 4.74 -65.49 0.69
C PRO J 286 3.76 -66.60 0.28
N ASP J 287 3.85 -67.74 0.98
CA ASP J 287 3.00 -68.88 0.70
C ASP J 287 1.61 -68.65 1.31
N ILE J 288 0.80 -67.85 0.62
CA ILE J 288 -0.56 -67.52 1.02
C ILE J 288 -1.46 -67.38 -0.21
N VAL J 289 -2.77 -67.34 0.01
CA VAL J 289 -3.74 -67.18 -1.08
C VAL J 289 -3.71 -65.77 -1.72
N ASP J 290 -4.09 -65.69 -3.00
CA ASP J 290 -4.12 -64.44 -3.78
C ASP J 290 -4.92 -63.32 -3.10
N ASP J 291 -5.98 -63.67 -2.39
CA ASP J 291 -6.87 -62.71 -1.75
C ASP J 291 -6.26 -62.05 -0.50
N ASN J 292 -5.25 -62.70 0.08
CA ASN J 292 -4.43 -62.08 1.16
C ASN J 292 -3.18 -61.41 0.61
N LEU J 293 -2.60 -62.00 -0.43
CA LEU J 293 -1.35 -61.51 -1.02
C LEU J 293 -1.50 -60.20 -1.77
N TYR J 294 -2.50 -60.11 -2.66
CA TYR J 294 -2.56 -58.96 -3.57
C TYR J 294 -2.80 -57.64 -2.84
N PRO J 295 -3.69 -57.62 -1.84
CA PRO J 295 -3.82 -56.44 -1.00
C PRO J 295 -2.54 -56.07 -0.26
N GLN J 296 -1.73 -57.08 0.08
CA GLN J 296 -0.46 -56.85 0.77
C GLN J 296 0.62 -56.31 -0.18
N LEU J 297 0.63 -56.77 -1.43
CA LEU J 297 1.49 -56.16 -2.45
C LEU J 297 1.10 -54.72 -2.74
N GLU J 298 -0.19 -54.44 -2.65
CA GLU J 298 -0.69 -53.09 -2.86
C GLU J 298 -0.27 -52.14 -1.74
N ARG J 299 -0.34 -52.61 -0.50
CA ARG J 299 0.07 -51.81 0.65
C ARG J 299 1.58 -51.51 0.58
N ALA J 300 2.36 -52.53 0.27
CA ALA J 300 3.81 -52.40 0.21
C ALA J 300 4.23 -51.35 -0.83
N SER J 301 3.66 -51.45 -2.03
CA SER J 301 3.84 -50.47 -3.11
C SER J 301 3.43 -49.06 -2.68
N ARG J 302 2.26 -48.95 -2.05
CA ARG J 302 1.75 -47.67 -1.59
C ARG J 302 2.70 -47.07 -0.56
N LYS J 303 3.17 -47.90 0.38
CA LYS J 303 4.03 -47.43 1.45
C LYS J 303 5.36 -46.92 0.91
N ILE J 304 5.93 -47.65 -0.03
CA ILE J 304 7.20 -47.30 -0.68
C ILE J 304 7.02 -46.09 -1.61
N PHE J 305 5.91 -46.04 -2.34
CA PHE J 305 5.57 -44.90 -3.19
C PHE J 305 5.49 -43.61 -2.37
N GLU J 306 4.84 -43.69 -1.23
CA GLU J 306 4.67 -42.56 -0.33
C GLU J 306 5.99 -42.09 0.29
N PHE J 307 6.83 -43.05 0.67
CA PHE J 307 8.20 -42.77 1.11
C PHE J 307 8.95 -41.99 0.03
N LEU J 308 8.89 -42.50 -1.20
CA LEU J 308 9.49 -41.83 -2.33
C LEU J 308 8.94 -40.40 -2.52
N GLU J 309 7.65 -40.20 -2.28
CA GLU J 309 7.06 -38.85 -2.34
C GLU J 309 7.65 -37.95 -1.26
N ARG J 310 7.61 -38.43 -0.01
CA ARG J 310 8.13 -37.72 1.16
C ARG J 310 9.57 -37.34 0.97
N GLU J 311 10.35 -38.25 0.40
CA GLU J 311 11.80 -38.05 0.26
C GLU J 311 12.16 -37.34 -1.05
N ASN J 312 11.15 -36.76 -1.68
CA ASN J 312 11.32 -35.90 -2.86
C ASN J 312 11.94 -36.54 -4.09
N PHE J 313 11.68 -37.84 -4.27
CA PHE J 313 12.13 -38.53 -5.49
C PHE J 313 11.09 -38.46 -6.63
N MET J 314 9.93 -37.90 -6.33
CA MET J 314 8.90 -37.64 -7.33
C MET J 314 8.56 -38.88 -8.13
N PRO J 315 7.97 -39.87 -7.45
CA PRO J 315 7.53 -41.08 -8.13
C PRO J 315 6.43 -40.80 -9.14
N LEU J 316 6.48 -41.51 -10.26
CA LEU J 316 5.48 -41.39 -11.31
C LEU J 316 4.35 -42.39 -11.15
N ARG J 317 4.69 -43.65 -11.30
CA ARG J 317 3.75 -44.75 -11.10
C ARG J 317 4.44 -45.93 -10.44
N SER J 318 3.63 -46.85 -9.93
CA SER J 318 4.13 -48.09 -9.38
C SER J 318 3.33 -49.24 -10.00
N ALA J 319 3.91 -50.43 -9.94
CA ALA J 319 3.29 -51.65 -10.39
C ALA J 319 3.88 -52.78 -9.58
N PHE J 320 3.19 -53.92 -9.59
CA PHE J 320 3.75 -55.14 -9.02
C PHE J 320 3.42 -56.35 -9.88
N LYS J 321 4.16 -57.43 -9.61
CA LYS J 321 4.05 -58.68 -10.34
C LYS J 321 4.32 -59.79 -9.34
N ALA J 322 3.43 -60.78 -9.30
CA ALA J 322 3.64 -61.99 -8.49
C ALA J 322 3.84 -63.21 -9.38
N SER J 323 5.05 -63.74 -9.39
CA SER J 323 5.33 -65.04 -10.03
C SER J 323 5.12 -66.16 -9.01
N GLU J 324 5.57 -67.36 -9.34
CA GLU J 324 5.45 -68.52 -8.45
C GLU J 324 6.48 -68.50 -7.31
N GLU J 325 7.68 -68.00 -7.58
CA GLU J 325 8.73 -67.90 -6.57
C GLU J 325 8.86 -66.47 -6.00
N PHE J 326 8.89 -65.48 -6.89
CA PHE J 326 9.23 -64.12 -6.49
C PHE J 326 8.10 -63.13 -6.71
N CYS J 327 8.09 -62.08 -5.88
CA CYS J 327 7.23 -60.92 -6.08
C CYS J 327 8.09 -59.70 -6.38
N TYR J 328 7.58 -58.81 -7.23
CA TYR J 328 8.30 -57.61 -7.63
C TYR J 328 7.44 -56.37 -7.41
N LEU J 329 8.03 -55.34 -6.81
CA LEU J 329 7.39 -54.04 -6.68
C LEU J 329 8.18 -53.10 -7.57
N LEU J 330 7.54 -52.57 -8.60
CA LEU J 330 8.22 -51.75 -9.60
C LEU J 330 7.91 -50.28 -9.36
N PHE J 331 8.91 -49.43 -9.53
CA PHE J 331 8.80 -47.99 -9.36
C PHE J 331 9.51 -47.26 -10.48
N GLU J 332 8.94 -46.15 -10.89
CA GLU J 332 9.58 -45.18 -11.80
C GLU J 332 9.50 -43.80 -11.14
N CYS J 333 10.65 -43.13 -11.10
CA CYS J 333 10.84 -41.83 -10.43
C CYS J 333 11.50 -40.83 -11.35
N GLN J 334 11.11 -39.57 -11.16
CA GLN J 334 11.60 -38.48 -11.97
C GLN J 334 12.97 -38.00 -11.53
N ILE J 335 13.35 -38.29 -10.28
CA ILE J 335 14.67 -37.92 -9.71
C ILE J 335 15.56 -39.14 -9.54
N LYS J 336 16.66 -39.18 -10.30
CA LYS J 336 17.68 -40.23 -10.20
C LYS J 336 18.68 -39.98 -9.08
N GLU J 337 18.89 -38.70 -8.76
CA GLU J 337 19.87 -38.30 -7.79
C GLU J 337 19.46 -36.97 -7.16
N ILE J 338 19.58 -36.91 -5.84
CA ILE J 338 19.32 -35.70 -5.08
C ILE J 338 20.57 -35.29 -4.32
N SER J 339 20.68 -34.00 -4.01
CA SER J 339 21.84 -33.48 -3.32
C SER J 339 21.98 -34.12 -1.93
N ARG J 340 23.22 -34.25 -1.50
CA ARG J 340 23.50 -34.72 -0.15
C ARG J 340 22.89 -33.77 0.87
N VAL J 341 23.07 -32.48 0.63
CA VAL J 341 22.56 -31.48 1.56
C VAL J 341 21.06 -31.26 1.49
N PHE J 342 20.45 -31.08 2.66
CA PHE J 342 19.05 -30.72 2.75
C PHE J 342 18.86 -29.73 3.89
N ARG J 343 17.65 -29.17 3.94
CA ARG J 343 17.27 -28.20 4.97
C ARG J 343 16.48 -28.86 6.06
N ARG J 344 16.93 -28.72 7.29
CA ARG J 344 16.24 -29.25 8.47
C ARG J 344 15.57 -28.07 9.18
N MET J 345 14.26 -28.15 9.39
CA MET J 345 13.52 -27.08 10.03
C MET J 345 13.81 -27.07 11.52
N GLY J 346 14.08 -25.88 12.08
CA GLY J 346 14.22 -25.70 13.50
C GLY J 346 13.08 -24.82 14.03
N PRO J 347 13.21 -24.33 15.24
CA PRO J 347 12.15 -23.55 15.90
C PRO J 347 12.16 -22.04 15.56
N GLN J 348 11.07 -21.38 15.93
CA GLN J 348 10.93 -19.94 15.85
C GLN J 348 11.95 -19.29 16.74
N PHE J 349 12.44 -18.14 16.32
CA PHE J 349 13.52 -17.46 17.06
C PHE J 349 13.19 -17.16 18.50
N GLU J 350 11.91 -16.97 18.81
CA GLU J 350 11.50 -16.64 20.18
C GLU J 350 11.74 -17.77 21.17
N ASP J 351 11.72 -19.02 20.67
CA ASP J 351 11.66 -20.20 21.53
C ASP J 351 13.04 -20.56 22.10
N GLU J 352 13.50 -19.80 23.08
CA GLU J 352 14.92 -19.80 23.45
C GLU J 352 15.49 -21.19 23.76
N ARG J 353 14.76 -22.00 24.50
CA ARG J 353 15.31 -23.28 24.95
C ARG J 353 15.37 -24.29 23.79
N ASN J 354 14.38 -24.28 22.92
CA ASN J 354 14.44 -25.17 21.77
C ASN J 354 15.48 -24.72 20.73
N VAL J 355 15.69 -23.41 20.64
CA VAL J 355 16.71 -22.83 19.76
C VAL J 355 18.10 -23.26 20.21
N LYS J 356 18.34 -23.20 21.52
CA LYS J 356 19.60 -23.65 22.14
C LYS J 356 19.87 -25.13 21.83
N LYS J 357 18.85 -25.97 21.98
CA LYS J 357 18.90 -27.38 21.59
C LYS J 357 19.29 -27.52 20.12
N PHE J 358 18.58 -26.80 19.26
CA PHE J 358 18.80 -26.87 17.80
C PHE J 358 20.21 -26.45 17.41
N LEU J 359 20.69 -25.37 18.00
CA LEU J 359 22.02 -24.86 17.68
C LEU J 359 23.16 -25.64 18.37
N SER J 360 22.82 -26.43 19.39
CA SER J 360 23.85 -27.21 20.10
C SER J 360 24.47 -28.36 19.27
N ARG J 361 23.74 -28.90 18.30
CA ARG J 361 24.31 -29.93 17.41
C ARG J 361 25.42 -29.38 16.51
N ASN J 362 26.57 -30.06 16.47
CA ASN J 362 27.62 -29.72 15.54
C ASN J 362 27.22 -30.12 14.12
N ARG J 363 27.38 -29.19 13.19
CA ARG J 363 27.07 -29.44 11.78
C ARG J 363 28.19 -28.86 10.96
N ALA J 364 28.30 -29.31 9.71
CA ALA J 364 29.39 -28.87 8.86
C ALA J 364 29.19 -27.42 8.46
N PHE J 365 27.93 -27.03 8.31
CA PHE J 365 27.56 -25.67 7.89
C PHE J 365 26.76 -24.95 8.98
N ARG J 366 26.82 -23.63 8.93
CA ARG J 366 26.16 -22.77 9.91
C ARG J 366 24.66 -22.73 9.68
N PRO J 367 23.85 -22.91 10.74
CA PRO J 367 22.41 -22.69 10.66
C PRO J 367 22.06 -21.25 10.35
N PHE J 368 20.84 -21.02 9.92
CA PHE J 368 20.41 -19.69 9.46
C PHE J 368 18.96 -19.42 9.83
N ILE J 369 18.63 -18.13 9.96
CA ILE J 369 17.27 -17.68 10.19
C ILE J 369 16.64 -17.37 8.84
N GLU J 370 15.42 -17.85 8.67
CA GLU J 370 14.62 -17.51 7.51
C GLU J 370 13.17 -17.34 7.91
N ASN J 371 12.64 -16.15 7.66
CA ASN J 371 11.28 -15.81 8.05
C ASN J 371 10.99 -16.14 9.53
N GLY J 372 11.88 -15.71 10.42
CA GLY J 372 11.65 -15.80 11.85
C GLY J 372 11.90 -17.17 12.45
N ARG J 373 12.33 -18.11 11.63
CA ARG J 373 12.55 -19.49 12.08
C ARG J 373 13.98 -19.92 11.78
N TRP J 374 14.53 -20.74 12.66
CA TRP J 374 15.87 -21.28 12.45
C TRP J 374 15.78 -22.50 11.52
N TRP J 375 16.75 -22.60 10.61
CA TRP J 375 16.95 -23.77 9.79
C TRP J 375 18.42 -24.18 9.84
N ALA J 376 18.69 -25.40 9.39
CA ALA J 376 20.07 -25.90 9.32
C ALA J 376 20.24 -26.76 8.10
N PHE J 377 21.42 -26.71 7.50
CA PHE J 377 21.81 -27.64 6.47
C PHE J 377 22.25 -28.95 7.16
N GLU J 378 21.74 -30.08 6.68
CA GLU J 378 22.15 -31.39 7.18
C GLU J 378 22.36 -32.36 6.00
N MET J 379 22.79 -33.58 6.28
CA MET J 379 23.17 -34.50 5.21
C MET J 379 22.19 -35.66 5.09
N ARG J 380 21.69 -35.89 3.87
CA ARG J 380 20.88 -37.08 3.61
C ARG J 380 21.68 -38.38 3.84
N LYS J 381 20.96 -39.43 4.23
CA LYS J 381 21.52 -40.77 4.40
C LYS J 381 21.56 -41.55 3.10
N PHE J 382 20.98 -40.99 2.05
CA PHE J 382 20.92 -41.59 0.73
C PHE J 382 20.70 -40.52 -0.31
N THR J 383 21.09 -40.82 -1.55
CA THR J 383 21.16 -39.84 -2.63
C THR J 383 20.35 -40.23 -3.88
N THR J 384 19.92 -41.49 -3.95
CA THR J 384 19.16 -42.03 -5.07
C THR J 384 17.94 -42.76 -4.52
N PRO J 385 16.88 -42.92 -5.32
CA PRO J 385 15.70 -43.63 -4.83
C PRO J 385 15.93 -45.12 -4.53
N GLU J 386 16.83 -45.75 -5.28
CA GLU J 386 17.25 -47.13 -5.00
C GLU J 386 17.85 -47.28 -3.60
N GLU J 387 18.73 -46.35 -3.23
CA GLU J 387 19.35 -46.33 -1.90
C GLU J 387 18.29 -46.07 -0.83
N GLY J 388 17.46 -45.05 -1.09
CA GLY J 388 16.34 -44.72 -0.24
C GLY J 388 15.46 -45.91 0.07
N VAL J 389 15.08 -46.64 -0.97
CA VAL J 389 14.16 -47.77 -0.81
C VAL J 389 14.85 -48.93 -0.09
N ARG J 390 16.13 -49.14 -0.39
CA ARG J 390 16.92 -50.19 0.27
C ARG J 390 16.93 -49.98 1.78
N SER J 391 17.12 -48.74 2.18
CA SER J 391 17.01 -48.31 3.57
C SER J 391 15.59 -48.49 4.12
N TYR J 392 14.60 -47.94 3.41
CA TYR J 392 13.22 -47.97 3.87
C TYR J 392 12.70 -49.38 4.05
N ALA J 393 12.98 -50.26 3.08
CA ALA J 393 12.53 -51.64 3.13
C ALA J 393 13.20 -52.38 4.26
N SER J 394 14.48 -52.07 4.50
CA SER J 394 15.25 -52.61 5.62
C SER J 394 14.67 -52.19 6.96
N THR J 395 14.44 -50.91 7.13
CA THR J 395 13.92 -50.39 8.38
C THR J 395 12.42 -50.64 8.59
N HIS J 396 11.60 -50.45 7.55
CA HIS J 396 10.14 -50.43 7.71
C HIS J 396 9.44 -51.65 7.12
N TRP J 397 10.12 -52.79 7.10
CA TRP J 397 9.58 -54.05 6.61
C TRP J 397 8.22 -54.41 7.24
N HIS J 398 8.04 -54.07 8.52
CA HIS J 398 6.86 -54.53 9.29
C HIS J 398 5.57 -53.88 8.82
N THR J 399 5.69 -52.70 8.22
CA THR J 399 4.53 -51.94 7.76
C THR J 399 4.18 -52.24 6.30
N LEU J 400 4.89 -53.17 5.67
CA LEU J 400 4.69 -53.49 4.24
C LEU J 400 3.84 -54.73 4.03
N GLY J 401 2.82 -54.89 4.86
CA GLY J 401 1.97 -56.06 4.78
C GLY J 401 2.47 -57.13 5.73
N LYS J 402 1.54 -57.88 6.28
CA LYS J 402 1.82 -58.91 7.28
C LYS J 402 2.87 -59.92 6.77
N ASN J 403 2.51 -60.66 5.73
CA ASN J 403 3.38 -61.70 5.19
C ASN J 403 4.43 -61.17 4.21
N VAL J 404 4.04 -60.20 3.39
CA VAL J 404 4.96 -59.57 2.43
C VAL J 404 6.12 -58.90 3.17
N GLY J 405 5.81 -58.23 4.27
CA GLY J 405 6.80 -57.53 5.06
C GLY J 405 7.79 -58.49 5.69
N GLU J 406 7.26 -59.56 6.28
CA GLU J 406 8.05 -60.59 6.91
C GLU J 406 8.90 -61.38 5.90
N SER J 407 8.48 -61.39 4.63
CA SER J 407 9.30 -61.98 3.58
C SER J 407 10.43 -61.03 3.19
N ILE J 408 10.09 -59.74 3.07
CA ILE J 408 11.08 -58.69 2.81
C ILE J 408 12.12 -58.57 3.94
N ARG J 409 11.68 -58.82 5.17
CA ARG J 409 12.56 -58.83 6.33
C ARG J 409 13.67 -59.87 6.17
N GLU J 410 13.31 -61.10 5.85
CA GLU J 410 14.30 -62.15 5.69
C GLU J 410 15.16 -62.00 4.41
N TYR J 411 14.58 -61.44 3.36
CA TYR J 411 15.33 -61.22 2.11
C TYR J 411 14.61 -60.27 1.14
N PHE J 412 15.36 -59.29 0.63
CA PHE J 412 14.92 -58.53 -0.54
C PHE J 412 16.14 -57.96 -1.26
N GLU J 413 15.95 -57.56 -2.51
CA GLU J 413 17.00 -56.82 -3.23
C GLU J 413 16.41 -55.79 -4.20
N ILE J 414 17.15 -54.71 -4.40
CA ILE J 414 16.80 -53.69 -5.38
C ILE J 414 17.48 -54.02 -6.70
N ILE J 415 16.72 -54.16 -7.75
CA ILE J 415 17.26 -54.42 -9.07
C ILE J 415 16.96 -53.20 -9.93
N SER J 416 17.98 -52.70 -10.61
CA SER J 416 17.84 -51.61 -11.57
C SER J 416 18.70 -51.87 -12.81
N GLY J 417 18.59 -50.99 -13.80
CA GLY J 417 19.43 -51.08 -15.01
C GLY J 417 19.11 -52.28 -15.89
N GLU J 418 20.09 -52.70 -16.69
CA GLU J 418 19.92 -53.82 -17.62
C GLU J 418 19.59 -55.15 -16.89
N LYS J 419 20.04 -55.25 -15.64
CA LYS J 419 19.69 -56.39 -14.76
C LYS J 419 18.18 -56.53 -14.58
N LEU J 420 17.48 -55.41 -14.45
CA LEU J 420 16.03 -55.42 -14.30
C LEU J 420 15.34 -55.91 -15.57
N PHE J 421 15.87 -55.53 -16.72
CA PHE J 421 15.26 -55.89 -18.02
C PHE J 421 15.34 -57.38 -18.34
N LYS J 422 16.10 -58.13 -17.55
CA LYS J 422 16.17 -59.58 -17.69
C LYS J 422 15.13 -60.29 -16.83
N GLU J 423 14.60 -59.61 -15.82
CA GLU J 423 13.58 -60.20 -14.96
C GLU J 423 12.27 -60.35 -15.73
N PRO J 424 11.34 -61.19 -15.22
CA PRO J 424 10.08 -61.40 -15.96
C PRO J 424 9.03 -60.35 -15.64
N VAL J 425 9.39 -59.08 -15.84
CA VAL J 425 8.52 -57.95 -15.52
C VAL J 425 8.43 -56.94 -16.67
N THR J 426 8.78 -57.37 -17.89
CA THR J 426 8.85 -56.43 -19.00
C THR J 426 7.47 -55.98 -19.40
N ALA J 427 6.49 -56.88 -19.28
CA ALA J 427 5.09 -56.52 -19.55
C ALA J 427 4.62 -55.41 -18.61
N GLU J 428 4.90 -55.59 -17.32
CA GLU J 428 4.46 -54.65 -16.29
C GLU J 428 5.16 -53.31 -16.39
N LEU J 429 6.46 -53.33 -16.70
CA LEU J 429 7.22 -52.11 -17.02
C LEU J 429 6.67 -51.41 -18.26
N CYS J 430 6.25 -52.18 -19.27
CA CYS J 430 5.67 -51.58 -20.49
C CYS J 430 4.35 -50.84 -20.20
N GLU J 431 3.44 -51.48 -19.48
CA GLU J 431 2.18 -50.86 -19.12
C GLU J 431 2.44 -49.58 -18.29
N MET J 432 3.19 -49.71 -17.20
CA MET J 432 3.67 -48.58 -16.40
C MET J 432 4.06 -47.34 -17.19
N MET J 433 4.93 -47.52 -18.18
CA MET J 433 5.52 -46.40 -18.91
C MET J 433 4.66 -46.02 -20.11
N GLY J 434 3.63 -46.82 -20.40
CA GLY J 434 2.77 -46.56 -21.55
C GLY J 434 3.41 -46.86 -22.89
N VAL J 435 4.22 -47.92 -22.93
CA VAL J 435 4.96 -48.28 -24.13
C VAL J 435 3.96 -48.71 -25.20
N LYS J 436 4.06 -48.10 -26.37
CA LYS J 436 3.22 -48.47 -27.51
C LYS J 436 3.73 -49.74 -28.18
N ASP J 437 2.82 -50.51 -28.76
CA ASP J 437 3.17 -51.71 -29.54
C ASP J 437 4.16 -51.35 -30.63
#